data_7FCJ
# 
_entry.id   7FCJ 
# 
_audit_conform.dict_name       mmcif_pdbx.dic 
_audit_conform.dict_version    5.380 
_audit_conform.dict_location   http://mmcif.pdb.org/dictionaries/ascii/mmcif_pdbx.dic 
# 
loop_
_database_2.database_id 
_database_2.database_code 
_database_2.pdbx_database_accession 
_database_2.pdbx_DOI 
PDB   7FCJ         pdb_00007fcj 10.2210/pdb7fcj/pdb 
WWPDB D_1300023297 ?            ?                   
# 
_pdbx_database_status.status_code                     REL 
_pdbx_database_status.status_code_sf                  REL 
_pdbx_database_status.status_code_mr                  ? 
_pdbx_database_status.entry_id                        7FCJ 
_pdbx_database_status.recvd_initial_deposition_date   2021-07-15 
_pdbx_database_status.SG_entry                        N 
_pdbx_database_status.deposit_site                    PDBJ 
_pdbx_database_status.process_site                    PDBJ 
_pdbx_database_status.status_code_cs                  ? 
_pdbx_database_status.status_code_nmr_data            ? 
_pdbx_database_status.methods_development_category    ? 
_pdbx_database_status.pdb_format_compatible           Y 
# 
loop_
_audit_author.name 
_audit_author.pdbx_ordinal 
_audit_author.identifier_ORCID 
'Wang, X.' 1 ? 
'Zhou, J.' 2 ? 
# 
_citation.abstract                  ? 
_citation.abstract_id_CAS           ? 
_citation.book_id_ISBN              ? 
_citation.book_publisher            ? 
_citation.book_publisher_city       ? 
_citation.book_title                ? 
_citation.coordinate_linkage        ? 
_citation.country                   US 
_citation.database_id_Medline       ? 
_citation.details                   ? 
_citation.id                        primary 
_citation.journal_abbrev            Iscience 
_citation.journal_id_ASTM           ? 
_citation.journal_id_CSD            ? 
_citation.journal_id_ISSN           2589-0042 
_citation.journal_full              ? 
_citation.journal_issue             ? 
_citation.journal_volume            25 
_citation.language                  ? 
_citation.page_first                104508 
_citation.page_last                 ? 
_citation.title                     'Structural basis of the IL-1 receptor TIR domain-mediated IL-1 signaling' 
_citation.year                      2022 
_citation.database_id_CSD           ? 
_citation.pdbx_database_id_DOI      10.1016/j.isci.2022.104508 
_citation.pdbx_database_id_PubMed   ? 
_citation.pdbx_database_id_patent   ? 
_citation.unpublished_flag          ? 
# 
loop_
_citation_author.citation_id 
_citation_author.name 
_citation_author.ordinal 
_citation_author.identifier_ORCID 
primary 'Zhou, J.' 1 ? 
primary 'Xiao, Y.' 2 ? 
primary 'Ren, Y.'  3 ? 
primary 'Ge, J.'   4 ? 
primary 'Wang, X.' 5 ? 
# 
_cell.angle_alpha                  90.000 
_cell.angle_alpha_esd              ? 
_cell.angle_beta                   90.000 
_cell.angle_beta_esd               ? 
_cell.angle_gamma                  90.000 
_cell.angle_gamma_esd              ? 
_cell.entry_id                     7FCJ 
_cell.details                      ? 
_cell.formula_units_Z              ? 
_cell.length_a                     31.744 
_cell.length_a_esd                 ? 
_cell.length_b                     61.612 
_cell.length_b_esd                 ? 
_cell.length_c                     69.527 
_cell.length_c_esd                 ? 
_cell.volume                       ? 
_cell.volume_esd                   ? 
_cell.Z_PDB                        4 
_cell.reciprocal_angle_alpha       ? 
_cell.reciprocal_angle_beta        ? 
_cell.reciprocal_angle_gamma       ? 
_cell.reciprocal_angle_alpha_esd   ? 
_cell.reciprocal_angle_beta_esd    ? 
_cell.reciprocal_angle_gamma_esd   ? 
_cell.reciprocal_length_a          ? 
_cell.reciprocal_length_b          ? 
_cell.reciprocal_length_c          ? 
_cell.reciprocal_length_a_esd      ? 
_cell.reciprocal_length_b_esd      ? 
_cell.reciprocal_length_c_esd      ? 
_cell.pdbx_unique_axis             ? 
# 
_symmetry.entry_id                         7FCJ 
_symmetry.cell_setting                     ? 
_symmetry.Int_Tables_number                19 
_symmetry.space_group_name_Hall            ? 
_symmetry.space_group_name_H-M             'P 21 21 21' 
_symmetry.pdbx_full_space_group_name_H-M   ? 
# 
loop_
_entity.id 
_entity.type 
_entity.src_method 
_entity.pdbx_description 
_entity.formula_weight 
_entity.pdbx_number_of_molecules 
_entity.pdbx_ec 
_entity.pdbx_mutation 
_entity.pdbx_fragment 
_entity.details 
1 polymer man 'SIGIRR protein' 18403.182 1   ? C299S ? ? 
2 water   nat water            18.015    105 ? ?     ? ? 
# 
_entity_poly.entity_id                      1 
_entity_poly.type                           'polypeptide(L)' 
_entity_poly.nstd_linkage                   no 
_entity_poly.nstd_monomer                   no 
_entity_poly.pdbx_seq_one_letter_code       
;MKMYDAYISYVNNENDRKFVNFILKPHLENKYSHKLLLNDTNILPGAEPSAELLMNISRCQRLIVVLSQSYLEQEWCTTN
FRQGLWHLIELSRKPIFIIFQSQQKQISQDISQQLRQHQPSITMITWGAHSMTPSSGFWKELALVMPRKHHHHHH
;
_entity_poly.pdbx_seq_one_letter_code_can   
;MKMYDAYISYVNNENDRKFVNFILKPHLENKYSHKLLLNDTNILPGAEPSAELLMNISRCQRLIVVLSQSYLEQEWCTTN
FRQGLWHLIELSRKPIFIIFQSQQKQISQDISQQLRQHQPSITMITWGAHSMTPSSGFWKELALVMPRKHHHHHH
;
_entity_poly.pdbx_strand_id                 A 
_entity_poly.pdbx_target_identifier         ? 
# 
loop_
_entity_poly_seq.entity_id 
_entity_poly_seq.num 
_entity_poly_seq.mon_id 
_entity_poly_seq.hetero 
1 1   MET n 
1 2   LYS n 
1 3   MET n 
1 4   TYR n 
1 5   ASP n 
1 6   ALA n 
1 7   TYR n 
1 8   ILE n 
1 9   SER n 
1 10  TYR n 
1 11  VAL n 
1 12  ASN n 
1 13  ASN n 
1 14  GLU n 
1 15  ASN n 
1 16  ASP n 
1 17  ARG n 
1 18  LYS n 
1 19  PHE n 
1 20  VAL n 
1 21  ASN n 
1 22  PHE n 
1 23  ILE n 
1 24  LEU n 
1 25  LYS n 
1 26  PRO n 
1 27  HIS n 
1 28  LEU n 
1 29  GLU n 
1 30  ASN n 
1 31  LYS n 
1 32  TYR n 
1 33  SER n 
1 34  HIS n 
1 35  LYS n 
1 36  LEU n 
1 37  LEU n 
1 38  LEU n 
1 39  ASN n 
1 40  ASP n 
1 41  THR n 
1 42  ASN n 
1 43  ILE n 
1 44  LEU n 
1 45  PRO n 
1 46  GLY n 
1 47  ALA n 
1 48  GLU n 
1 49  PRO n 
1 50  SER n 
1 51  ALA n 
1 52  GLU n 
1 53  LEU n 
1 54  LEU n 
1 55  MET n 
1 56  ASN n 
1 57  ILE n 
1 58  SER n 
1 59  ARG n 
1 60  CYS n 
1 61  GLN n 
1 62  ARG n 
1 63  LEU n 
1 64  ILE n 
1 65  VAL n 
1 66  VAL n 
1 67  LEU n 
1 68  SER n 
1 69  GLN n 
1 70  SER n 
1 71  TYR n 
1 72  LEU n 
1 73  GLU n 
1 74  GLN n 
1 75  GLU n 
1 76  TRP n 
1 77  CYS n 
1 78  THR n 
1 79  THR n 
1 80  ASN n 
1 81  PHE n 
1 82  ARG n 
1 83  GLN n 
1 84  GLY n 
1 85  LEU n 
1 86  TRP n 
1 87  HIS n 
1 88  LEU n 
1 89  ILE n 
1 90  GLU n 
1 91  LEU n 
1 92  SER n 
1 93  ARG n 
1 94  LYS n 
1 95  PRO n 
1 96  ILE n 
1 97  PHE n 
1 98  ILE n 
1 99  ILE n 
1 100 PHE n 
1 101 GLN n 
1 102 SER n 
1 103 GLN n 
1 104 GLN n 
1 105 LYS n 
1 106 GLN n 
1 107 ILE n 
1 108 SER n 
1 109 GLN n 
1 110 ASP n 
1 111 ILE n 
1 112 SER n 
1 113 GLN n 
1 114 GLN n 
1 115 LEU n 
1 116 ARG n 
1 117 GLN n 
1 118 HIS n 
1 119 GLN n 
1 120 PRO n 
1 121 SER n 
1 122 ILE n 
1 123 THR n 
1 124 MET n 
1 125 ILE n 
1 126 THR n 
1 127 TRP n 
1 128 GLY n 
1 129 ALA n 
1 130 HIS n 
1 131 SER n 
1 132 MET n 
1 133 THR n 
1 134 PRO n 
1 135 SER n 
1 136 SER n 
1 137 GLY n 
1 138 PHE n 
1 139 TRP n 
1 140 LYS n 
1 141 GLU n 
1 142 LEU n 
1 143 ALA n 
1 144 LEU n 
1 145 VAL n 
1 146 MET n 
1 147 PRO n 
1 148 ARG n 
1 149 LYS n 
1 150 HIS n 
1 151 HIS n 
1 152 HIS n 
1 153 HIS n 
1 154 HIS n 
1 155 HIS n 
# 
_entity_src_gen.entity_id                          1 
_entity_src_gen.pdbx_src_id                        1 
_entity_src_gen.pdbx_alt_source_flag               sample 
_entity_src_gen.pdbx_seq_type                      'Biological sequence' 
_entity_src_gen.pdbx_beg_seq_num                   1 
_entity_src_gen.pdbx_end_seq_num                   155 
_entity_src_gen.gene_src_common_name               'Zebrafish, Brachydanio rerio' 
_entity_src_gen.gene_src_genus                     ? 
_entity_src_gen.pdbx_gene_src_gene                 sigirr 
_entity_src_gen.gene_src_species                   ? 
_entity_src_gen.gene_src_strain                    ? 
_entity_src_gen.gene_src_tissue                    ? 
_entity_src_gen.gene_src_tissue_fraction           ? 
_entity_src_gen.gene_src_details                   ? 
_entity_src_gen.pdbx_gene_src_fragment             ? 
_entity_src_gen.pdbx_gene_src_scientific_name      'Danio rerio' 
_entity_src_gen.pdbx_gene_src_ncbi_taxonomy_id     7955 
_entity_src_gen.pdbx_gene_src_variant              ? 
_entity_src_gen.pdbx_gene_src_cell_line            ? 
_entity_src_gen.pdbx_gene_src_atcc                 ? 
_entity_src_gen.pdbx_gene_src_organ                ? 
_entity_src_gen.pdbx_gene_src_organelle            ? 
_entity_src_gen.pdbx_gene_src_cell                 ? 
_entity_src_gen.pdbx_gene_src_cellular_location    ? 
_entity_src_gen.host_org_common_name               ? 
_entity_src_gen.pdbx_host_org_scientific_name      'Escherichia coli BL21(DE3)' 
_entity_src_gen.pdbx_host_org_ncbi_taxonomy_id     469008 
_entity_src_gen.host_org_genus                     ? 
_entity_src_gen.pdbx_host_org_gene                 ? 
_entity_src_gen.pdbx_host_org_organ                ? 
_entity_src_gen.host_org_species                   ? 
_entity_src_gen.pdbx_host_org_tissue               ? 
_entity_src_gen.pdbx_host_org_tissue_fraction      ? 
_entity_src_gen.pdbx_host_org_strain               'BL21(DE3)' 
_entity_src_gen.pdbx_host_org_variant              ? 
_entity_src_gen.pdbx_host_org_cell_line            ? 
_entity_src_gen.pdbx_host_org_atcc                 ? 
_entity_src_gen.pdbx_host_org_culture_collection   ? 
_entity_src_gen.pdbx_host_org_cell                 ? 
_entity_src_gen.pdbx_host_org_organelle            ? 
_entity_src_gen.pdbx_host_org_cellular_location    ? 
_entity_src_gen.pdbx_host_org_vector_type          ? 
_entity_src_gen.pdbx_host_org_vector               ? 
_entity_src_gen.host_org_details                   ? 
_entity_src_gen.expression_system_id               ? 
_entity_src_gen.plasmid_name                       ? 
_entity_src_gen.plasmid_details                    ? 
_entity_src_gen.pdbx_description                   ? 
# 
_struct_ref.id                         1 
_struct_ref.db_name                    UNP 
_struct_ref.db_code                    K9K3G6_DANRE 
_struct_ref.pdbx_db_accession          K9K3G6 
_struct_ref.pdbx_db_isoform            ? 
_struct_ref.entity_id                  1 
_struct_ref.pdbx_seq_one_letter_code   
;KMYDAYISYVNNENDRKFVNFILKPHLENKYSHKLLLNDTNILPGAEPSAELLMNISRCQRLIVVLSQSYLEQEWCTTNF
RQGLWHLIELSRKPIFIIFQSQQKQISQDISQQLRQHQPCITMITWGAHSMTPSSGFWKELALVMPRK
;
_struct_ref.pdbx_align_begin           180 
# 
_struct_ref_seq.align_id                      1 
_struct_ref_seq.ref_id                        1 
_struct_ref_seq.pdbx_PDB_id_code              7FCJ 
_struct_ref_seq.pdbx_strand_id                A 
_struct_ref_seq.seq_align_beg                 2 
_struct_ref_seq.pdbx_seq_align_beg_ins_code   ? 
_struct_ref_seq.seq_align_end                 149 
_struct_ref_seq.pdbx_seq_align_end_ins_code   ? 
_struct_ref_seq.pdbx_db_accession             K9K3G6 
_struct_ref_seq.db_align_beg                  180 
_struct_ref_seq.pdbx_db_align_beg_ins_code    ? 
_struct_ref_seq.db_align_end                  327 
_struct_ref_seq.pdbx_db_align_end_ins_code    ? 
_struct_ref_seq.pdbx_auth_seq_align_beg       180 
_struct_ref_seq.pdbx_auth_seq_align_end       327 
# 
loop_
_struct_ref_seq_dif.align_id 
_struct_ref_seq_dif.pdbx_pdb_id_code 
_struct_ref_seq_dif.mon_id 
_struct_ref_seq_dif.pdbx_pdb_strand_id 
_struct_ref_seq_dif.seq_num 
_struct_ref_seq_dif.pdbx_pdb_ins_code 
_struct_ref_seq_dif.pdbx_seq_db_name 
_struct_ref_seq_dif.pdbx_seq_db_accession_code 
_struct_ref_seq_dif.db_mon_id 
_struct_ref_seq_dif.pdbx_seq_db_seq_num 
_struct_ref_seq_dif.details 
_struct_ref_seq_dif.pdbx_auth_seq_num 
_struct_ref_seq_dif.pdbx_ordinal 
1 7FCJ MET A 1   ? UNP K9K3G6 ?   ?   'initiating methionine' 179 1 
1 7FCJ SER A 121 ? UNP K9K3G6 CYS 299 'engineered mutation'   299 2 
1 7FCJ HIS A 150 ? UNP K9K3G6 ?   ?   'expression tag'        328 3 
1 7FCJ HIS A 151 ? UNP K9K3G6 ?   ?   'expression tag'        329 4 
1 7FCJ HIS A 152 ? UNP K9K3G6 ?   ?   'expression tag'        330 5 
1 7FCJ HIS A 153 ? UNP K9K3G6 ?   ?   'expression tag'        331 6 
1 7FCJ HIS A 154 ? UNP K9K3G6 ?   ?   'expression tag'        332 7 
1 7FCJ HIS A 155 ? UNP K9K3G6 ?   ?   'expression tag'        333 8 
# 
loop_
_chem_comp.id 
_chem_comp.type 
_chem_comp.mon_nstd_flag 
_chem_comp.name 
_chem_comp.pdbx_synonyms 
_chem_comp.formula 
_chem_comp.formula_weight 
ALA 'L-peptide linking' y ALANINE         ? 'C3 H7 N O2'     89.093  
ARG 'L-peptide linking' y ARGININE        ? 'C6 H15 N4 O2 1' 175.209 
ASN 'L-peptide linking' y ASPARAGINE      ? 'C4 H8 N2 O3'    132.118 
ASP 'L-peptide linking' y 'ASPARTIC ACID' ? 'C4 H7 N O4'     133.103 
CYS 'L-peptide linking' y CYSTEINE        ? 'C3 H7 N O2 S'   121.158 
GLN 'L-peptide linking' y GLUTAMINE       ? 'C5 H10 N2 O3'   146.144 
GLU 'L-peptide linking' y 'GLUTAMIC ACID' ? 'C5 H9 N O4'     147.129 
GLY 'peptide linking'   y GLYCINE         ? 'C2 H5 N O2'     75.067  
HIS 'L-peptide linking' y HISTIDINE       ? 'C6 H10 N3 O2 1' 156.162 
HOH non-polymer         . WATER           ? 'H2 O'           18.015  
ILE 'L-peptide linking' y ISOLEUCINE      ? 'C6 H13 N O2'    131.173 
LEU 'L-peptide linking' y LEUCINE         ? 'C6 H13 N O2'    131.173 
LYS 'L-peptide linking' y LYSINE          ? 'C6 H15 N2 O2 1' 147.195 
MET 'L-peptide linking' y METHIONINE      ? 'C5 H11 N O2 S'  149.211 
PHE 'L-peptide linking' y PHENYLALANINE   ? 'C9 H11 N O2'    165.189 
PRO 'L-peptide linking' y PROLINE         ? 'C5 H9 N O2'     115.130 
SER 'L-peptide linking' y SERINE          ? 'C3 H7 N O3'     105.093 
THR 'L-peptide linking' y THREONINE       ? 'C4 H9 N O3'     119.119 
TRP 'L-peptide linking' y TRYPTOPHAN      ? 'C11 H12 N2 O2'  204.225 
TYR 'L-peptide linking' y TYROSINE        ? 'C9 H11 N O3'    181.189 
VAL 'L-peptide linking' y VALINE          ? 'C5 H11 N O2'    117.146 
# 
_exptl.absorpt_coefficient_mu     ? 
_exptl.absorpt_correction_T_max   ? 
_exptl.absorpt_correction_T_min   ? 
_exptl.absorpt_correction_type    ? 
_exptl.absorpt_process_details    ? 
_exptl.entry_id                   7FCJ 
_exptl.crystals_number            1 
_exptl.details                    ? 
_exptl.method                     'X-RAY DIFFRACTION' 
_exptl.method_details             ? 
# 
_exptl_crystal.colour                      ? 
_exptl_crystal.density_diffrn              ? 
_exptl_crystal.density_Matthews            1.85 
_exptl_crystal.density_method              ? 
_exptl_crystal.density_percent_sol         33.41 
_exptl_crystal.description                 'THE ENTRY CONTAINS FRIEDEL PAIRS IN I/F_PLUS/MINUS COLUMNS.' 
_exptl_crystal.F_000                       ? 
_exptl_crystal.id                          1 
_exptl_crystal.preparation                 ? 
_exptl_crystal.size_max                    ? 
_exptl_crystal.size_mid                    ? 
_exptl_crystal.size_min                    ? 
_exptl_crystal.size_rad                    ? 
_exptl_crystal.colour_lustre               ? 
_exptl_crystal.colour_modifier             ? 
_exptl_crystal.colour_primary              ? 
_exptl_crystal.density_meas                ? 
_exptl_crystal.density_meas_esd            ? 
_exptl_crystal.density_meas_gt             ? 
_exptl_crystal.density_meas_lt             ? 
_exptl_crystal.density_meas_temp           ? 
_exptl_crystal.density_meas_temp_esd       ? 
_exptl_crystal.density_meas_temp_gt        ? 
_exptl_crystal.density_meas_temp_lt        ? 
_exptl_crystal.pdbx_crystal_image_url      ? 
_exptl_crystal.pdbx_crystal_image_format   ? 
_exptl_crystal.pdbx_mosaicity              ? 
_exptl_crystal.pdbx_mosaicity_esd          ? 
# 
_exptl_crystal_grow.apparatus       ? 
_exptl_crystal_grow.atmosphere      ? 
_exptl_crystal_grow.crystal_id      1 
_exptl_crystal_grow.details         ? 
_exptl_crystal_grow.method          'VAPOR DIFFUSION, SITTING DROP' 
_exptl_crystal_grow.method_ref      ? 
_exptl_crystal_grow.pH              ? 
_exptl_crystal_grow.pressure        ? 
_exptl_crystal_grow.pressure_esd    ? 
_exptl_crystal_grow.seeding         ? 
_exptl_crystal_grow.seeding_ref     ? 
_exptl_crystal_grow.temp            291 
_exptl_crystal_grow.temp_details    ? 
_exptl_crystal_grow.temp_esd        ? 
_exptl_crystal_grow.time            ? 
_exptl_crystal_grow.pdbx_details    '0.1 M CHES pH 9.5, 20% w/v PEG8000' 
_exptl_crystal_grow.pdbx_pH_range   ? 
# 
_diffrn.ambient_environment              ? 
_diffrn.ambient_temp                     100 
_diffrn.ambient_temp_details             ? 
_diffrn.ambient_temp_esd                 ? 
_diffrn.crystal_id                       1 
_diffrn.crystal_support                  ? 
_diffrn.crystal_treatment                ? 
_diffrn.details                          ? 
_diffrn.id                               1 
_diffrn.ambient_pressure                 ? 
_diffrn.ambient_pressure_esd             ? 
_diffrn.ambient_pressure_gt              ? 
_diffrn.ambient_pressure_lt              ? 
_diffrn.ambient_temp_gt                  ? 
_diffrn.ambient_temp_lt                  ? 
_diffrn.pdbx_serial_crystal_experiment   N 
# 
_diffrn_detector.details                      ? 
_diffrn_detector.detector                     PIXEL 
_diffrn_detector.diffrn_id                    1 
_diffrn_detector.type                         'DECTRIS EIGER2 X 16M' 
_diffrn_detector.area_resol_mean              ? 
_diffrn_detector.dtime                        ? 
_diffrn_detector.pdbx_frames_total            ? 
_diffrn_detector.pdbx_collection_time_total   ? 
_diffrn_detector.pdbx_collection_date         2020-10-30 
_diffrn_detector.pdbx_frequency               ? 
# 
_diffrn_radiation.collimation                      ? 
_diffrn_radiation.diffrn_id                        1 
_diffrn_radiation.filter_edge                      ? 
_diffrn_radiation.inhomogeneity                    ? 
_diffrn_radiation.monochromator                    ? 
_diffrn_radiation.polarisn_norm                    ? 
_diffrn_radiation.polarisn_ratio                   ? 
_diffrn_radiation.probe                            ? 
_diffrn_radiation.type                             ? 
_diffrn_radiation.xray_symbol                      ? 
_diffrn_radiation.wavelength_id                    1 
_diffrn_radiation.pdbx_monochromatic_or_laue_m_l   M 
_diffrn_radiation.pdbx_wavelength_list             ? 
_diffrn_radiation.pdbx_wavelength                  ? 
_diffrn_radiation.pdbx_diffrn_protocol             'SINGLE WAVELENGTH' 
_diffrn_radiation.pdbx_analyzer                    ? 
_diffrn_radiation.pdbx_scattering_type             x-ray 
# 
_diffrn_radiation_wavelength.id           1 
_diffrn_radiation_wavelength.wavelength   0.9796 
_diffrn_radiation_wavelength.wt           1.0 
# 
_diffrn_source.current                     ? 
_diffrn_source.details                     ? 
_diffrn_source.diffrn_id                   1 
_diffrn_source.power                       ? 
_diffrn_source.size                        ? 
_diffrn_source.source                      SYNCHROTRON 
_diffrn_source.target                      ? 
_diffrn_source.type                        'SSRF BEAMLINE BL17U1' 
_diffrn_source.voltage                     ? 
_diffrn_source.take-off_angle              ? 
_diffrn_source.pdbx_wavelength_list        0.9796 
_diffrn_source.pdbx_wavelength             ? 
_diffrn_source.pdbx_synchrotron_beamline   BL17U1 
_diffrn_source.pdbx_synchrotron_site       SSRF 
# 
_reflns.B_iso_Wilson_estimate                          ? 
_reflns.entry_id                                       7FCJ 
_reflns.data_reduction_details                         ? 
_reflns.data_reduction_method                          ? 
_reflns.d_resolution_high                              1.88 
_reflns.d_resolution_low                               50.00 
_reflns.details                                        ? 
_reflns.limit_h_max                                    ? 
_reflns.limit_h_min                                    ? 
_reflns.limit_k_max                                    ? 
_reflns.limit_k_min                                    ? 
_reflns.limit_l_max                                    ? 
_reflns.limit_l_min                                    ? 
_reflns.number_all                                     ? 
_reflns.number_obs                                     10663 
_reflns.observed_criterion                             ? 
_reflns.observed_criterion_F_max                       ? 
_reflns.observed_criterion_F_min                       ? 
_reflns.observed_criterion_I_max                       ? 
_reflns.observed_criterion_I_min                       ? 
_reflns.observed_criterion_sigma_F                     ? 
_reflns.observed_criterion_sigma_I                     ? 
_reflns.percent_possible_obs                           91.83 
_reflns.R_free_details                                 ? 
_reflns.Rmerge_F_all                                   ? 
_reflns.Rmerge_F_obs                                   ? 
_reflns.Friedel_coverage                               ? 
_reflns.number_gt                                      ? 
_reflns.threshold_expression                           ? 
_reflns.pdbx_redundancy                                9.2 
_reflns.pdbx_Rmerge_I_obs                              0.130 
_reflns.pdbx_Rmerge_I_all                              ? 
_reflns.pdbx_Rsym_value                                ? 
_reflns.pdbx_netI_over_av_sigmaI                       ? 
_reflns.pdbx_netI_over_sigmaI                          13.0 
_reflns.pdbx_res_netI_over_av_sigmaI_2                 ? 
_reflns.pdbx_res_netI_over_sigmaI_2                    ? 
_reflns.pdbx_chi_squared                               ? 
_reflns.pdbx_scaling_rejects                           ? 
_reflns.pdbx_d_res_high_opt                            ? 
_reflns.pdbx_d_res_low_opt                             ? 
_reflns.pdbx_d_res_opt_method                          ? 
_reflns.phase_calculation_details                      ? 
_reflns.pdbx_Rrim_I_all                                ? 
_reflns.pdbx_Rpim_I_all                                ? 
_reflns.pdbx_d_opt                                     ? 
_reflns.pdbx_number_measured_all                       ? 
_reflns.pdbx_diffrn_id                                 1 
_reflns.pdbx_ordinal                                   1 
_reflns.pdbx_CC_half                                   ? 
_reflns.pdbx_CC_star                                   ? 
_reflns.pdbx_R_split                                   ? 
_reflns.pdbx_aniso_diffraction_limit_axis_1_ortho[1]   ? 
_reflns.pdbx_aniso_diffraction_limit_axis_1_ortho[2]   ? 
_reflns.pdbx_aniso_diffraction_limit_axis_1_ortho[3]   ? 
_reflns.pdbx_aniso_diffraction_limit_axis_2_ortho[1]   ? 
_reflns.pdbx_aniso_diffraction_limit_axis_2_ortho[2]   ? 
_reflns.pdbx_aniso_diffraction_limit_axis_2_ortho[3]   ? 
_reflns.pdbx_aniso_diffraction_limit_axis_3_ortho[1]   ? 
_reflns.pdbx_aniso_diffraction_limit_axis_3_ortho[2]   ? 
_reflns.pdbx_aniso_diffraction_limit_axis_3_ortho[3]   ? 
_reflns.pdbx_aniso_diffraction_limit_1                 ? 
_reflns.pdbx_aniso_diffraction_limit_2                 ? 
_reflns.pdbx_aniso_diffraction_limit_3                 ? 
_reflns.pdbx_aniso_B_tensor_eigenvector_1_ortho[1]     ? 
_reflns.pdbx_aniso_B_tensor_eigenvector_1_ortho[2]     ? 
_reflns.pdbx_aniso_B_tensor_eigenvector_1_ortho[3]     ? 
_reflns.pdbx_aniso_B_tensor_eigenvector_2_ortho[1]     ? 
_reflns.pdbx_aniso_B_tensor_eigenvector_2_ortho[2]     ? 
_reflns.pdbx_aniso_B_tensor_eigenvector_2_ortho[3]     ? 
_reflns.pdbx_aniso_B_tensor_eigenvector_3_ortho[1]     ? 
_reflns.pdbx_aniso_B_tensor_eigenvector_3_ortho[2]     ? 
_reflns.pdbx_aniso_B_tensor_eigenvector_3_ortho[3]     ? 
_reflns.pdbx_aniso_B_tensor_eigenvalue_1               ? 
_reflns.pdbx_aniso_B_tensor_eigenvalue_2               ? 
_reflns.pdbx_aniso_B_tensor_eigenvalue_3               ? 
_reflns.pdbx_orthogonalization_convention              ? 
_reflns.pdbx_percent_possible_ellipsoidal              ? 
_reflns.pdbx_percent_possible_spherical                ? 
_reflns.pdbx_percent_possible_ellipsoidal_anomalous    ? 
_reflns.pdbx_percent_possible_spherical_anomalous      ? 
_reflns.pdbx_redundancy_anomalous                      ? 
_reflns.pdbx_CC_half_anomalous                         ? 
_reflns.pdbx_absDiff_over_sigma_anomalous              ? 
_reflns.pdbx_percent_possible_anomalous                ? 
_reflns.pdbx_observed_signal_threshold                 ? 
_reflns.pdbx_signal_type                               ? 
_reflns.pdbx_signal_details                            ? 
_reflns.pdbx_signal_software_id                        ? 
# 
_reflns_shell.d_res_high                                    1.88 
_reflns_shell.d_res_low                                     1.92 
_reflns_shell.meanI_over_sigI_all                           ? 
_reflns_shell.meanI_over_sigI_obs                           ? 
_reflns_shell.number_measured_all                           ? 
_reflns_shell.number_measured_obs                           ? 
_reflns_shell.number_possible                               ? 
_reflns_shell.number_unique_all                             ? 
_reflns_shell.number_unique_obs                             631 
_reflns_shell.percent_possible_all                          ? 
_reflns_shell.percent_possible_obs                          ? 
_reflns_shell.Rmerge_F_all                                  ? 
_reflns_shell.Rmerge_F_obs                                  ? 
_reflns_shell.Rmerge_I_all                                  ? 
_reflns_shell.Rmerge_I_obs                                  0.537 
_reflns_shell.meanI_over_sigI_gt                            ? 
_reflns_shell.meanI_over_uI_all                             ? 
_reflns_shell.meanI_over_uI_gt                              ? 
_reflns_shell.number_measured_gt                            ? 
_reflns_shell.number_unique_gt                              ? 
_reflns_shell.percent_possible_gt                           ? 
_reflns_shell.Rmerge_F_gt                                   ? 
_reflns_shell.Rmerge_I_gt                                   ? 
_reflns_shell.pdbx_redundancy                               ? 
_reflns_shell.pdbx_Rsym_value                               ? 
_reflns_shell.pdbx_chi_squared                              ? 
_reflns_shell.pdbx_netI_over_sigmaI_all                     ? 
_reflns_shell.pdbx_netI_over_sigmaI_obs                     ? 
_reflns_shell.pdbx_Rrim_I_all                               ? 
_reflns_shell.pdbx_Rpim_I_all                               ? 
_reflns_shell.pdbx_rejects                                  ? 
_reflns_shell.pdbx_ordinal                                  1 
_reflns_shell.pdbx_diffrn_id                                1 
_reflns_shell.pdbx_CC_half                                  ? 
_reflns_shell.pdbx_CC_star                                  ? 
_reflns_shell.pdbx_R_split                                  ? 
_reflns_shell.pdbx_percent_possible_ellipsoidal             ? 
_reflns_shell.pdbx_percent_possible_spherical               ? 
_reflns_shell.pdbx_percent_possible_ellipsoidal_anomalous   ? 
_reflns_shell.pdbx_percent_possible_spherical_anomalous     ? 
_reflns_shell.pdbx_redundancy_anomalous                     ? 
_reflns_shell.pdbx_CC_half_anomalous                        ? 
_reflns_shell.pdbx_absDiff_over_sigma_anomalous             ? 
_reflns_shell.pdbx_percent_possible_anomalous               ? 
# 
_refine.aniso_B[1][1]                            ? 
_refine.aniso_B[1][2]                            ? 
_refine.aniso_B[1][3]                            ? 
_refine.aniso_B[2][2]                            ? 
_refine.aniso_B[2][3]                            ? 
_refine.aniso_B[3][3]                            ? 
_refine.B_iso_max                                65.710 
_refine.B_iso_mean                               23.5894 
_refine.B_iso_min                                9.650 
_refine.correlation_coeff_Fo_to_Fc               ? 
_refine.correlation_coeff_Fo_to_Fc_free          ? 
_refine.details                                  ? 
_refine.diff_density_max                         ? 
_refine.diff_density_max_esd                     ? 
_refine.diff_density_min                         ? 
_refine.diff_density_min_esd                     ? 
_refine.diff_density_rms                         ? 
_refine.diff_density_rms_esd                     ? 
_refine.entry_id                                 7FCJ 
_refine.pdbx_refine_id                           'X-RAY DIFFRACTION' 
_refine.ls_abs_structure_details                 ? 
_refine.ls_abs_structure_Flack                   ? 
_refine.ls_abs_structure_Flack_esd               ? 
_refine.ls_abs_structure_Rogers                  ? 
_refine.ls_abs_structure_Rogers_esd              ? 
_refine.ls_d_res_high                            1.8800 
_refine.ls_d_res_low                             46.1100 
_refine.ls_extinction_coef                       ? 
_refine.ls_extinction_coef_esd                   ? 
_refine.ls_extinction_expression                 ? 
_refine.ls_extinction_method                     ? 
_refine.ls_goodness_of_fit_all                   ? 
_refine.ls_goodness_of_fit_all_esd               ? 
_refine.ls_goodness_of_fit_obs                   ? 
_refine.ls_goodness_of_fit_obs_esd               ? 
_refine.ls_hydrogen_treatment                    ? 
_refine.ls_matrix_type                           ? 
_refine.ls_number_constraints                    ? 
_refine.ls_number_parameters                     ? 
_refine.ls_number_reflns_all                     ? 
_refine.ls_number_reflns_obs                     10657 
_refine.ls_number_reflns_R_free                  522 
_refine.ls_number_reflns_R_work                  10135 
_refine.ls_number_restraints                     ? 
_refine.ls_percent_reflns_obs                    91.7000 
_refine.ls_percent_reflns_R_free                 4.9000 
_refine.ls_R_factor_all                          ? 
_refine.ls_R_factor_obs                          0.1997 
_refine.ls_R_factor_R_free                       0.2392 
_refine.ls_R_factor_R_free_error                 ? 
_refine.ls_R_factor_R_free_error_details         ? 
_refine.ls_R_factor_R_work                       0.1977 
_refine.ls_R_Fsqd_factor_obs                     ? 
_refine.ls_R_I_factor_obs                        ? 
_refine.ls_redundancy_reflns_all                 ? 
_refine.ls_redundancy_reflns_obs                 ? 
_refine.ls_restrained_S_all                      ? 
_refine.ls_restrained_S_obs                      ? 
_refine.ls_shift_over_esd_max                    ? 
_refine.ls_shift_over_esd_mean                   ? 
_refine.ls_structure_factor_coef                 ? 
_refine.ls_weighting_details                     ? 
_refine.ls_weighting_scheme                      ? 
_refine.ls_wR_factor_all                         ? 
_refine.ls_wR_factor_obs                         ? 
_refine.ls_wR_factor_R_free                      ? 
_refine.ls_wR_factor_R_work                      ? 
_refine.occupancy_max                            ? 
_refine.occupancy_min                            ? 
_refine.solvent_model_details                    'FLAT BULK SOLVENT MODEL' 
_refine.solvent_model_param_bsol                 ? 
_refine.solvent_model_param_ksol                 ? 
_refine.pdbx_R_complete                          ? 
_refine.ls_R_factor_gt                           ? 
_refine.ls_goodness_of_fit_gt                    ? 
_refine.ls_goodness_of_fit_ref                   ? 
_refine.ls_shift_over_su_max                     ? 
_refine.ls_shift_over_su_max_lt                  ? 
_refine.ls_shift_over_su_mean                    ? 
_refine.ls_shift_over_su_mean_lt                 ? 
_refine.pdbx_ls_sigma_I                          ? 
_refine.pdbx_ls_sigma_F                          1.360 
_refine.pdbx_ls_sigma_Fsqd                       ? 
_refine.pdbx_data_cutoff_high_absF               ? 
_refine.pdbx_data_cutoff_high_rms_absF           ? 
_refine.pdbx_data_cutoff_low_absF                ? 
_refine.pdbx_isotropic_thermal_model             ? 
_refine.pdbx_ls_cross_valid_method               THROUGHOUT 
_refine.pdbx_method_to_determine_struct          'MOLECULAR REPLACEMENT' 
_refine.pdbx_starting_model                      7FCC 
_refine.pdbx_stereochemistry_target_values       ML 
_refine.pdbx_R_Free_selection_details            ? 
_refine.pdbx_stereochem_target_val_spec_case     ? 
_refine.pdbx_overall_ESU_R                       ? 
_refine.pdbx_overall_ESU_R_Free                  ? 
_refine.pdbx_solvent_vdw_probe_radii             1.1100 
_refine.pdbx_solvent_ion_probe_radii             ? 
_refine.pdbx_solvent_shrinkage_radii             0.9000 
_refine.pdbx_real_space_R                        ? 
_refine.pdbx_density_correlation                 ? 
_refine.pdbx_pd_number_of_powder_patterns        ? 
_refine.pdbx_pd_number_of_points                 ? 
_refine.pdbx_pd_meas_number_of_points            ? 
_refine.pdbx_pd_proc_ls_prof_R_factor            ? 
_refine.pdbx_pd_proc_ls_prof_wR_factor           ? 
_refine.pdbx_pd_Marquardt_correlation_coeff      ? 
_refine.pdbx_pd_Fsqrd_R_factor                   ? 
_refine.pdbx_pd_ls_matrix_band_width             ? 
_refine.pdbx_overall_phase_error                 26.1200 
_refine.pdbx_overall_SU_R_free_Cruickshank_DPI   ? 
_refine.pdbx_overall_SU_R_free_Blow_DPI          ? 
_refine.pdbx_overall_SU_R_Blow_DPI               ? 
_refine.pdbx_TLS_residual_ADP_flag               ? 
_refine.pdbx_diffrn_id                           1 
_refine.overall_SU_B                             ? 
_refine.overall_SU_ML                            0.2300 
_refine.overall_SU_R_Cruickshank_DPI             ? 
_refine.overall_SU_R_free                        ? 
_refine.overall_FOM_free_R_set                   ? 
_refine.overall_FOM_work_R_set                   ? 
_refine.pdbx_average_fsc_overall                 ? 
_refine.pdbx_average_fsc_work                    ? 
_refine.pdbx_average_fsc_free                    ? 
# 
_refine_hist.pdbx_refine_id                   'X-RAY DIFFRACTION' 
_refine_hist.cycle_id                         final 
_refine_hist.details                          ? 
_refine_hist.d_res_high                       1.8800 
_refine_hist.d_res_low                        46.1100 
_refine_hist.number_atoms_solvent             105 
_refine_hist.number_atoms_total               1330 
_refine_hist.number_reflns_all                ? 
_refine_hist.number_reflns_obs                ? 
_refine_hist.number_reflns_R_free             ? 
_refine_hist.number_reflns_R_work             ? 
_refine_hist.R_factor_all                     ? 
_refine_hist.R_factor_obs                     ? 
_refine_hist.R_factor_R_free                  ? 
_refine_hist.R_factor_R_work                  ? 
_refine_hist.pdbx_number_residues_total       148 
_refine_hist.pdbx_B_iso_mean_ligand           ? 
_refine_hist.pdbx_B_iso_mean_solvent          31.55 
_refine_hist.pdbx_number_atoms_protein        1225 
_refine_hist.pdbx_number_atoms_nucleic_acid   0 
_refine_hist.pdbx_number_atoms_ligand         0 
_refine_hist.pdbx_number_atoms_lipid          ? 
_refine_hist.pdbx_number_atoms_carb           ? 
_refine_hist.pdbx_pseudo_atom_details         ? 
# 
loop_
_refine_ls_shell.pdbx_refine_id 
_refine_ls_shell.d_res_high 
_refine_ls_shell.d_res_low 
_refine_ls_shell.number_reflns_all 
_refine_ls_shell.number_reflns_obs 
_refine_ls_shell.number_reflns_R_free 
_refine_ls_shell.number_reflns_R_work 
_refine_ls_shell.percent_reflns_obs 
_refine_ls_shell.percent_reflns_R_free 
_refine_ls_shell.R_factor_all 
_refine_ls_shell.R_factor_obs 
_refine_ls_shell.R_factor_R_free 
_refine_ls_shell.R_factor_R_free_error 
_refine_ls_shell.R_factor_R_work 
_refine_ls_shell.redundancy_reflns_all 
_refine_ls_shell.redundancy_reflns_obs 
_refine_ls_shell.wR_factor_all 
_refine_ls_shell.wR_factor_obs 
_refine_ls_shell.wR_factor_R_free 
_refine_ls_shell.wR_factor_R_work 
_refine_ls_shell.pdbx_R_complete 
_refine_ls_shell.pdbx_total_number_of_bins_used 
_refine_ls_shell.pdbx_phase_error 
_refine_ls_shell.pdbx_fsc_work 
_refine_ls_shell.pdbx_fsc_free 
'X-RAY DIFFRACTION' 1.8800 2.0700  1993 . 109 1884 70.0000  . . . 0.3473 0.0000 0.2518 . . . . . . . 4 . . . 
'X-RAY DIFFRACTION' 2.0700 2.3700  2723 . 121 2602 96.0000  . . . 0.2466 0.0000 0.2074 . . . . . . . 4 . . . 
'X-RAY DIFFRACTION' 2.3700 2.9800  2905 . 142 2763 100.0000 . . . 0.2650 0.0000 0.2092 . . . . . . . 4 . . . 
'X-RAY DIFFRACTION' 2.9800 46.1100 3036 . 150 2886 100.0000 . . . 0.2056 0.0000 0.1799 . . . . . . . 4 . . . 
# 
_struct.entry_id                     7FCJ 
_struct.title                        'Zebrafish SIGIRR TIR domain mutant - C299S' 
_struct.pdbx_model_details           ? 
_struct.pdbx_formula_weight          ? 
_struct.pdbx_formula_weight_method   ? 
_struct.pdbx_model_type_details      ? 
_struct.pdbx_CASP_flag               N 
# 
_struct_keywords.entry_id        7FCJ 
_struct_keywords.text            'receptor protein, IMMUNE SYSTEM' 
_struct_keywords.pdbx_keywords   'IMMUNE SYSTEM' 
# 
loop_
_struct_asym.id 
_struct_asym.pdbx_blank_PDB_chainid_flag 
_struct_asym.pdbx_modified 
_struct_asym.entity_id 
_struct_asym.details 
A N N 1 ? 
B N N 2 ? 
# 
loop_
_struct_conf.conf_type_id 
_struct_conf.id 
_struct_conf.pdbx_PDB_helix_id 
_struct_conf.beg_label_comp_id 
_struct_conf.beg_label_asym_id 
_struct_conf.beg_label_seq_id 
_struct_conf.pdbx_beg_PDB_ins_code 
_struct_conf.end_label_comp_id 
_struct_conf.end_label_asym_id 
_struct_conf.end_label_seq_id 
_struct_conf.pdbx_end_PDB_ins_code 
_struct_conf.beg_auth_comp_id 
_struct_conf.beg_auth_asym_id 
_struct_conf.beg_auth_seq_id 
_struct_conf.end_auth_comp_id 
_struct_conf.end_auth_asym_id 
_struct_conf.end_auth_seq_id 
_struct_conf.pdbx_PDB_helix_class 
_struct_conf.details 
_struct_conf.pdbx_PDB_helix_length 
HELX_P HELX_P1  AA1 ASN A 13  ? ILE A 23  ? ASN A 191 ILE A 201 1 ? 11 
HELX_P HELX_P2  AA2 ILE A 23  ? LYS A 31  ? ILE A 201 LYS A 209 1 ? 9  
HELX_P HELX_P3  AA3 LEU A 44  ? GLU A 48  ? LEU A 222 GLU A 226 5 ? 5  
HELX_P HELX_P4  AA4 SER A 50  ? CYS A 60  ? SER A 228 CYS A 238 1 ? 11 
HELX_P HELX_P5  AA5 SER A 70  ? GLU A 73  ? SER A 248 GLU A 251 5 ? 4  
HELX_P HELX_P6  AA6 GLN A 74  ? ARG A 93  ? GLN A 252 ARG A 271 1 ? 20 
HELX_P HELX_P7  AA7 SER A 102 ? GLN A 104 ? SER A 280 GLN A 282 5 ? 3  
HELX_P HELX_P8  AA8 SER A 108 ? HIS A 118 ? SER A 286 HIS A 296 1 ? 11 
HELX_P HELX_P9  AA9 GLN A 119 ? ILE A 122 ? GLN A 297 ILE A 300 5 ? 4  
HELX_P HELX_P10 AB1 GLY A 128 ? MET A 132 ? GLY A 306 MET A 310 5 ? 5  
HELX_P HELX_P11 AB2 SER A 136 ? MET A 146 ? SER A 314 MET A 324 1 ? 11 
# 
_struct_conf_type.id          HELX_P 
_struct_conf_type.criteria    ? 
_struct_conf_type.reference   ? 
# 
_struct_sheet.id               AA1 
_struct_sheet.type             ? 
_struct_sheet.number_strands   5 
_struct_sheet.details          ? 
# 
loop_
_struct_sheet_order.sheet_id 
_struct_sheet_order.range_id_1 
_struct_sheet_order.range_id_2 
_struct_sheet_order.offset 
_struct_sheet_order.sense 
AA1 1 2 ? parallel 
AA1 2 3 ? parallel 
AA1 3 4 ? parallel 
AA1 4 5 ? parallel 
# 
loop_
_struct_sheet_range.sheet_id 
_struct_sheet_range.id 
_struct_sheet_range.beg_label_comp_id 
_struct_sheet_range.beg_label_asym_id 
_struct_sheet_range.beg_label_seq_id 
_struct_sheet_range.pdbx_beg_PDB_ins_code 
_struct_sheet_range.end_label_comp_id 
_struct_sheet_range.end_label_asym_id 
_struct_sheet_range.end_label_seq_id 
_struct_sheet_range.pdbx_end_PDB_ins_code 
_struct_sheet_range.beg_auth_comp_id 
_struct_sheet_range.beg_auth_asym_id 
_struct_sheet_range.beg_auth_seq_id 
_struct_sheet_range.end_auth_comp_id 
_struct_sheet_range.end_auth_asym_id 
_struct_sheet_range.end_auth_seq_id 
AA1 1 LEU A 36  ? ASN A 39  ? LEU A 214 ASN A 217 
AA1 2 ALA A 6   ? SER A 9   ? ALA A 184 SER A 187 
AA1 3 LEU A 63  ? VAL A 66  ? LEU A 241 VAL A 244 
AA1 4 ILE A 96  ? PHE A 100 ? ILE A 274 PHE A 278 
AA1 5 THR A 123 ? TRP A 127 ? THR A 301 TRP A 305 
# 
loop_
_pdbx_struct_sheet_hbond.sheet_id 
_pdbx_struct_sheet_hbond.range_id_1 
_pdbx_struct_sheet_hbond.range_id_2 
_pdbx_struct_sheet_hbond.range_1_label_atom_id 
_pdbx_struct_sheet_hbond.range_1_label_comp_id 
_pdbx_struct_sheet_hbond.range_1_label_asym_id 
_pdbx_struct_sheet_hbond.range_1_label_seq_id 
_pdbx_struct_sheet_hbond.range_1_PDB_ins_code 
_pdbx_struct_sheet_hbond.range_1_auth_atom_id 
_pdbx_struct_sheet_hbond.range_1_auth_comp_id 
_pdbx_struct_sheet_hbond.range_1_auth_asym_id 
_pdbx_struct_sheet_hbond.range_1_auth_seq_id 
_pdbx_struct_sheet_hbond.range_2_label_atom_id 
_pdbx_struct_sheet_hbond.range_2_label_comp_id 
_pdbx_struct_sheet_hbond.range_2_label_asym_id 
_pdbx_struct_sheet_hbond.range_2_label_seq_id 
_pdbx_struct_sheet_hbond.range_2_PDB_ins_code 
_pdbx_struct_sheet_hbond.range_2_auth_atom_id 
_pdbx_struct_sheet_hbond.range_2_auth_comp_id 
_pdbx_struct_sheet_hbond.range_2_auth_asym_id 
_pdbx_struct_sheet_hbond.range_2_auth_seq_id 
AA1 1 2 O LEU A 37 ? O LEU A 215 N ILE A 8   ? N ILE A 186 
AA1 2 3 N SER A 9  ? N SER A 187 O ILE A 64  ? O ILE A 242 
AA1 3 4 N VAL A 65 ? N VAL A 243 O ILE A 98  ? O ILE A 276 
AA1 4 5 N PHE A 97 ? N PHE A 275 O THR A 123 ? O THR A 301 
# 
_atom_sites.entry_id                    7FCJ 
_atom_sites.Cartn_transf_matrix[1][1]   ? 
_atom_sites.Cartn_transf_matrix[1][2]   ? 
_atom_sites.Cartn_transf_matrix[1][3]   ? 
_atom_sites.Cartn_transf_matrix[2][1]   ? 
_atom_sites.Cartn_transf_matrix[2][2]   ? 
_atom_sites.Cartn_transf_matrix[2][3]   ? 
_atom_sites.Cartn_transf_matrix[3][1]   ? 
_atom_sites.Cartn_transf_matrix[3][2]   ? 
_atom_sites.Cartn_transf_matrix[3][3]   ? 
_atom_sites.Cartn_transf_vector[1]      ? 
_atom_sites.Cartn_transf_vector[2]      ? 
_atom_sites.Cartn_transf_vector[3]      ? 
_atom_sites.fract_transf_matrix[1][1]   -0.02441658 
_atom_sites.fract_transf_matrix[1][2]   -0.01737695 
_atom_sites.fract_transf_matrix[1][3]   -0.00970813 
_atom_sites.fract_transf_matrix[2][1]   0.00062377 
_atom_sites.fract_transf_matrix[2][2]   -0.00856959 
_atom_sites.fract_transf_matrix[2][3]   0.01377020 
_atom_sites.fract_transf_matrix[3][1]   -0.00907125 
_atom_sites.fract_transf_matrix[3][2]   0.00928748 
_atom_sites.fract_transf_matrix[3][3]   0.00619078 
_atom_sites.fract_transf_vector[1]      -0.231356 
_atom_sites.fract_transf_vector[2]      0.167599 
_atom_sites.fract_transf_vector[3]      -0.236764 
_atom_sites.solution_primary            ? 
_atom_sites.solution_secondary          ? 
_atom_sites.solution_hydrogens          ? 
_atom_sites.special_details             ? 
# 
loop_
_atom_type.symbol 
C 
N 
O 
S 
# 
loop_
_atom_site.group_PDB 
_atom_site.id 
_atom_site.type_symbol 
_atom_site.label_atom_id 
_atom_site.label_alt_id 
_atom_site.label_comp_id 
_atom_site.label_asym_id 
_atom_site.label_entity_id 
_atom_site.label_seq_id 
_atom_site.pdbx_PDB_ins_code 
_atom_site.Cartn_x 
_atom_site.Cartn_y 
_atom_site.Cartn_z 
_atom_site.occupancy 
_atom_site.B_iso_or_equiv 
_atom_site.pdbx_formal_charge 
_atom_site.auth_seq_id 
_atom_site.auth_comp_id 
_atom_site.auth_asym_id 
_atom_site.auth_atom_id 
_atom_site.pdbx_PDB_model_num 
ATOM   1    N N   . LYS A 1 2   ? -5.716  -21.709 2.410   1.00 43.86 ? 180 LYS A N   1 
ATOM   2    C CA  . LYS A 1 2   ? -5.893  -20.405 1.773   1.00 42.39 ? 180 LYS A CA  1 
ATOM   3    C C   . LYS A 1 2   ? -4.956  -19.347 2.353   1.00 41.31 ? 180 LYS A C   1 
ATOM   4    O O   . LYS A 1 2   ? -5.230  -18.750 3.395   1.00 39.55 ? 180 LYS A O   1 
ATOM   5    C CB  . LYS A 1 2   ? -7.358  -19.948 1.883   1.00 49.88 ? 180 LYS A CB  1 
ATOM   6    C CG  . LYS A 1 2   ? -8.291  -20.494 0.784   1.00 51.02 ? 180 LYS A CG  1 
ATOM   7    C CD  . LYS A 1 2   ? -8.647  -21.978 0.960   1.00 58.19 ? 180 LYS A CD  1 
ATOM   8    C CE  . LYS A 1 2   ? -9.561  -22.254 2.154   1.00 59.60 ? 180 LYS A CE  1 
ATOM   9    N NZ  . LYS A 1 2   ? -9.890  -23.718 2.270   1.00 52.57 ? 180 LYS A NZ  1 
ATOM   10   N N   . MET A 1 3   ? -3.843  -19.121 1.660   1.00 33.55 ? 181 MET A N   1 
ATOM   11   C CA  . MET A 1 3   ? -2.882  -18.082 2.009   1.00 29.75 ? 181 MET A CA  1 
ATOM   12   C C   . MET A 1 3   ? -2.587  -17.226 0.793   1.00 30.07 ? 181 MET A C   1 
ATOM   13   O O   . MET A 1 3   ? -2.026  -17.723 -0.188  1.00 36.72 ? 181 MET A O   1 
ATOM   14   C CB  . MET A 1 3   ? -1.585  -18.683 2.520   1.00 37.08 ? 181 MET A CB  1 
ATOM   15   C CG  . MET A 1 3   ? -0.705  -17.672 3.186   1.00 34.21 ? 181 MET A CG  1 
ATOM   16   S SD  . MET A 1 3   ? 0.548   -18.549 4.102   1.00 54.54 ? 181 MET A SD  1 
ATOM   17   C CE  . MET A 1 3   ? 1.692   -18.943 2.786   1.00 42.44 ? 181 MET A CE  1 
ATOM   18   N N   . TYR A 1 4   ? -2.923  -15.947 0.870   1.00 22.02 ? 182 TYR A N   1 
ATOM   19   C CA  . TYR A 1 4   ? -2.688  -15.033 -0.236  1.00 16.94 ? 182 TYR A CA  1 
ATOM   20   C C   . TYR A 1 4   ? -1.350  -14.336 -0.053  1.00 19.91 ? 182 TYR A C   1 
ATOM   21   O O   . TYR A 1 4   ? -0.801  -14.268 1.055   1.00 17.94 ? 182 TYR A O   1 
ATOM   22   C CB  . TYR A 1 4   ? -3.811  -14.004 -0.340  1.00 19.16 ? 182 TYR A CB  1 
ATOM   23   C CG  . TYR A 1 4   ? -5.118  -14.635 -0.746  1.00 19.93 ? 182 TYR A CG  1 
ATOM   24   C CD1 . TYR A 1 4   ? -5.844  -15.393 0.168   1.00 20.77 ? 182 TYR A CD1 1 
ATOM   25   C CD2 . TYR A 1 4   ? -5.625  -14.484 -2.037  1.00 20.78 ? 182 TYR A CD2 1 
ATOM   26   C CE1 . TYR A 1 4   ? -7.037  -16.005 -0.188  1.00 21.89 ? 182 TYR A CE1 1 
ATOM   27   C CE2 . TYR A 1 4   ? -6.829  -15.094 -2.405  1.00 19.72 ? 182 TYR A CE2 1 
ATOM   28   C CZ  . TYR A 1 4   ? -7.523  -15.841 -1.461  1.00 20.12 ? 182 TYR A CZ  1 
ATOM   29   O OH  . TYR A 1 4   ? -8.713  -16.448 -1.777  1.00 23.85 ? 182 TYR A OH  1 
ATOM   30   N N   . ASP A 1 5   ? -0.816  -13.837 -1.168  1.00 17.05 ? 183 ASP A N   1 
ATOM   31   C CA  . ASP A 1 5   ? 0.486   -13.189 -1.133  1.00 19.32 ? 183 ASP A CA  1 
ATOM   32   C C   . ASP A 1 5   ? 0.404   -11.766 -0.603  1.00 16.44 ? 183 ASP A C   1 
ATOM   33   O O   . ASP A 1 5   ? 1.338   -11.304 0.073   1.00 20.47 ? 183 ASP A O   1 
ATOM   34   C CB  . ASP A 1 5   ? 1.108   -13.224 -2.526  1.00 22.30 ? 183 ASP A CB  1 
ATOM   35   C CG  . ASP A 1 5   ? 1.446   -14.642 -2.961  1.00 25.56 ? 183 ASP A CG  1 
ATOM   36   O OD1 . ASP A 1 5   ? 2.375   -15.243 -2.376  1.00 28.16 ? 183 ASP A OD1 1 
ATOM   37   O OD2 . ASP A 1 5   ? 0.748   -15.172 -3.845  1.00 23.53 ? 183 ASP A OD2 1 
ATOM   38   N N   . ALA A 1 6   ? -0.686  -11.056 -0.880  1.00 14.62 ? 184 ALA A N   1 
ATOM   39   C CA  . ALA A 1 6   ? -0.828  -9.693  -0.381  1.00 15.61 ? 184 ALA A CA  1 
ATOM   40   C C   . ALA A 1 6   ? -2.299  -9.300  -0.372  1.00 18.20 ? 184 ALA A C   1 
ATOM   41   O O   . ALA A 1 6   ? -3.096  -9.779  -1.194  1.00 18.19 ? 184 ALA A O   1 
ATOM   42   C CB  . ALA A 1 6   ? -0.024  -8.680  -1.221  1.00 13.97 ? 184 ALA A CB  1 
ATOM   43   N N   . TYR A 1 7   ? -2.643  -8.445  0.591   1.00 14.38 ? 185 TYR A N   1 
ATOM   44   C CA  . TYR A 1 7   ? -3.857  -7.641  0.564   1.00 16.54 ? 185 TYR A CA  1 
ATOM   45   C C   . TYR A 1 7   ? -3.486  -6.253  0.053   1.00 15.39 ? 185 TYR A C   1 
ATOM   46   O O   . TYR A 1 7   ? -2.547  -5.638  0.568   1.00 14.66 ? 185 TYR A O   1 
ATOM   47   C CB  . TYR A 1 7   ? -4.475  -7.533  1.963   1.00 14.87 ? 185 TYR A CB  1 
ATOM   48   C CG  . TYR A 1 7   ? -5.681  -6.624  2.005   1.00 17.54 ? 185 TYR A CG  1 
ATOM   49   C CD1 . TYR A 1 7   ? -6.851  -6.956  1.333   1.00 24.17 ? 185 TYR A CD1 1 
ATOM   50   C CD2 . TYR A 1 7   ? -5.633  -5.399  2.656   1.00 20.82 ? 185 TYR A CD2 1 
ATOM   51   C CE1 . TYR A 1 7   ? -7.956  -6.114  1.344   1.00 18.87 ? 185 TYR A CE1 1 
ATOM   52   C CE2 . TYR A 1 7   ? -6.730  -4.547  2.660   1.00 20.64 ? 185 TYR A CE2 1 
ATOM   53   C CZ  . TYR A 1 7   ? -7.893  -4.922  2.011   1.00 21.41 ? 185 TYR A CZ  1 
ATOM   54   O OH  . TYR A 1 7   ? -9.000  -4.087  2.010   1.00 23.05 ? 185 TYR A OH  1 
ATOM   55   N N   . ILE A 1 8   ? -4.213  -5.755  -0.946  1.00 12.94 ? 186 ILE A N   1 
ATOM   56   C CA  . ILE A 1 8   ? -3.951  -4.431  -1.513  1.00 13.14 ? 186 ILE A CA  1 
ATOM   57   C C   . ILE A 1 8   ? -5.051  -3.479  -1.065  1.00 15.06 ? 186 ILE A C   1 
ATOM   58   O O   . ILE A 1 8   ? -6.232  -3.701  -1.351  1.00 15.79 ? 186 ILE A O   1 
ATOM   59   C CB  . ILE A 1 8   ? -3.857  -4.467  -3.043  1.00 15.89 ? 186 ILE A CB  1 
ATOM   60   C CG1 . ILE A 1 8   ? -2.643  -5.285  -3.491  1.00 15.28 ? 186 ILE A CG1 1 
ATOM   61   C CG2 . ILE A 1 8   ? -3.761  -3.042  -3.582  1.00 16.48 ? 186 ILE A CG2 1 
ATOM   62   C CD1 . ILE A 1 8   ? -2.660  -5.599  -4.995  1.00 15.94 ? 186 ILE A CD1 1 
ATOM   63   N N   . SER A 1 9   ? -4.676  -2.410  -0.372  1.00 14.32 ? 187 SER A N   1 
ATOM   64   C CA  . SER A 1 9   ? -5.645  -1.439  0.120   1.00 13.85 ? 187 SER A CA  1 
ATOM   65   C C   . SER A 1 9   ? -5.548  -0.191  -0.738  1.00 14.82 ? 187 SER A C   1 
ATOM   66   O O   . SER A 1 9   ? -4.450  0.334   -0.939  1.00 14.94 ? 187 SER A O   1 
ATOM   67   C CB  . SER A 1 9   ? -5.392  -1.104  1.590   1.00 12.34 ? 187 SER A CB  1 
ATOM   68   O OG  . SER A 1 9   ? -6.236  -0.057  2.038   1.00 13.35 ? 187 SER A OG  1 
ATOM   69   N N   . TYR A 1 10  ? -6.686  0.276   -1.252  1.00 13.42 ? 188 TYR A N   1 
ATOM   70   C CA  . TYR A 1 10  ? -6.727  1.494   -2.067  1.00 15.56 ? 188 TYR A CA  1 
ATOM   71   C C   . TYR A 1 10  ? -8.018  2.236   -1.741  1.00 14.09 ? 188 TYR A C   1 
ATOM   72   O O   . TYR A 1 10  ? -8.799  1.811   -0.884  1.00 17.52 ? 188 TYR A O   1 
ATOM   73   C CB  . TYR A 1 10  ? -6.583  1.176   -3.574  1.00 11.22 ? 188 TYR A CB  1 
ATOM   74   C CG  . TYR A 1 10  ? -7.720  0.339   -4.160  1.00 16.46 ? 188 TYR A CG  1 
ATOM   75   C CD1 . TYR A 1 10  ? -7.798  -1.036  -3.924  1.00 14.22 ? 188 TYR A CD1 1 
ATOM   76   C CD2 . TYR A 1 10  ? -8.707  0.930   -4.970  1.00 16.12 ? 188 TYR A CD2 1 
ATOM   77   C CE1 . TYR A 1 10  ? -8.840  -1.799  -4.446  1.00 12.49 ? 188 TYR A CE1 1 
ATOM   78   C CE2 . TYR A 1 10  ? -9.756  0.167   -5.516  1.00 13.17 ? 188 TYR A CE2 1 
ATOM   79   C CZ  . TYR A 1 10  ? -9.809  -1.186  -5.244  1.00 17.59 ? 188 TYR A CZ  1 
ATOM   80   O OH  . TYR A 1 10  ? -10.838 -1.932  -5.764  1.00 20.93 ? 188 TYR A OH  1 
ATOM   81   N N   . VAL A 1 11  ? -8.245  3.365   -2.410  1.00 13.02 ? 189 VAL A N   1 
ATOM   82   C CA  . VAL A 1 11  ? -9.435  4.158   -2.154  1.00 15.65 ? 189 VAL A CA  1 
ATOM   83   C C   . VAL A 1 11  ? -10.218 4.250   -3.460  1.00 18.08 ? 189 VAL A C   1 
ATOM   84   O O   . VAL A 1 11  ? -9.675  4.046   -4.550  1.00 18.47 ? 189 VAL A O   1 
ATOM   85   C CB  . VAL A 1 11  ? -9.098  5.562   -1.581  1.00 18.17 ? 189 VAL A CB  1 
ATOM   86   C CG1 . VAL A 1 11  ? -8.429  6.490   -2.627  1.00 15.51 ? 189 VAL A CG1 1 
ATOM   87   C CG2 . VAL A 1 11  ? -10.314 6.198   -0.917  1.00 24.82 ? 189 VAL A CG2 1 
ATOM   88   N N   . ASN A 1 12  ? -11.513 4.566   -3.339  1.00 22.24 ? 190 ASN A N   1 
ATOM   89   C CA  . ASN A 1 12  ? -12.450 4.522   -4.467  1.00 24.14 ? 190 ASN A CA  1 
ATOM   90   C C   . ASN A 1 12  ? -12.292 5.754   -5.360  1.00 22.73 ? 190 ASN A C   1 
ATOM   91   O O   . ASN A 1 12  ? -13.215 6.526   -5.590  1.00 26.76 ? 190 ASN A O   1 
ATOM   92   C CB  . ASN A 1 12  ? -13.885 4.400   -3.965  1.00 34.03 ? 190 ASN A CB  1 
ATOM   93   C CG  . ASN A 1 12  ? -14.350 5.635   -3.184  1.00 44.36 ? 190 ASN A CG  1 
ATOM   94   O OD1 . ASN A 1 12  ? -13.548 6.504   -2.824  1.00 46.10 ? 190 ASN A OD1 1 
ATOM   95   N ND2 . ASN A 1 12  ? -15.655 5.712   -2.918  1.00 50.32 ? 190 ASN A ND2 1 
ATOM   96   N N   . ASN A 1 13  ? -11.083 5.915   -5.872  1.00 23.93 ? 191 ASN A N   1 
ATOM   97   C CA  . ASN A 1 13  ? -10.724 6.985   -6.787  1.00 25.07 ? 191 ASN A CA  1 
ATOM   98   C C   . ASN A 1 13  ? -10.505 6.374   -8.164  1.00 24.27 ? 191 ASN A C   1 
ATOM   99   O O   . ASN A 1 13  ? -9.830  5.348   -8.277  1.00 21.48 ? 191 ASN A O   1 
ATOM   100  C CB  . ASN A 1 13  ? -9.459  7.689   -6.286  1.00 26.33 ? 191 ASN A CB  1 
ATOM   101  C CG  . ASN A 1 13  ? -8.891  8.628   -7.295  1.00 27.63 ? 191 ASN A CG  1 
ATOM   102  O OD1 . ASN A 1 13  ? -8.103  8.216   -8.151  1.00 29.99 ? 191 ASN A OD1 1 
ATOM   103  N ND2 . ASN A 1 13  ? -9.242  9.908   -7.188  1.00 33.07 ? 191 ASN A ND2 1 
ATOM   104  N N   . GLU A 1 14  ? -11.071 6.997   -9.207  1.00 23.81 ? 192 GLU A N   1 
ATOM   105  C CA  . GLU A 1 14  ? -11.017 6.397   -10.540 1.00 22.30 ? 192 GLU A CA  1 
ATOM   106  C C   . GLU A 1 14  ? -9.585  6.149   -10.996 1.00 24.24 ? 192 GLU A C   1 
ATOM   107  O O   . GLU A 1 14  ? -9.274  5.078   -11.539 1.00 23.86 ? 192 GLU A O   1 
ATOM   108  C CB  . GLU A 1 14  ? -11.757 7.270   -11.557 1.00 29.59 ? 192 GLU A CB  1 
ATOM   109  C CG  . GLU A 1 14  ? -13.225 6.971   -11.582 1.00 30.39 ? 192 GLU A CG  1 
ATOM   110  C CD  . GLU A 1 14  ? -13.494 5.639   -12.252 1.00 36.80 ? 192 GLU A CD  1 
ATOM   111  O OE1 . GLU A 1 14  ? -13.765 4.646   -11.530 1.00 36.74 ? 192 GLU A OE1 1 
ATOM   112  O OE2 . GLU A 1 14  ? -13.427 5.580   -13.498 1.00 39.73 ? 192 GLU A OE2 1 
ATOM   113  N N   . ASN A 1 15  ? -8.697  7.129   -10.805 1.00 21.91 ? 193 ASN A N   1 
ATOM   114  C CA  . ASN A 1 15  ? -7.293  6.894   -11.125 1.00 22.37 ? 193 ASN A CA  1 
ATOM   115  C C   . ASN A 1 15  ? -6.729  5.735   -10.315 1.00 19.96 ? 193 ASN A C   1 
ATOM   116  O O   . ASN A 1 15  ? -6.077  4.836   -10.864 1.00 16.89 ? 193 ASN A O   1 
ATOM   117  C CB  . ASN A 1 15  ? -6.459  8.152   -10.881 1.00 29.96 ? 193 ASN A CB  1 
ATOM   118  C CG  . ASN A 1 15  ? -6.592  9.159   -11.987 1.00 34.12 ? 193 ASN A CG  1 
ATOM   119  O OD1 . ASN A 1 15  ? -7.632  9.245   -12.656 1.00 36.37 ? 193 ASN A OD1 1 
ATOM   120  N ND2 . ASN A 1 15  ? -5.528  9.934   -12.201 1.00 35.15 ? 193 ASN A ND2 1 
ATOM   121  N N   . ASP A 1 16  ? -6.946  5.761   -8.996  1.00 18.32 ? 194 ASP A N   1 
ATOM   122  C CA  . ASP A 1 16  ? -6.383  4.724   -8.137  1.00 17.67 ? 194 ASP A CA  1 
ATOM   123  C C   . ASP A 1 16  ? -6.971  3.358   -8.473  1.00 18.13 ? 194 ASP A C   1 
ATOM   124  O O   . ASP A 1 16  ? -6.238  2.370   -8.608  1.00 15.73 ? 194 ASP A O   1 
ATOM   125  C CB  . ASP A 1 16  ? -6.602  5.078   -6.662  1.00 18.29 ? 194 ASP A CB  1 
ATOM   126  C CG  . ASP A 1 16  ? -5.788  6.299   -6.216  1.00 20.12 ? 194 ASP A CG  1 
ATOM   127  O OD1 . ASP A 1 16  ? -4.931  6.763   -6.998  1.00 27.21 ? 194 ASP A OD1 1 
ATOM   128  O OD2 . ASP A 1 16  ? -5.934  6.757   -5.063  1.00 21.53 ? 194 ASP A OD2 1 
ATOM   129  N N   . ARG A 1 17  ? -8.297  3.292   -8.618  1.00 16.18 ? 195 ARG A N   1 
ATOM   130  C CA  . ARG A 1 17  ? -8.967  2.048   -9.009  1.00 18.43 ? 195 ARG A CA  1 
ATOM   131  C C   . ARG A 1 17  ? -8.402  1.482   -10.304 1.00 18.38 ? 195 ARG A C   1 
ATOM   132  O O   . ARG A 1 17  ? -8.140  0.277   -10.406 1.00 15.71 ? 195 ARG A O   1 
ATOM   133  C CB  . ARG A 1 17  ? -10.467 2.298   -9.147  1.00 16.69 ? 195 ARG A CB  1 
ATOM   134  C CG  . ARG A 1 17  ? -11.286 1.050   -9.419  1.00 18.91 ? 195 ARG A CG  1 
ATOM   135  C CD  . ARG A 1 17  ? -12.742 1.435   -9.655  1.00 24.40 ? 195 ARG A CD  1 
ATOM   136  N NE  . ARG A 1 17  ? -12.937 2.255   -10.851 1.00 30.05 ? 195 ARG A NE  1 
ATOM   137  C CZ  . ARG A 1 17  ? -12.818 1.830   -12.117 1.00 40.88 ? 195 ARG A CZ  1 
ATOM   138  N NH1 . ARG A 1 17  ? -12.501 0.564   -12.395 1.00 37.26 ? 195 ARG A NH1 1 
ATOM   139  N NH2 . ARG A 1 17  ? -13.026 2.680   -13.123 1.00 34.38 ? 195 ARG A NH2 1 
ATOM   140  N N   . LYS A 1 18  ? -8.210  2.341   -11.315 1.00 17.62 ? 196 LYS A N   1 
ATOM   141  C CA  . LYS A 1 18  ? -7.713  1.843   -12.589 1.00 15.68 ? 196 LYS A CA  1 
ATOM   142  C C   . LYS A 1 18  ? -6.249  1.453   -12.503 1.00 13.14 ? 196 LYS A C   1 
ATOM   143  O O   . LYS A 1 18  ? -5.840  0.470   -13.121 1.00 17.63 ? 196 LYS A O   1 
ATOM   144  C CB  . LYS A 1 18  ? -7.949  2.877   -13.693 1.00 18.40 ? 196 LYS A CB  1 
ATOM   145  C CG  . LYS A 1 18  ? -9.403  2.860   -14.180 1.00 19.62 ? 196 LYS A CG  1 
ATOM   146  C CD  . LYS A 1 18  ? -9.614  3.690   -15.445 1.00 26.02 ? 196 LYS A CD  1 
ATOM   147  C CE  . LYS A 1 18  ? -9.952  5.137   -15.113 1.00 26.02 ? 196 LYS A CE  1 
ATOM   148  N NZ  . LYS A 1 18  ? -10.473 5.854   -16.328 1.00 25.06 ? 196 LYS A NZ  1 
ATOM   149  N N   . PHE A 1 19  ? -5.439  2.192   -11.738 1.00 17.78 ? 197 PHE A N   1 
ATOM   150  C CA  . PHE A 1 19  ? -4.043  1.791   -11.568 1.00 16.66 ? 197 PHE A CA  1 
ATOM   151  C C   . PHE A 1 19  ? -3.954  0.420   -10.902 1.00 16.07 ? 197 PHE A C   1 
ATOM   152  O O   . PHE A 1 19  ? -3.169  -0.442  -11.325 1.00 14.78 ? 197 PHE A O   1 
ATOM   153  C CB  . PHE A 1 19  ? -3.283  2.836   -10.753 1.00 17.25 ? 197 PHE A CB  1 
ATOM   154  C CG  . PHE A 1 19  ? -1.936  2.371   -10.254 1.00 17.16 ? 197 PHE A CG  1 
ATOM   155  C CD1 . PHE A 1 19  ? -0.805  2.498   -11.057 1.00 19.50 ? 197 PHE A CD1 1 
ATOM   156  C CD2 . PHE A 1 19  ? -1.782  1.864   -8.969  1.00 18.46 ? 197 PHE A CD2 1 
ATOM   157  C CE1 . PHE A 1 19  ? 0.453   2.095   -10.595 1.00 19.41 ? 197 PHE A CE1 1 
ATOM   158  C CE2 . PHE A 1 19  ? -0.534  1.464   -8.504  1.00 18.59 ? 197 PHE A CE2 1 
ATOM   159  C CZ  . PHE A 1 19  ? 0.585   1.584   -9.313  1.00 19.89 ? 197 PHE A CZ  1 
ATOM   160  N N   . VAL A 1 20  ? -4.769  0.191   -9.876  1.00 13.84 ? 198 VAL A N   1 
ATOM   161  C CA  . VAL A 1 20  ? -4.754  -1.104  -9.201  1.00 16.03 ? 198 VAL A CA  1 
ATOM   162  C C   . VAL A 1 20  ? -5.234  -2.204  -10.143 1.00 18.30 ? 198 VAL A C   1 
ATOM   163  O O   . VAL A 1 20  ? -4.581  -3.249  -10.285 1.00 15.91 ? 198 VAL A O   1 
ATOM   164  C CB  . VAL A 1 20  ? -5.598  -1.059  -7.916  1.00 16.88 ? 198 VAL A CB  1 
ATOM   165  C CG1 . VAL A 1 20  ? -5.821  -2.461  -7.406  1.00 18.41 ? 198 VAL A CG1 1 
ATOM   166  C CG2 . VAL A 1 20  ? -4.914  -0.210  -6.847  1.00 16.91 ? 198 VAL A CG2 1 
ATOM   167  N N   . ASN A 1 21  ? -6.371  -1.979  -10.820 1.00 17.15 ? 199 ASN A N   1 
ATOM   168  C CA  . ASN A 1 21  ? -6.991  -3.082  -11.554 1.00 19.76 ? 199 ASN A CA  1 
ATOM   169  C C   . ASN A 1 21  ? -6.375  -3.292  -12.929 1.00 18.83 ? 199 ASN A C   1 
ATOM   170  O O   . ASN A 1 21  ? -6.300  -4.435  -13.388 1.00 17.04 ? 199 ASN A O   1 
ATOM   171  C CB  . ASN A 1 21  ? -8.508  -2.875  -11.646 1.00 17.82 ? 199 ASN A CB  1 
ATOM   172  C CG  . ASN A 1 21  ? -9.202  -3.109  -10.299 1.00 23.85 ? 199 ASN A CG  1 
ATOM   173  O OD1 . ASN A 1 21  ? -9.489  -4.240  -9.942  1.00 31.99 ? 199 ASN A OD1 1 
ATOM   174  N ND2 . ASN A 1 21  ? -9.441  -2.043  -9.544  1.00 27.30 ? 199 ASN A ND2 1 
ATOM   175  N N   . PHE A 1 22  ? -5.877  -2.235  -13.574 1.00 14.18 ? 200 PHE A N   1 
ATOM   176  C CA  . PHE A 1 22  ? -5.322  -2.381  -14.909 1.00 17.92 ? 200 PHE A CA  1 
ATOM   177  C C   . PHE A 1 22  ? -3.798  -2.468  -14.959 1.00 18.72 ? 200 PHE A C   1 
ATOM   178  O O   . PHE A 1 22  ? -3.261  -2.910  -15.980 1.00 20.89 ? 200 PHE A O   1 
ATOM   179  C CB  . PHE A 1 22  ? -5.797  -1.224  -15.792 1.00 19.68 ? 200 PHE A CB  1 
ATOM   180  C CG  . PHE A 1 22  ? -7.281  -1.236  -16.060 1.00 18.65 ? 200 PHE A CG  1 
ATOM   181  C CD1 . PHE A 1 22  ? -7.989  -2.421  -16.051 1.00 19.63 ? 200 PHE A CD1 1 
ATOM   182  C CD2 . PHE A 1 22  ? -7.960  -0.058  -16.329 1.00 22.73 ? 200 PHE A CD2 1 
ATOM   183  C CE1 . PHE A 1 22  ? -9.359  -2.437  -16.309 1.00 22.89 ? 200 PHE A CE1 1 
ATOM   184  C CE2 . PHE A 1 22  ? -9.318  -0.061  -16.575 1.00 20.47 ? 200 PHE A CE2 1 
ATOM   185  C CZ  . PHE A 1 22  ? -10.020 -1.250  -16.567 1.00 22.61 ? 200 PHE A CZ  1 
ATOM   186  N N   . ILE A 1 23  ? -3.085  -2.091  -13.894 1.00 14.20 ? 201 ILE A N   1 
ATOM   187  C CA  . ILE A 1 23  ? -1.618  -2.108  -13.907 1.00 16.15 ? 201 ILE A CA  1 
ATOM   188  C C   . ILE A 1 23  ? -1.023  -2.968  -12.792 1.00 16.12 ? 201 ILE A C   1 
ATOM   189  O O   . ILE A 1 23  ? -0.277  -3.914  -13.062 1.00 17.81 ? 201 ILE A O   1 
ATOM   190  C CB  . ILE A 1 23  ? -1.061  -0.668  -13.862 1.00 15.79 ? 201 ILE A CB  1 
ATOM   191  C CG1 . ILE A 1 23  ? -1.521  0.090   -15.113 1.00 18.17 ? 201 ILE A CG1 1 
ATOM   192  C CG2 . ILE A 1 23  ? 0.491   -0.648  -13.698 1.00 17.80 ? 201 ILE A CG2 1 
ATOM   193  C CD1 . ILE A 1 23  ? -1.041  1.533   -15.192 1.00 16.30 ? 201 ILE A CD1 1 
ATOM   194  N N   . LEU A 1 24  ? -1.338  -2.654  -11.534 1.00 14.15 ? 202 LEU A N   1 
ATOM   195  C CA  . LEU A 1 24  ? -0.663  -3.312  -10.408 1.00 15.48 ? 202 LEU A CA  1 
ATOM   196  C C   . LEU A 1 24  ? -1.091  -4.774  -10.271 1.00 17.56 ? 202 LEU A C   1 
ATOM   197  O O   . LEU A 1 24  ? -0.256  -5.695  -10.236 1.00 18.00 ? 202 LEU A O   1 
ATOM   198  C CB  . LEU A 1 24  ? -0.979  -2.550  -9.122  1.00 14.20 ? 202 LEU A CB  1 
ATOM   199  C CG  . LEU A 1 24  ? -0.305  -3.049  -7.853  1.00 19.25 ? 202 LEU A CG  1 
ATOM   200  C CD1 . LEU A 1 24  ? 1.204   -2.974  -8.025  1.00 20.75 ? 202 LEU A CD1 1 
ATOM   201  C CD2 . LEU A 1 24  ? -0.785  -2.214  -6.635  1.00 16.86 ? 202 LEU A CD2 1 
ATOM   202  N N   . LYS A 1 25  ? -2.395  -4.997  -10.172 1.00 18.08 ? 203 LYS A N   1 
ATOM   203  C CA  . LYS A 1 25  ? -2.896  -6.355  -9.963  1.00 17.92 ? 203 LYS A CA  1 
ATOM   204  C C   . LYS A 1 25  ? -2.537  -7.280  -11.117 1.00 19.58 ? 203 LYS A C   1 
ATOM   205  O O   . LYS A 1 25  ? -1.958  -8.346  -10.855 1.00 20.13 ? 203 LYS A O   1 
ATOM   206  C CB  . LYS A 1 25  ? -4.399  -6.300  -9.678  1.00 20.14 ? 203 LYS A CB  1 
ATOM   207  C CG  . LYS A 1 25  ? -5.104  -7.663  -9.517  1.00 21.42 ? 203 LYS A CG  1 
ATOM   208  C CD  . LYS A 1 25  ? -6.618  -7.487  -9.649  1.00 30.58 ? 203 LYS A CD  1 
ATOM   209  C CE  . LYS A 1 25  ? -7.387  -8.709  -9.162  1.00 35.29 ? 203 LYS A CE  1 
ATOM   210  N NZ  . LYS A 1 25  ? -7.432  -9.778  -10.206 1.00 37.29 ? 203 LYS A NZ  1 
ATOM   211  N N   . PRO A 1 26  ? -2.817  -6.954  -12.389 1.00 19.13 ? 204 PRO A N   1 
ATOM   212  C CA  . PRO A 1 26  ? -2.449  -7.908  -13.454 1.00 20.45 ? 204 PRO A CA  1 
ATOM   213  C C   . PRO A 1 26  ? -0.957  -8.144  -13.557 1.00 21.60 ? 204 PRO A C   1 
ATOM   214  O O   . PRO A 1 26  ? -0.545  -9.256  -13.891 1.00 24.10 ? 204 PRO A O   1 
ATOM   215  C CB  . PRO A 1 26  ? -2.993  -7.268  -14.745 1.00 25.26 ? 204 PRO A CB  1 
ATOM   216  C CG  . PRO A 1 26  ? -3.737  -6.082  -14.361 1.00 24.41 ? 204 PRO A CG  1 
ATOM   217  C CD  . PRO A 1 26  ? -3.579  -5.804  -12.898 1.00 22.75 ? 204 PRO A CD  1 
ATOM   218  N N   . HIS A 1 27  ? -0.121  -7.132  -13.318 1.00 20.76 ? 205 HIS A N   1 
ATOM   219  C CA  . HIS A 1 27  ? 1.316   -7.375  -13.374 1.00 21.15 ? 205 HIS A CA  1 
ATOM   220  C C   . HIS A 1 27  ? 1.728   -8.380  -12.298 1.00 23.58 ? 205 HIS A C   1 
ATOM   221  O O   . HIS A 1 27  ? 2.410   -9.374  -12.585 1.00 22.73 ? 205 HIS A O   1 
ATOM   222  C CB  . HIS A 1 27  ? 2.073   -6.054  -13.228 1.00 24.94 ? 205 HIS A CB  1 
ATOM   223  C CG  . HIS A 1 27  ? 3.553   -6.184  -13.388 1.00 29.35 ? 205 HIS A CG  1 
ATOM   224  N ND1 . HIS A 1 27  ? 4.196   -5.918  -14.579 1.00 36.39 ? 205 HIS A ND1 1 
ATOM   225  C CD2 . HIS A 1 27  ? 4.517   -6.563  -12.516 1.00 31.27 ? 205 HIS A CD2 1 
ATOM   226  C CE1 . HIS A 1 27  ? 5.493   -6.121  -14.429 1.00 33.77 ? 205 HIS A CE1 1 
ATOM   227  N NE2 . HIS A 1 27  ? 5.714   -6.506  -13.186 1.00 31.88 ? 205 HIS A NE2 1 
ATOM   228  N N   . LEU A 1 28  ? 1.269   -8.171  -11.061 1.00 22.85 ? 206 LEU A N   1 
ATOM   229  C CA  . LEU A 1 28  ? 1.613   -9.113  -9.996  1.00 24.16 ? 206 LEU A CA  1 
ATOM   230  C C   . LEU A 1 28  ? 1.071   -10.510 -10.293 1.00 26.56 ? 206 LEU A C   1 
ATOM   231  O O   . LEU A 1 28  ? 1.731   -11.515 -9.995  1.00 27.43 ? 206 LEU A O   1 
ATOM   232  C CB  . LEU A 1 28  ? 1.076   -8.609  -8.656  1.00 21.61 ? 206 LEU A CB  1 
ATOM   233  C CG  . LEU A 1 28  ? 1.745   -7.363  -8.071  1.00 18.16 ? 206 LEU A CG  1 
ATOM   234  C CD1 . LEU A 1 28  ? 1.027   -6.929  -6.816  1.00 20.13 ? 206 LEU A CD1 1 
ATOM   235  C CD2 . LEU A 1 28  ? 3.241   -7.603  -7.797  1.00 23.09 ? 206 LEU A CD2 1 
ATOM   236  N N   . GLU A 1 29  ? -0.130  -10.591 -10.879 1.00 22.21 ? 207 GLU A N   1 
ATOM   237  C CA  . GLU A 1 29  ? -0.799  -11.878 -11.074 1.00 27.01 ? 207 GLU A CA  1 
ATOM   238  C C   . GLU A 1 29  ? -0.257  -12.639 -12.272 1.00 27.85 ? 207 GLU A C   1 
ATOM   239  O O   . GLU A 1 29  ? -0.126  -13.866 -12.226 1.00 30.64 ? 207 GLU A O   1 
ATOM   240  C CB  . GLU A 1 29  ? -2.304  -11.683 -11.256 1.00 25.31 ? 207 GLU A CB  1 
ATOM   241  C CG  . GLU A 1 29  ? -3.074  -11.600 -9.969  1.00 26.90 ? 207 GLU A CG  1 
ATOM   242  C CD  . GLU A 1 29  ? -4.540  -11.311 -10.179 1.00 24.60 ? 207 GLU A CD  1 
ATOM   243  O OE1 . GLU A 1 29  ? -4.936  -10.961 -11.307 1.00 26.81 ? 207 GLU A OE1 1 
ATOM   244  O OE2 . GLU A 1 29  ? -5.300  -11.427 -9.204  1.00 30.40 ? 207 GLU A OE2 1 
ATOM   245  N N   . ASN A 1 30  ? 0.036   -11.939 -13.356 1.00 31.42 ? 208 ASN A N   1 
ATOM   246  C CA  . ASN A 1 30  ? 0.410   -12.583 -14.601 1.00 28.78 ? 208 ASN A CA  1 
ATOM   247  C C   . ASN A 1 30  ? 1.904   -12.818 -14.698 1.00 30.16 ? 208 ASN A C   1 
ATOM   248  O O   . ASN A 1 30  ? 2.325   -13.870 -15.187 1.00 32.33 ? 208 ASN A O   1 
ATOM   249  C CB  . ASN A 1 30  ? -0.105  -11.745 -15.767 1.00 30.32 ? 208 ASN A CB  1 
ATOM   250  C CG  . ASN A 1 30  ? -1.612  -11.595 -15.721 1.00 30.03 ? 208 ASN A CG  1 
ATOM   251  O OD1 . ASN A 1 30  ? -2.296  -12.410 -15.095 1.00 35.00 ? 208 ASN A OD1 1 
ATOM   252  N ND2 . ASN A 1 30  ? -2.138  -10.554 -16.356 1.00 34.49 ? 208 ASN A ND2 1 
ATOM   253  N N   . LYS A 1 31  ? 2.720   -11.889 -14.204 1.00 31.68 ? 209 LYS A N   1 
ATOM   254  C CA  . LYS A 1 31  ? 4.164   -12.081 -14.272 1.00 31.83 ? 209 LYS A CA  1 
ATOM   255  C C   . LYS A 1 31  ? 4.689   -12.833 -13.057 1.00 39.50 ? 209 LYS A C   1 
ATOM   256  O O   . LYS A 1 31  ? 5.238   -13.932 -13.186 1.00 44.05 ? 209 LYS A O   1 
ATOM   257  C CB  . LYS A 1 31  ? 4.893   -10.741 -14.420 1.00 35.43 ? 209 LYS A CB  1 
ATOM   258  C CG  . LYS A 1 31  ? 6.403   -10.936 -14.413 1.00 38.47 ? 209 LYS A CG  1 
ATOM   259  C CD  . LYS A 1 31  ? 7.171   -9.689  -14.760 1.00 38.48 ? 209 LYS A CD  1 
ATOM   260  C CE  . LYS A 1 31  ? 8.642   -10.028 -15.022 1.00 37.78 ? 209 LYS A CE  1 
ATOM   261  N NZ  . LYS A 1 31  ? 9.413   -8.881  -15.589 1.00 42.25 ? 209 LYS A NZ  1 
ATOM   262  N N   . TYR A 1 32  ? 4.537   -12.250 -11.871 1.00 37.38 ? 210 TYR A N   1 
ATOM   263  C CA  . TYR A 1 32  ? 5.067   -12.877 -10.671 1.00 36.88 ? 210 TYR A CA  1 
ATOM   264  C C   . TYR A 1 32  ? 4.088   -13.874 -10.066 1.00 36.44 ? 210 TYR A C   1 
ATOM   265  O O   . TYR A 1 32  ? 4.397   -14.507 -9.061  1.00 45.23 ? 210 TYR A O   1 
ATOM   266  C CB  . TYR A 1 32  ? 5.446   -11.809 -9.656  1.00 31.82 ? 210 TYR A CB  1 
ATOM   267  C CG  . TYR A 1 32  ? 6.378   -10.753 -10.219 1.00 36.66 ? 210 TYR A CG  1 
ATOM   268  C CD1 . TYR A 1 32  ? 7.738   -10.998 -10.384 1.00 35.43 ? 210 TYR A CD1 1 
ATOM   269  C CD2 . TYR A 1 32  ? 5.881   -9.529  -10.640 1.00 35.63 ? 210 TYR A CD2 1 
ATOM   270  C CE1 . TYR A 1 32  ? 8.587   -10.028 -10.912 1.00 39.17 ? 210 TYR A CE1 1 
ATOM   271  C CE2 . TYR A 1 32  ? 6.725   -8.546  -11.171 1.00 40.60 ? 210 TYR A CE2 1 
ATOM   272  C CZ  . TYR A 1 32  ? 8.072   -8.801  -11.306 1.00 42.45 ? 210 TYR A CZ  1 
ATOM   273  O OH  . TYR A 1 32  ? 8.887   -7.819  -11.835 1.00 41.24 ? 210 TYR A OH  1 
ATOM   274  N N   . SER A 1 33  ? 2.911   -14.001 -10.658 1.00 37.43 ? 211 SER A N   1 
ATOM   275  C CA  . SER A 1 33  ? 1.908   -15.025 -10.350 1.00 33.10 ? 211 SER A CA  1 
ATOM   276  C C   . SER A 1 33  ? 1.543   -15.076 -8.862  1.00 36.47 ? 211 SER A C   1 
ATOM   277  O O   . SER A 1 33  ? 1.530   -16.132 -8.229  1.00 40.46 ? 211 SER A O   1 
ATOM   278  C CB  . SER A 1 33  ? 2.358   -16.387 -10.881 1.00 41.03 ? 211 SER A CB  1 
ATOM   279  O OG  . SER A 1 33  ? 1.407   -17.396 -10.577 1.00 44.71 ? 211 SER A OG  1 
ATOM   280  N N   . HIS A 1 34  ? 1.203   -13.916 -8.313  1.00 30.63 ? 212 HIS A N   1 
ATOM   281  C CA  . HIS A 1 34  ? 0.760   -13.799 -6.936  1.00 29.06 ? 212 HIS A CA  1 
ATOM   282  C C   . HIS A 1 34  ? -0.753  -13.993 -6.812  1.00 27.34 ? 212 HIS A C   1 
ATOM   283  O O   . HIS A 1 34  ? -1.516  -13.828 -7.767  1.00 24.51 ? 212 HIS A O   1 
ATOM   284  C CB  . HIS A 1 34  ? 1.171   -12.438 -6.383  1.00 22.67 ? 212 HIS A CB  1 
ATOM   285  C CG  . HIS A 1 34  ? 2.653   -12.285 -6.219  1.00 27.85 ? 212 HIS A CG  1 
ATOM   286  N ND1 . HIS A 1 34  ? 3.363   -11.249 -6.786  1.00 27.70 ? 212 HIS A ND1 1 
ATOM   287  C CD2 . HIS A 1 34  ? 3.552   -13.013 -5.510  1.00 24.85 ? 212 HIS A CD2 1 
ATOM   288  C CE1 . HIS A 1 34  ? 4.641   -11.365 -6.465  1.00 27.65 ? 212 HIS A CE1 1 
ATOM   289  N NE2 . HIS A 1 34  ? 4.782   -12.428 -5.692  1.00 26.85 ? 212 HIS A NE2 1 
ATOM   290  N N   . LYS A 1 35  ? -1.174  -14.360 -5.604  1.00 21.87 ? 213 LYS A N   1 
ATOM   291  C CA  . LYS A 1 35  ? -2.580  -14.388 -5.225  1.00 24.78 ? 213 LYS A CA  1 
ATOM   292  C C   . LYS A 1 35  ? -2.869  -13.165 -4.370  1.00 20.07 ? 213 LYS A C   1 
ATOM   293  O O   . LYS A 1 35  ? -2.241  -12.974 -3.320  1.00 20.94 ? 213 LYS A O   1 
ATOM   294  C CB  . LYS A 1 35  ? -2.953  -15.665 -4.464  1.00 26.59 ? 213 LYS A CB  1 
ATOM   295  C CG  . LYS A 1 35  ? -2.538  -16.944 -5.139  1.00 31.49 ? 213 LYS A CG  1 
ATOM   296  C CD  . LYS A 1 35  ? -3.299  -17.075 -6.446  1.00 38.06 ? 213 LYS A CD  1 
ATOM   297  C CE  . LYS A 1 35  ? -2.789  -18.236 -7.268  1.00 45.68 ? 213 LYS A CE  1 
ATOM   298  N NZ  . LYS A 1 35  ? -2.412  -17.861 -8.663  1.00 47.53 ? 213 LYS A NZ  1 
ATOM   299  N N   . LEU A 1 36  ? -3.850  -12.366 -4.795  1.00 21.42 ? 214 LEU A N   1 
ATOM   300  C CA  . LEU A 1 36  ? -4.105  -11.063 -4.205  1.00 16.86 ? 214 LEU A CA  1 
ATOM   301  C C   . LEU A 1 36  ? -5.546  -10.960 -3.748  1.00 19.37 ? 214 LEU A C   1 
ATOM   302  O O   . LEU A 1 36  ? -6.465  -11.441 -4.426  1.00 21.42 ? 214 LEU A O   1 
ATOM   303  C CB  . LEU A 1 36  ? -3.819  -9.947  -5.205  1.00 17.37 ? 214 LEU A CB  1 
ATOM   304  C CG  . LEU A 1 36  ? -2.423  -9.986  -5.809  1.00 21.23 ? 214 LEU A CG  1 
ATOM   305  C CD1 . LEU A 1 36  ? -2.355  -8.969  -6.941  1.00 24.06 ? 214 LEU A CD1 1 
ATOM   306  C CD2 . LEU A 1 36  ? -1.366  -9.676  -4.726  1.00 16.74 ? 214 LEU A CD2 1 
ATOM   307  N N   . LEU A 1 37  ? -5.729  -10.359 -2.584  1.00 13.15 ? 215 LEU A N   1 
ATOM   308  C CA  . LEU A 1 37  ? -7.011  -9.798  -2.189  1.00 20.16 ? 215 LEU A CA  1 
ATOM   309  C C   . LEU A 1 37  ? -6.902  -8.284  -2.253  1.00 18.21 ? 215 LEU A C   1 
ATOM   310  O O   . LEU A 1 37  ? -5.813  -7.707  -2.110  1.00 16.00 ? 215 LEU A O   1 
ATOM   311  C CB  . LEU A 1 37  ? -7.433  -10.223 -0.779  1.00 16.24 ? 215 LEU A CB  1 
ATOM   312  C CG  . LEU A 1 37  ? -7.616  -11.702 -0.449  1.00 19.05 ? 215 LEU A CG  1 
ATOM   313  C CD1 . LEU A 1 37  ? -7.812  -11.847 1.040   1.00 18.39 ? 215 LEU A CD1 1 
ATOM   314  C CD2 . LEU A 1 37  ? -8.816  -12.256 -1.207  1.00 16.19 ? 215 LEU A CD2 1 
ATOM   315  N N   . LEU A 1 38  ? -8.033  -7.631  -2.457  1.00 15.22 ? 216 LEU A N   1 
ATOM   316  C CA  . LEU A 1 38  ? -7.946  -6.183  -2.536  1.00 18.57 ? 216 LEU A CA  1 
ATOM   317  C C   . LEU A 1 38  ? -9.304  -5.595  -2.221  1.00 19.12 ? 216 LEU A C   1 
ATOM   318  O O   . LEU A 1 38  ? -10.337 -6.253  -2.406  1.00 16.33 ? 216 LEU A O   1 
ATOM   319  C CB  . LEU A 1 38  ? -7.421  -5.722  -3.904  1.00 17.29 ? 216 LEU A CB  1 
ATOM   320  C CG  . LEU A 1 38  ? -8.333  -5.843  -5.121  1.00 24.04 ? 216 LEU A CG  1 
ATOM   321  C CD1 . LEU A 1 38  ? -7.831  -5.011  -6.282  1.00 21.03 ? 216 LEU A CD1 1 
ATOM   322  C CD2 . LEU A 1 38  ? -8.289  -7.307  -5.558  1.00 30.08 ? 216 LEU A CD2 1 
ATOM   323  N N   . ASN A 1 39  ? -9.289  -4.369  -1.701  1.00 13.86 ? 217 ASN A N   1 
ATOM   324  C CA  . ASN A 1 39  ? -10.555 -3.695  -1.451  1.00 15.76 ? 217 ASN A CA  1 
ATOM   325  C C   . ASN A 1 39  ? -10.307 -2.209  -1.252  1.00 15.93 ? 217 ASN A C   1 
ATOM   326  O O   . ASN A 1 39  ? -9.206  -1.784  -0.895  1.00 16.37 ? 217 ASN A O   1 
ATOM   327  C CB  . ASN A 1 39  ? -11.301 -4.292  -0.240  1.00 12.86 ? 217 ASN A CB  1 
ATOM   328  C CG  . ASN A 1 39  ? -12.788 -4.416  -0.500  1.00 13.02 ? 217 ASN A CG  1 
ATOM   329  O OD1 . ASN A 1 39  ? -13.312 -3.809  -1.428  1.00 14.10 ? 217 ASN A OD1 1 
ATOM   330  N ND2 . ASN A 1 39  ? -13.465 -5.223  0.293   1.00 15.89 ? 217 ASN A ND2 1 
ATOM   331  N N   . ASP A 1 40  ? -11.349 -1.421  -1.505  1.00 15.11 ? 218 ASP A N   1 
ATOM   332  C CA  . ASP A 1 40  ? -11.302 0.017   -1.291  1.00 15.66 ? 218 ASP A CA  1 
ATOM   333  C C   . ASP A 1 40  ? -12.068 0.414   -0.039  1.00 15.91 ? 218 ASP A C   1 
ATOM   334  O O   . ASP A 1 40  ? -12.558 1.531   0.065   1.00 14.87 ? 218 ASP A O   1 
ATOM   335  C CB  . ASP A 1 40  ? -11.813 0.783   -2.518  1.00 17.10 ? 218 ASP A CB  1 
ATOM   336  C CG  . ASP A 1 40  ? -13.214 0.357   -2.966  1.00 20.45 ? 218 ASP A CG  1 
ATOM   337  O OD1 . ASP A 1 40  ? -13.852 -0.485  -2.298  1.00 16.26 ? 218 ASP A OD1 1 
ATOM   338  O OD2 . ASP A 1 40  ? -13.674 0.894   -3.997  1.00 20.16 ? 218 ASP A OD2 1 
ATOM   339  N N   . THR A 1 41  ? -12.190 -0.505  0.917   1.00 14.97 ? 219 THR A N   1 
ATOM   340  C CA  . THR A 1 41  ? -12.795 -0.182  2.194   1.00 16.01 ? 219 THR A CA  1 
ATOM   341  C C   . THR A 1 41  ? -11.786 0.550   3.084   1.00 14.60 ? 219 THR A C   1 
ATOM   342  O O   . THR A 1 41  ? -10.574 0.524   2.851   1.00 15.44 ? 219 THR A O   1 
ATOM   343  C CB  . THR A 1 41  ? -13.274 -1.459  2.897   1.00 16.57 ? 219 THR A CB  1 
ATOM   344  O OG1 . THR A 1 41  ? -12.238 -2.438  2.786   1.00 14.63 ? 219 THR A OG1 1 
ATOM   345  C CG2 . THR A 1 41  ? -14.584 -2.002  2.252   1.00 16.85 ? 219 THR A CG2 1 
ATOM   346  N N   . ASN A 1 42  ? -12.309 1.227   4.104   1.00 14.56 ? 220 ASN A N   1 
ATOM   347  C CA  . ASN A 1 42  ? -11.468 1.860   5.115   1.00 18.13 ? 220 ASN A CA  1 
ATOM   348  C C   . ASN A 1 42  ? -10.901 0.779   6.032   1.00 17.32 ? 220 ASN A C   1 
ATOM   349  O O   . ASN A 1 42  ? -11.658 0.110   6.742   1.00 18.24 ? 220 ASN A O   1 
ATOM   350  C CB  . ASN A 1 42  ? -12.286 2.861   5.929   1.00 17.30 ? 220 ASN A CB  1 
ATOM   351  C CG  . ASN A 1 42  ? -11.417 3.733   6.853   1.00 18.74 ? 220 ASN A CG  1 
ATOM   352  O OD1 . ASN A 1 42  ? -10.269 3.405   7.154   1.00 17.27 ? 220 ASN A OD1 1 
ATOM   353  N ND2 . ASN A 1 42  ? -11.979 4.841   7.306   1.00 17.38 ? 220 ASN A ND2 1 
ATOM   354  N N   . ILE A 1 43  ? -9.575  0.605   6.031   1.00 17.98 ? 221 ILE A N   1 
ATOM   355  C CA  . ILE A 1 43  ? -8.990  -0.437  6.882   1.00 16.15 ? 221 ILE A CA  1 
ATOM   356  C C   . ILE A 1 43  ? -8.796  0.008   8.321   1.00 14.33 ? 221 ILE A C   1 
ATOM   357  O O   . ILE A 1 43  ? -8.523  -0.837  9.192   1.00 15.89 ? 221 ILE A O   1 
ATOM   358  C CB  . ILE A 1 43  ? -7.658  -0.940  6.292   1.00 13.08 ? 221 ILE A CB  1 
ATOM   359  C CG1 . ILE A 1 43  ? -6.642  0.213   6.190   1.00 15.41 ? 221 ILE A CG1 1 
ATOM   360  C CG2 . ILE A 1 43  ? -7.913  -1.666  4.948   1.00 13.88 ? 221 ILE A CG2 1 
ATOM   361  C CD1 . ILE A 1 43  ? -5.230  -0.208  5.795   1.00 15.97 ? 221 ILE A CD1 1 
ATOM   362  N N   . LEU A 1 44  ? -8.927  1.302   8.616   1.00 13.94 ? 222 LEU A N   1 
ATOM   363  C CA  . LEU A 1 44  ? -8.699  1.809   9.969   1.00 15.06 ? 222 LEU A CA  1 
ATOM   364  C C   . LEU A 1 44  ? -9.787  2.806   10.380  1.00 17.43 ? 222 LEU A C   1 
ATOM   365  O O   . LEU A 1 44  ? -9.506  3.965   10.701  1.00 16.42 ? 222 LEU A O   1 
ATOM   366  C CB  . LEU A 1 44  ? -7.298  2.421   10.081  1.00 14.31 ? 222 LEU A CB  1 
ATOM   367  C CG  . LEU A 1 44  ? -6.150  1.404   10.083  1.00 13.37 ? 222 LEU A CG  1 
ATOM   368  C CD1 . LEU A 1 44  ? -4.829  1.987   9.509   1.00 16.36 ? 222 LEU A CD1 1 
ATOM   369  C CD2 . LEU A 1 44  ? -5.932  0.848   11.506  1.00 14.10 ? 222 LEU A CD2 1 
ATOM   370  N N   . PRO A 1 45  ? -11.048 2.363   10.440  1.00 18.81 ? 223 PRO A N   1 
ATOM   371  C CA  . PRO A 1 45  ? -12.093 3.231   11.002  1.00 17.97 ? 223 PRO A CA  1 
ATOM   372  C C   . PRO A 1 45  ? -11.709 3.685   12.402  1.00 21.68 ? 223 PRO A C   1 
ATOM   373  O O   . PRO A 1 45  ? -11.382 2.868   13.271  1.00 16.07 ? 223 PRO A O   1 
ATOM   374  C CB  . PRO A 1 45  ? -13.326 2.319   11.030  1.00 18.48 ? 223 PRO A CB  1 
ATOM   375  C CG  . PRO A 1 45  ? -13.041 1.245   10.013  1.00 20.43 ? 223 PRO A CG  1 
ATOM   376  C CD  . PRO A 1 45  ? -11.562 1.005   10.189  1.00 19.13 ? 223 PRO A CD  1 
ATOM   377  N N   . GLY A 1 46  ? -11.712 5.000   12.614  1.00 18.31 ? 224 GLY A N   1 
ATOM   378  C CA  . GLY A 1 46  ? -11.308 5.526   13.899  1.00 21.01 ? 224 GLY A CA  1 
ATOM   379  C C   . GLY A 1 46  ? -9.859  5.288   14.241  1.00 23.41 ? 224 GLY A C   1 
ATOM   380  O O   . GLY A 1 46  ? -9.488  5.379   15.418  1.00 24.74 ? 224 GLY A O   1 
ATOM   381  N N   . ALA A 1 47  ? -9.023  5.004   13.233  1.00 20.17 ? 225 ALA A N   1 
ATOM   382  C CA  . ALA A 1 47  ? -7.603  4.698   13.411  1.00 20.41 ? 225 ALA A CA  1 
ATOM   383  C C   . ALA A 1 47  ? -7.393  3.467   14.307  1.00 22.57 ? 225 ALA A C   1 
ATOM   384  O O   . ALA A 1 47  ? -6.416  3.383   15.060  1.00 16.95 ? 225 ALA A O   1 
ATOM   385  C CB  . ALA A 1 47  ? -6.827  5.917   13.938  1.00 17.26 ? 225 ALA A CB  1 
ATOM   386  N N   . GLU A 1 48  ? -8.318  2.504   14.219  1.00 18.00 ? 226 GLU A N   1 
ATOM   387  C CA  . GLU A 1 48  ? -8.243  1.160   14.785  1.00 23.45 ? 226 GLU A CA  1 
ATOM   388  C C   . GLU A 1 48  ? -8.515  0.162   13.666  1.00 18.14 ? 226 GLU A C   1 
ATOM   389  O O   . GLU A 1 48  ? -9.356  0.428   12.804  1.00 16.98 ? 226 GLU A O   1 
ATOM   390  C CB  . GLU A 1 48  ? -9.276  0.939   15.916  1.00 22.84 ? 226 GLU A CB  1 
ATOM   391  C CG  . GLU A 1 48  ? -9.069  1.798   17.162  1.00 28.98 ? 226 GLU A CG  1 
ATOM   392  C CD  . GLU A 1 48  ? -7.900  1.343   18.007  1.00 34.02 ? 226 GLU A CD  1 
ATOM   393  O OE1 . GLU A 1 48  ? -7.885  0.153   18.402  1.00 43.40 ? 226 GLU A OE1 1 
ATOM   394  O OE2 . GLU A 1 48  ? -6.993  2.161   18.278  1.00 42.21 ? 226 GLU A OE2 1 
ATOM   395  N N   . PRO A 1 49  ? -7.834  -0.981  13.656  1.00 17.79 ? 227 PRO A N   1 
ATOM   396  C CA  . PRO A 1 49  ? -8.067  -1.963  12.593  1.00 15.38 ? 227 PRO A CA  1 
ATOM   397  C C   . PRO A 1 49  ? -9.542  -2.333  12.510  1.00 20.04 ? 227 PRO A C   1 
ATOM   398  O O   . PRO A 1 49  ? -10.206 -2.548  13.526  1.00 17.28 ? 227 PRO A O   1 
ATOM   399  C CB  . PRO A 1 49  ? -7.224  -3.165  13.037  1.00 17.77 ? 227 PRO A CB  1 
ATOM   400  C CG  . PRO A 1 49  ? -6.192  -2.597  13.913  1.00 16.73 ? 227 PRO A CG  1 
ATOM   401  C CD  . PRO A 1 49  ? -6.843  -1.459  14.630  1.00 18.36 ? 227 PRO A CD  1 
ATOM   402  N N   . SER A 1 50  ? -10.056 -2.393  11.288  1.00 17.10 ? 228 SER A N   1 
ATOM   403  C CA  . SER A 1 50  ? -11.377 -2.952  11.069  1.00 21.48 ? 228 SER A CA  1 
ATOM   404  C C   . SER A 1 50  ? -11.337 -4.470  11.179  1.00 20.63 ? 228 SER A C   1 
ATOM   405  O O   . SER A 1 50  ? -10.294 -5.109  11.024  1.00 17.92 ? 228 SER A O   1 
ATOM   406  C CB  . SER A 1 50  ? -11.896 -2.592  9.692   1.00 19.23 ? 228 SER A CB  1 
ATOM   407  O OG  . SER A 1 50  ? -11.106 -3.241  8.714   1.00 17.42 ? 228 SER A OG  1 
ATOM   408  N N   . ALA A 1 51  ? -12.510 -5.055  11.420  1.00 24.25 ? 229 ALA A N   1 
ATOM   409  C CA  . ALA A 1 51  ? -12.638 -6.510  11.427  1.00 23.40 ? 229 ALA A CA  1 
ATOM   410  C C   . ALA A 1 51  ? -12.117 -7.130  10.122  1.00 21.99 ? 229 ALA A C   1 
ATOM   411  O O   . ALA A 1 51  ? -11.440 -8.168  10.137  1.00 20.80 ? 229 ALA A O   1 
ATOM   412  C CB  . ALA A 1 51  ? -14.106 -6.889  11.666  1.00 26.82 ? 229 ALA A CB  1 
ATOM   413  N N   . GLU A 1 52  ? -12.385 -6.470  8.987   1.00 20.01 ? 230 GLU A N   1 
ATOM   414  C CA  . GLU A 1 52  ? -12.012 -6.997  7.663   1.00 21.08 ? 230 GLU A CA  1 
ATOM   415  C C   . GLU A 1 52  ? -10.507 -6.997  7.521   1.00 18.86 ? 230 GLU A C   1 
ATOM   416  O O   . GLU A 1 52  ? -9.929  -7.976  7.051   1.00 19.22 ? 230 GLU A O   1 
ATOM   417  C CB  . GLU A 1 52  ? -12.578 -6.083  6.578   1.00 20.44 ? 230 GLU A CB  1 
ATOM   418  C CG  . GLU A 1 52  ? -14.022 -6.114  6.588   1.00 32.67 ? 230 GLU A CG  1 
ATOM   419  C CD  . GLU A 1 52  ? -14.443 -5.144  7.718   1.00 36.15 ? 230 GLU A CD  1 
ATOM   420  O OE1 . GLU A 1 52  ? -13.527 -4.544  8.294   1.00 46.23 ? 230 GLU A OE1 1 
ATOM   421  O OE2 . GLU A 1 52  ? -15.590 -5.058  8.185   1.00 43.89 ? 230 GLU A OE2 1 
ATOM   422  N N   . LEU A 1 53  ? -9.870  -5.909  7.950   1.00 19.34 ? 231 LEU A N   1 
ATOM   423  C CA  . LEU A 1 53  ? -8.412  -5.851  7.963   1.00 18.91 ? 231 LEU A CA  1 
ATOM   424  C C   . LEU A 1 53  ? -7.835  -6.997  8.784   1.00 15.33 ? 231 LEU A C   1 
ATOM   425  O O   . LEU A 1 53  ? -6.914  -7.693  8.347   1.00 15.80 ? 231 LEU A O   1 
ATOM   426  C CB  . LEU A 1 53  ? -7.934  -4.505  8.529   1.00 12.35 ? 231 LEU A CB  1 
ATOM   427  C CG  . LEU A 1 53  ? -6.411  -4.394  8.595   1.00 12.68 ? 231 LEU A CG  1 
ATOM   428  C CD1 . LEU A 1 53  ? -5.859  -4.481  7.183   1.00 17.58 ? 231 LEU A CD1 1 
ATOM   429  C CD2 . LEU A 1 53  ? -5.956  -3.105  9.313   1.00 14.04 ? 231 LEU A CD2 1 
ATOM   430  N N   . LEU A 1 54  ? -8.343  -7.190  9.998   1.00 16.22 ? 232 LEU A N   1 
ATOM   431  C CA  . LEU A 1 54  ? -7.809  -8.249  10.846  1.00 16.70 ? 232 LEU A CA  1 
ATOM   432  C C   . LEU A 1 54  ? -7.911  -9.613  10.158  1.00 17.08 ? 232 LEU A C   1 
ATOM   433  O O   . LEU A 1 54  ? -6.928  -10.366 10.106  1.00 16.37 ? 232 LEU A O   1 
ATOM   434  C CB  . LEU A 1 54  ? -8.517  -8.243  12.208  1.00 15.42 ? 232 LEU A CB  1 
ATOM   435  C CG  . LEU A 1 54  ? -8.157  -7.060  13.135  1.00 15.27 ? 232 LEU A CG  1 
ATOM   436  C CD1 . LEU A 1 54  ? -8.948  -7.182  14.431  1.00 20.63 ? 232 LEU A CD1 1 
ATOM   437  C CD2 . LEU A 1 54  ? -6.654  -6.980  13.441  1.00 14.14 ? 232 LEU A CD2 1 
ATOM   438  N N   . MET A 1 55  ? -9.070  -9.922  9.557   1.00 18.63 ? 233 MET A N   1 
ATOM   439  C CA  . MET A 1 55  ? -9.191  -11.185 8.814   1.00 22.10 ? 233 MET A CA  1 
ATOM   440  C C   . MET A 1 55  ? -8.181  -11.272 7.675   1.00 22.26 ? 233 MET A C   1 
ATOM   441  O O   . MET A 1 55  ? -7.499  -12.300 7.499   1.00 21.14 ? 233 MET A O   1 
ATOM   442  C CB  . MET A 1 55  ? -10.596 -11.353 8.262   1.00 26.94 ? 233 MET A CB  1 
ATOM   443  C CG  . MET A 1 55  ? -11.671 -11.135 9.277   1.00 30.89 ? 233 MET A CG  1 
ATOM   444  S SD  . MET A 1 55  ? -13.135 -12.002 8.741   1.00 55.93 ? 233 MET A SD  1 
ATOM   445  C CE  . MET A 1 55  ? -13.970 -10.712 7.821   1.00 27.41 ? 233 MET A CE  1 
ATOM   446  N N   . ASN A 1 56  ? -8.055  -10.182 6.898   1.00 21.27 ? 234 ASN A N   1 
ATOM   447  C CA  . ASN A 1 56  ? -7.241  -10.214 5.687   1.00 20.97 ? 234 ASN A CA  1 
ATOM   448  C C   . ASN A 1 56  ? -5.756  -10.291 6.021   1.00 19.20 ? 234 ASN A C   1 
ATOM   449  O O   . ASN A 1 56  ? -5.005  -11.036 5.383   1.00 22.83 ? 234 ASN A O   1 
ATOM   450  C CB  . ASN A 1 56  ? -7.526  -8.976  4.827   1.00 23.18 ? 234 ASN A CB  1 
ATOM   451  C CG  . ASN A 1 56  ? -8.893  -9.025  4.175   1.00 26.86 ? 234 ASN A CG  1 
ATOM   452  O OD1 . ASN A 1 56  ? -9.358  -10.082 3.753   1.00 33.23 ? 234 ASN A OD1 1 
ATOM   453  N ND2 . ASN A 1 56  ? -9.550  -7.869  4.093   1.00 29.27 ? 234 ASN A ND2 1 
ATOM   454  N N   . ILE A 1 57  ? -5.308  -9.494  6.980   1.00 17.55 ? 235 ILE A N   1 
ATOM   455  C CA  . ILE A 1 57  ? -3.958  -9.644  7.505   1.00 21.54 ? 235 ILE A CA  1 
ATOM   456  C C   . ILE A 1 57  ? -3.715  -11.074 7.942   1.00 21.70 ? 235 ILE A C   1 
ATOM   457  O O   . ILE A 1 57  ? -2.646  -11.647 7.678   1.00 22.23 ? 235 ILE A O   1 
ATOM   458  C CB  . ILE A 1 57  ? -3.718  -8.657  8.664   1.00 22.94 ? 235 ILE A CB  1 
ATOM   459  C CG1 . ILE A 1 57  ? -3.627  -7.224  8.138   1.00 22.71 ? 235 ILE A CG1 1 
ATOM   460  C CG2 . ILE A 1 57  ? -2.501  -9.059  9.479   1.00 27.83 ? 235 ILE A CG2 1 
ATOM   461  C CD1 . ILE A 1 57  ? -2.290  -6.919  7.492   1.00 30.61 ? 235 ILE A CD1 1 
ATOM   462  N N   . SER A 1 58  ? -4.688  -11.678 8.630   1.00 20.05 ? 236 SER A N   1 
ATOM   463  C CA  . SER A 1 58  ? -4.426  -13.022 9.110   1.00 18.58 ? 236 SER A CA  1 
ATOM   464  C C   . SER A 1 58  ? -4.292  -14.019 7.966   1.00 21.05 ? 236 SER A C   1 
ATOM   465  O O   . SER A 1 58  ? -3.639  -15.054 8.146   1.00 22.99 ? 236 SER A O   1 
ATOM   466  C CB  . SER A 1 58  ? -5.504  -13.444 10.126  1.00 20.37 ? 236 SER A CB  1 
ATOM   467  O OG  . SER A 1 58  ? -6.707  -13.804 9.488   1.00 28.02 ? 236 SER A OG  1 
ATOM   468  N N   . ARG A 1 59  ? -4.838  -13.726 6.780   1.00 18.06 ? 237 ARG A N   1 
ATOM   469  C CA  . ARG A 1 59  ? -4.695  -14.663 5.666   1.00 17.70 ? 237 ARG A CA  1 
ATOM   470  C C   . ARG A 1 59  ? -3.806  -14.176 4.506   1.00 21.92 ? 237 ARG A C   1 
ATOM   471  O O   . ARG A 1 59  ? -3.728  -14.873 3.485   1.00 18.39 ? 237 ARG A O   1 
ATOM   472  C CB  . ARG A 1 59  ? -6.085  -15.066 5.145   1.00 20.71 ? 237 ARG A CB  1 
ATOM   473  C CG  . ARG A 1 59  ? -6.944  -13.892 4.766   1.00 23.79 ? 237 ARG A CG  1 
ATOM   474  C CD  . ARG A 1 59  ? -8.405  -14.275 4.590   1.00 32.74 ? 237 ARG A CD  1 
ATOM   475  N NE  . ARG A 1 59  ? -9.206  -13.083 4.315   1.00 32.64 ? 237 ARG A NE  1 
ATOM   476  C CZ  . ARG A 1 59  ? -10.533 -13.049 4.313   1.00 31.98 ? 237 ARG A CZ  1 
ATOM   477  N NH1 . ARG A 1 59  ? -11.228 -14.159 4.561   1.00 38.56 ? 237 ARG A NH1 1 
ATOM   478  N NH2 . ARG A 1 59  ? -11.167 -11.907 4.060   1.00 33.18 ? 237 ARG A NH2 1 
ATOM   479  N N   . CYS A 1 60  ? -3.103  -13.032 4.637   1.00 18.59 ? 238 CYS A N   1 
ATOM   480  C CA  . CYS A 1 60  ? -2.214  -12.527 3.588   1.00 17.58 ? 238 CYS A CA  1 
ATOM   481  C C   . CYS A 1 60  ? -0.796  -12.319 4.110   1.00 18.21 ? 238 CYS A C   1 
ATOM   482  O O   . CYS A 1 60  ? -0.588  -11.901 5.254   1.00 17.67 ? 238 CYS A O   1 
ATOM   483  C CB  . CYS A 1 60  ? -2.717  -11.197 2.992   1.00 15.54 ? 238 CYS A CB  1 
ATOM   484  S SG  . CYS A 1 60  ? -4.361  -11.290 2.280   1.00 15.46 ? 238 CYS A SG  1 
ATOM   485  N N   . GLN A 1 61  ? 0.187   -12.585 3.244   1.00 19.66 ? 239 GLN A N   1 
ATOM   486  C CA  . GLN A 1 61  ? 1.584   -12.500 3.651   1.00 18.60 ? 239 GLN A CA  1 
ATOM   487  C C   . GLN A 1 61  ? 2.134   -11.081 3.663   1.00 22.10 ? 239 GLN A C   1 
ATOM   488  O O   . GLN A 1 61  ? 3.155   -10.843 4.317   1.00 20.96 ? 239 GLN A O   1 
ATOM   489  C CB  . GLN A 1 61  ? 2.462   -13.351 2.745   1.00 18.68 ? 239 GLN A CB  1 
ATOM   490  C CG  . GLN A 1 61  ? 2.260   -14.830 2.919   1.00 30.25 ? 239 GLN A CG  1 
ATOM   491  C CD  . GLN A 1 61  ? 3.418   -15.619 2.363   1.00 30.24 ? 239 GLN A CD  1 
ATOM   492  O OE1 . GLN A 1 61  ? 3.272   -16.357 1.396   1.00 34.86 ? 239 GLN A OE1 1 
ATOM   493  N NE2 . GLN A 1 61  ? 4.592   -15.447 2.962   1.00 34.56 ? 239 GLN A NE2 1 
ATOM   494  N N   . ARG A 1 62  ? 1.500   -10.149 2.953   1.00 17.48 ? 240 ARG A N   1 
ATOM   495  C CA  . ARG A 1 62  ? 1.954   -8.766  2.858   1.00 16.79 ? 240 ARG A CA  1 
ATOM   496  C C   . ARG A 1 62  ? 0.743   -7.848  2.842   1.00 18.68 ? 240 ARG A C   1 
ATOM   497  O O   . ARG A 1 62  ? -0.371  -8.260  2.500   1.00 12.24 ? 240 ARG A O   1 
ATOM   498  C CB  . ARG A 1 62  ? 2.755   -8.499  1.566   1.00 14.37 ? 240 ARG A CB  1 
ATOM   499  C CG  . ARG A 1 62  ? 3.977   -9.383  1.339   1.00 19.11 ? 240 ARG A CG  1 
ATOM   500  C CD  . ARG A 1 62  ? 5.178   -9.027  2.240   1.00 18.24 ? 240 ARG A CD  1 
ATOM   501  N NE  . ARG A 1 62  ? 6.287   -9.917  1.911   1.00 23.56 ? 240 ARG A NE  1 
ATOM   502  C CZ  . ARG A 1 62  ? 6.501   -11.096 2.497   1.00 27.22 ? 240 ARG A CZ  1 
ATOM   503  N NH1 . ARG A 1 62  ? 5.699   -11.512 3.469   1.00 22.19 ? 240 ARG A NH1 1 
ATOM   504  N NH2 . ARG A 1 62  ? 7.519   -11.856 2.112   1.00 26.47 ? 240 ARG A NH2 1 
ATOM   505  N N   . LEU A 1 63  ? 0.991   -6.578  3.160   1.00 13.82 ? 241 LEU A N   1 
ATOM   506  C CA  . LEU A 1 63  ? 0.020   -5.502  3.012   1.00 13.75 ? 241 LEU A CA  1 
ATOM   507  C C   . LEU A 1 63  ? 0.613   -4.466  2.068   1.00 15.79 ? 241 LEU A C   1 
ATOM   508  O O   . LEU A 1 63  ? 1.701   -3.947  2.330   1.00 11.48 ? 241 LEU A O   1 
ATOM   509  C CB  . LEU A 1 63  ? -0.303  -4.866  4.369   1.00 12.16 ? 241 LEU A CB  1 
ATOM   510  C CG  . LEU A 1 63  ? -1.194  -3.625  4.314   1.00 17.17 ? 241 LEU A CG  1 
ATOM   511  C CD1 . LEU A 1 63  ? -2.543  -3.959  3.680   1.00 13.59 ? 241 LEU A CD1 1 
ATOM   512  C CD2 . LEU A 1 63  ? -1.388  -3.061  5.710   1.00 14.24 ? 241 LEU A CD2 1 
ATOM   513  N N   . ILE A 1 64  ? -0.095  -4.178  0.981   1.00 13.02 ? 242 ILE A N   1 
ATOM   514  C CA  . ILE A 1 64  ? 0.250   -3.101  0.059   1.00 13.81 ? 242 ILE A CA  1 
ATOM   515  C C   . ILE A 1 64  ? -0.786  -2.003  0.213   1.00 15.66 ? 242 ILE A C   1 
ATOM   516  O O   . ILE A 1 64  ? -1.987  -2.267  0.109   1.00 14.84 ? 242 ILE A O   1 
ATOM   517  C CB  . ILE A 1 64  ? 0.294   -3.596  -1.400  1.00 15.80 ? 242 ILE A CB  1 
ATOM   518  C CG1 . ILE A 1 64  ? 1.333   -4.706  -1.557  1.00 18.50 ? 242 ILE A CG1 1 
ATOM   519  C CG2 . ILE A 1 64  ? 0.543   -2.420  -2.350  1.00 14.00 ? 242 ILE A CG2 1 
ATOM   520  C CD1 . ILE A 1 64  ? 1.354   -5.347  -2.921  1.00 13.88 ? 242 ILE A CD1 1 
ATOM   521  N N   . VAL A 1 65  ? -0.335  -0.770  0.438   1.00 11.74 ? 243 VAL A N   1 
ATOM   522  C CA  . VAL A 1 65  ? -1.232  0.377   0.499   1.00 10.76 ? 243 VAL A CA  1 
ATOM   523  C C   . VAL A 1 65  ? -0.885  1.283   -0.678  1.00 12.15 ? 243 VAL A C   1 
ATOM   524  O O   . VAL A 1 65  ? 0.290   1.605   -0.897  1.00 14.85 ? 243 VAL A O   1 
ATOM   525  C CB  . VAL A 1 65  ? -1.131  1.118   1.850   1.00 10.55 ? 243 VAL A CB  1 
ATOM   526  C CG1 . VAL A 1 65  ? -2.102  2.303   1.901   1.00 11.79 ? 243 VAL A CG1 1 
ATOM   527  C CG2 . VAL A 1 65  ? -1.391  0.157   3.019   1.00 12.60 ? 243 VAL A CG2 1 
ATOM   528  N N   . VAL A 1 66  ? -1.891  1.634   -1.472  1.00 13.75 ? 244 VAL A N   1 
ATOM   529  C CA  . VAL A 1 66  ? -1.721  2.579   -2.580  1.00 11.36 ? 244 VAL A CA  1 
ATOM   530  C C   . VAL A 1 66  ? -1.950  3.952   -1.968  1.00 12.24 ? 244 VAL A C   1 
ATOM   531  O O   . VAL A 1 66  ? -3.077  4.431   -1.853  1.00 12.10 ? 244 VAL A O   1 
ATOM   532  C CB  . VAL A 1 66  ? -2.663  2.285   -3.738  1.00 15.17 ? 244 VAL A CB  1 
ATOM   533  C CG1 . VAL A 1 66  ? -2.461  3.327   -4.857  1.00 14.02 ? 244 VAL A CG1 1 
ATOM   534  C CG2 . VAL A 1 66  ? -2.434  0.859   -4.224  1.00 15.46 ? 244 VAL A CG2 1 
ATOM   535  N N   . LEU A 1 67  ? -0.847  4.575   -1.541  1.00 13.01 ? 245 LEU A N   1 
ATOM   536  C CA  . LEU A 1 67  ? -0.895  5.742   -0.664  1.00 15.02 ? 245 LEU A CA  1 
ATOM   537  C C   . LEU A 1 67  ? -0.877  7.025   -1.488  1.00 16.47 ? 245 LEU A C   1 
ATOM   538  O O   . LEU A 1 67  ? 0.083   7.791   -1.487  1.00 13.51 ? 245 LEU A O   1 
ATOM   539  C CB  . LEU A 1 67  ? 0.266   5.718   0.323   1.00 12.92 ? 245 LEU A CB  1 
ATOM   540  C CG  . LEU A 1 67  ? -0.006  6.600   1.542   1.00 12.62 ? 245 LEU A CG  1 
ATOM   541  C CD1 . LEU A 1 67  ? -0.982  5.942   2.563   1.00 14.06 ? 245 LEU A CD1 1 
ATOM   542  C CD2 . LEU A 1 67  ? 1.311   7.091   2.185   1.00 12.74 ? 245 LEU A CD2 1 
ATOM   543  N N   . SER A 1 68  ? -1.976  7.251   -2.198  1.00 18.14 ? 246 SER A N   1 
ATOM   544  C CA  . SER A 1 68  ? -2.123  8.464   -2.985  1.00 14.96 ? 246 SER A CA  1 
ATOM   545  C C   . SER A 1 68  ? -2.650  9.612   -2.120  1.00 14.79 ? 246 SER A C   1 
ATOM   546  O O   . SER A 1 68  ? -3.124  9.409   -1.000  1.00 14.86 ? 246 SER A O   1 
ATOM   547  C CB  . SER A 1 68  ? -3.063  8.196   -4.165  1.00 17.21 ? 246 SER A CB  1 
ATOM   548  O OG  . SER A 1 68  ? -4.379  7.911   -3.714  1.00 18.01 ? 246 SER A OG  1 
ATOM   549  N N   . GLN A 1 69  ? -2.577  10.839  -2.657  1.00 17.35 ? 247 GLN A N   1 
ATOM   550  C CA  . GLN A 1 69  ? -3.216  11.967  -1.974  1.00 17.75 ? 247 GLN A CA  1 
ATOM   551  C C   . GLN A 1 69  ? -4.684  11.665  -1.666  1.00 14.46 ? 247 GLN A C   1 
ATOM   552  O O   . GLN A 1 69  ? -5.190  11.990  -0.575  1.00 18.32 ? 247 GLN A O   1 
ATOM   553  C CB  . GLN A 1 69  ? -3.126  13.234  -2.827  1.00 17.84 ? 247 GLN A CB  1 
ATOM   554  C CG  . GLN A 1 69  ? -3.638  14.518  -2.146  1.00 24.99 ? 247 GLN A CG  1 
ATOM   555  C CD  . GLN A 1 69  ? -3.410  14.619  -0.617  1.00 36.54 ? 247 GLN A CD  1 
ATOM   556  O OE1 . GLN A 1 69  ? -2.378  14.176  -0.080  1.00 33.61 ? 247 GLN A OE1 1 
ATOM   557  N NE2 . GLN A 1 69  ? -4.404  15.172  0.088   1.00 35.62 ? 247 GLN A NE2 1 
ATOM   558  N N   . SER A 1 70  ? -5.390  11.039  -2.616  1.00 13.64 ? 248 SER A N   1 
ATOM   559  C CA  . SER A 1 70  ? -6.786  10.682  -2.359  1.00 13.67 ? 248 SER A CA  1 
ATOM   560  C C   . SER A 1 70  ? -6.888  9.716   -1.187  1.00 15.33 ? 248 SER A C   1 
ATOM   561  O O   . SER A 1 70  ? -7.750  9.869   -0.308  1.00 12.83 ? 248 SER A O   1 
ATOM   562  C CB  . SER A 1 70  ? -7.423  10.072  -3.610  1.00 16.67 ? 248 SER A CB  1 
ATOM   563  O OG  . SER A 1 70  ? -7.376  10.972  -4.709  1.00 24.47 ? 248 SER A OG  1 
ATOM   564  N N   . TYR A 1 71  ? -6.029  8.690   -1.173  1.00 14.31 ? 249 TYR A N   1 
ATOM   565  C CA  . TYR A 1 71  ? -6.027  7.760   -0.043  1.00 14.93 ? 249 TYR A CA  1 
ATOM   566  C C   . TYR A 1 71  ? -5.837  8.508   1.264   1.00 15.10 ? 249 TYR A C   1 
ATOM   567  O O   . TYR A 1 71  ? -6.574  8.290   2.237   1.00 13.54 ? 249 TYR A O   1 
ATOM   568  C CB  . TYR A 1 71  ? -4.938  6.706   -0.224  1.00 13.53 ? 249 TYR A CB  1 
ATOM   569  C CG  . TYR A 1 71  ? -5.082  5.525   0.724   1.00 16.66 ? 249 TYR A CG  1 
ATOM   570  C CD1 . TYR A 1 71  ? -4.778  5.650   2.081   1.00 12.93 ? 249 TYR A CD1 1 
ATOM   571  C CD2 . TYR A 1 71  ? -5.564  4.295   0.266   1.00 13.84 ? 249 TYR A CD2 1 
ATOM   572  C CE1 . TYR A 1 71  ? -4.918  4.556   2.961   1.00 14.17 ? 249 TYR A CE1 1 
ATOM   573  C CE2 . TYR A 1 71  ? -5.708  3.207   1.128   1.00 14.14 ? 249 TYR A CE2 1 
ATOM   574  C CZ  . TYR A 1 71  ? -5.392  3.350   2.467   1.00 14.22 ? 249 TYR A CZ  1 
ATOM   575  O OH  . TYR A 1 71  ? -5.539  2.284   3.306   1.00 15.51 ? 249 TYR A OH  1 
ATOM   576  N N   . LEU A 1 72  ? -4.875  9.431   1.287   1.00 14.13 ? 250 LEU A N   1 
ATOM   577  C CA  . LEU A 1 72  ? -4.565  10.198  2.479   1.00 16.00 ? 250 LEU A CA  1 
ATOM   578  C C   . LEU A 1 72  ? -5.646  11.206  2.860   1.00 17.02 ? 250 LEU A C   1 
ATOM   579  O O   . LEU A 1 72  ? -5.505  11.854  3.899   1.00 13.74 ? 250 LEU A O   1 
ATOM   580  C CB  . LEU A 1 72  ? -3.220  10.899  2.306   1.00 16.50 ? 250 LEU A CB  1 
ATOM   581  C CG  . LEU A 1 72  ? -2.046  9.917   2.247   1.00 15.79 ? 250 LEU A CG  1 
ATOM   582  C CD1 . LEU A 1 72  ? -0.833  10.573  1.605   1.00 16.07 ? 250 LEU A CD1 1 
ATOM   583  C CD2 . LEU A 1 72  ? -1.724  9.394   3.661   1.00 14.31 ? 250 LEU A CD2 1 
ATOM   584  N N   . GLU A 1 73  ? -6.720  11.354  2.084   1.00 16.62 ? 251 GLU A N   1 
ATOM   585  C CA  . GLU A 1 73  ? -7.850  12.136  2.597   1.00 14.76 ? 251 GLU A CA  1 
ATOM   586  C C   . GLU A 1 73  ? -8.805  11.347  3.509   1.00 18.59 ? 251 GLU A C   1 
ATOM   587  O O   . GLU A 1 73  ? -9.736  11.938  4.074   1.00 16.89 ? 251 GLU A O   1 
ATOM   588  C CB  . GLU A 1 73  ? -8.610  12.759  1.420   1.00 21.64 ? 251 GLU A CB  1 
ATOM   589  C CG  . GLU A 1 73  ? -7.768  13.862  0.788   1.00 23.95 ? 251 GLU A CG  1 
ATOM   590  C CD  . GLU A 1 73  ? -8.344  14.454  -0.483  1.00 29.83 ? 251 GLU A CD  1 
ATOM   591  O OE1 . GLU A 1 73  ? -9.327  13.902  -1.023  1.00 26.52 ? 251 GLU A OE1 1 
ATOM   592  O OE2 . GLU A 1 73  ? -7.785  15.486  -0.937  1.00 34.38 ? 251 GLU A OE2 1 
ATOM   593  N N   . GLN A 1 74  ? -8.591  10.050  3.710   1.00 17.79 ? 252 GLN A N   1 
ATOM   594  C CA  . GLN A 1 74  ? -9.407  9.305   4.665   1.00 18.92 ? 252 GLN A CA  1 
ATOM   595  C C   . GLN A 1 74  ? -9.231  9.838   6.077   1.00 19.59 ? 252 GLN A C   1 
ATOM   596  O O   . GLN A 1 74  ? -8.187  10.384  6.430   1.00 16.87 ? 252 GLN A O   1 
ATOM   597  C CB  . GLN A 1 74  ? -9.040  7.835   4.637   1.00 16.44 ? 252 GLN A CB  1 
ATOM   598  C CG  . GLN A 1 74  ? -9.700  7.124   3.506   1.00 19.04 ? 252 GLN A CG  1 
ATOM   599  C CD  . GLN A 1 74  ? -9.161  5.741   3.369   1.00 19.57 ? 252 GLN A CD  1 
ATOM   600  O OE1 . GLN A 1 74  ? -9.830  4.785   3.715   1.00 16.49 ? 252 GLN A OE1 1 
ATOM   601  N NE2 . GLN A 1 74  ? -7.954  5.620   2.831   1.00 18.45 ? 252 GLN A NE2 1 
ATOM   602  N N   . GLU A 1 75  ? -10.248 9.612   6.910   1.00 23.82 ? 253 GLU A N   1 
ATOM   603  C CA  . GLU A 1 75  ? -10.272 10.233  8.232   1.00 23.94 ? 253 GLU A CA  1 
ATOM   604  C C   . GLU A 1 75  ? -9.033  9.874   9.060   1.00 22.94 ? 253 GLU A C   1 
ATOM   605  O O   . GLU A 1 75  ? -8.367  10.763  9.629   1.00 19.29 ? 253 GLU A O   1 
ATOM   606  C CB  . GLU A 1 75  ? -11.561 9.841   8.953   1.00 29.40 ? 253 GLU A CB  1 
ATOM   607  C CG  . GLU A 1 75  ? -11.937 10.698  10.174  1.00 37.10 ? 253 GLU A CG  1 
ATOM   608  C CD  . GLU A 1 75  ? -11.776 12.207  9.973   1.00 42.92 ? 253 GLU A CD  1 
ATOM   609  O OE1 . GLU A 1 75  ? -11.738 12.690  8.812   1.00 42.86 ? 253 GLU A OE1 1 
ATOM   610  O OE2 . GLU A 1 75  ? -11.691 12.924  11.002  1.00 48.42 ? 253 GLU A OE2 1 
ATOM   611  N N   . TRP A 1 76  ? -8.695  8.580   9.140   1.00 18.79 ? 254 TRP A N   1 
ATOM   612  C CA  . TRP A 1 76  ? -7.573  8.205   9.999   1.00 20.13 ? 254 TRP A CA  1 
ATOM   613  C C   . TRP A 1 76  ? -6.274  8.814   9.497   1.00 18.98 ? 254 TRP A C   1 
ATOM   614  O O   . TRP A 1 76  ? -5.428  9.203   10.302  1.00 17.99 ? 254 TRP A O   1 
ATOM   615  C CB  . TRP A 1 76  ? -7.452  6.682   10.121  1.00 18.61 ? 254 TRP A CB  1 
ATOM   616  C CG  . TRP A 1 76  ? -6.992  5.938   8.884   1.00 15.23 ? 254 TRP A CG  1 
ATOM   617  C CD1 . TRP A 1 76  ? -7.781  5.350   7.937   1.00 17.41 ? 254 TRP A CD1 1 
ATOM   618  C CD2 . TRP A 1 76  ? -5.639  5.649   8.510   1.00 15.94 ? 254 TRP A CD2 1 
ATOM   619  N NE1 . TRP A 1 76  ? -7.002  4.734   6.981   1.00 17.60 ? 254 TRP A NE1 1 
ATOM   620  C CE2 . TRP A 1 76  ? -5.683  4.904   7.315   1.00 15.90 ? 254 TRP A CE2 1 
ATOM   621  C CE3 . TRP A 1 76  ? -4.392  5.949   9.073   1.00 15.86 ? 254 TRP A CE3 1 
ATOM   622  C CZ2 . TRP A 1 76  ? -4.528  4.471   6.666   1.00 15.40 ? 254 TRP A CZ2 1 
ATOM   623  C CZ3 . TRP A 1 76  ? -3.255  5.511   8.432   1.00 13.18 ? 254 TRP A CZ3 1 
ATOM   624  C CH2 . TRP A 1 76  ? -3.327  4.775   7.254   1.00 15.05 ? 254 TRP A CH2 1 
ATOM   625  N N   . CYS A 1 77  ? -6.135  8.975   8.180   1.00 16.30 ? 255 CYS A N   1 
ATOM   626  C CA  . CYS A 1 77  ? -4.921  9.568   7.633   1.00 19.91 ? 255 CYS A CA  1 
ATOM   627  C C   . CYS A 1 77  ? -4.782  11.025  8.050   1.00 18.85 ? 255 CYS A C   1 
ATOM   628  O O   . CYS A 1 77  ? -3.676  11.489  8.355   1.00 19.21 ? 255 CYS A O   1 
ATOM   629  C CB  . CYS A 1 77  ? -4.937  9.457   6.106   1.00 17.32 ? 255 CYS A CB  1 
ATOM   630  S SG  . CYS A 1 77  ? -4.990  7.743   5.533   1.00 15.23 ? 255 CYS A SG  1 
ATOM   631  N N   . THR A 1 78  ? -5.894  11.761  8.071   1.00 19.14 ? 256 THR A N   1 
ATOM   632  C CA  . THR A 1 78  ? -5.840  13.194  8.316   1.00 22.74 ? 256 THR A CA  1 
ATOM   633  C C   . THR A 1 78  ? -5.786  13.531  9.798   1.00 26.77 ? 256 THR A C   1 
ATOM   634  O O   . THR A 1 78  ? -5.298  14.611  10.144  1.00 24.94 ? 256 THR A O   1 
ATOM   635  C CB  . THR A 1 78  ? -7.044  13.904  7.689   1.00 22.93 ? 256 THR A CB  1 
ATOM   636  O OG1 . THR A 1 78  ? -8.242  13.399  8.277   1.00 28.14 ? 256 THR A OG1 1 
ATOM   637  C CG2 . THR A 1 78  ? -7.095  13.636  6.190   1.00 24.66 ? 256 THR A CG2 1 
ATOM   638  N N   . THR A 1 79  ? -6.266  12.642  10.681  1.00 20.11 ? 257 THR A N   1 
ATOM   639  C CA  . THR A 1 79  ? -6.268  12.966  12.100  1.00 24.50 ? 257 THR A CA  1 
ATOM   640  C C   . THR A 1 79  ? -5.359  12.106  12.967  1.00 19.68 ? 257 THR A C   1 
ATOM   641  O O   . THR A 1 79  ? -5.055  12.522  14.087  1.00 23.81 ? 257 THR A O   1 
ATOM   642  C CB  . THR A 1 79  ? -7.687  12.888  12.680  1.00 24.97 ? 257 THR A CB  1 
ATOM   643  O OG1 . THR A 1 79  ? -8.210  11.569  12.481  1.00 25.98 ? 257 THR A OG1 1 
ATOM   644  C CG2 . THR A 1 79  ? -8.586  13.932  12.028  1.00 25.40 ? 257 THR A CG2 1 
ATOM   645  N N   . ASN A 1 80  ? -4.926  10.928  12.519  1.00 18.96 ? 258 ASN A N   1 
ATOM   646  C CA  . ASN A 1 80  ? -4.015  10.145  13.351  1.00 22.91 ? 258 ASN A CA  1 
ATOM   647  C C   . ASN A 1 80  ? -3.264  9.124   12.512  1.00 17.76 ? 258 ASN A C   1 
ATOM   648  O O   . ASN A 1 80  ? -3.308  7.908   12.778  1.00 17.88 ? 258 ASN A O   1 
ATOM   649  C CB  . ASN A 1 80  ? -4.753  9.442   14.491  1.00 21.89 ? 258 ASN A CB  1 
ATOM   650  C CG  . ASN A 1 80  ? -3.855  9.216   15.690  1.00 21.44 ? 258 ASN A CG  1 
ATOM   651  O OD1 . ASN A 1 80  ? -2.622  9.233   15.580  1.00 20.66 ? 258 ASN A OD1 1 
ATOM   652  N ND2 . ASN A 1 80  ? -4.465  8.985   16.835  1.00 26.67 ? 258 ASN A ND2 1 
ATOM   653  N N   . PHE A 1 81  ? -2.556  9.640   11.504  1.00 16.30 ? 259 PHE A N   1 
ATOM   654  C CA  . PHE A 1 81  ? -1.810  8.780   10.599  1.00 15.85 ? 259 PHE A CA  1 
ATOM   655  C C   . PHE A 1 81  ? -0.801  7.944   11.360  1.00 17.10 ? 259 PHE A C   1 
ATOM   656  O O   . PHE A 1 81  ? -0.609  6.765   11.053  1.00 15.48 ? 259 PHE A O   1 
ATOM   657  C CB  . PHE A 1 81  ? -1.100  9.612   9.531   1.00 16.32 ? 259 PHE A CB  1 
ATOM   658  C CG  . PHE A 1 81  ? -0.382  8.780   8.531   1.00 18.44 ? 259 PHE A CG  1 
ATOM   659  C CD1 . PHE A 1 81  ? -1.088  8.159   7.511   1.00 18.26 ? 259 PHE A CD1 1 
ATOM   660  C CD2 . PHE A 1 81  ? 0.984   8.621   8.585   1.00 17.43 ? 259 PHE A CD2 1 
ATOM   661  C CE1 . PHE A 1 81  ? -0.438  7.380   6.576   1.00 15.86 ? 259 PHE A CE1 1 
ATOM   662  C CE2 . PHE A 1 81  ? 1.639   7.842   7.647   1.00 18.01 ? 259 PHE A CE2 1 
ATOM   663  C CZ  . PHE A 1 81  ? 0.934   7.223   6.645   1.00 17.62 ? 259 PHE A CZ  1 
ATOM   664  N N   . ARG A 1 82  ? -0.166  8.531   12.374  1.00 13.68 ? 260 ARG A N   1 
ATOM   665  C CA  . ARG A 1 82  ? 0.844   7.804   13.130  1.00 17.61 ? 260 ARG A CA  1 
ATOM   666  C C   . ARG A 1 82  ? 0.252   6.559   13.802  1.00 14.39 ? 260 ARG A C   1 
ATOM   667  O O   . ARG A 1 82  ? 0.823   5.469   13.722  1.00 15.87 ? 260 ARG A O   1 
ATOM   668  C CB  . ARG A 1 82  ? 1.480   8.756   14.144  1.00 21.39 ? 260 ARG A CB  1 
ATOM   669  C CG  . ARG A 1 82  ? 2.540   8.142   15.001  1.00 20.71 ? 260 ARG A CG  1 
ATOM   670  C CD  . ARG A 1 82  ? 3.159   9.165   15.911  1.00 21.55 ? 260 ARG A CD  1 
ATOM   671  N NE  . ARG A 1 82  ? 2.365   9.382   17.115  1.00 26.06 ? 260 ARG A NE  1 
ATOM   672  C CZ  . ARG A 1 82  ? 2.845   9.927   18.230  1.00 33.00 ? 260 ARG A CZ  1 
ATOM   673  N NH1 . ARG A 1 82  ? 4.124   10.279  18.278  1.00 30.85 ? 260 ARG A NH1 1 
ATOM   674  N NH2 . ARG A 1 82  ? 2.057   10.098  19.295  1.00 27.82 ? 260 ARG A NH2 1 
ATOM   675  N N   . GLN A 1 83  ? -0.884  6.699   14.485  1.00 13.85 ? 261 GLN A N   1 
ATOM   676  C CA  . GLN A 1 83  ? -1.510  5.521   15.084  1.00 17.48 ? 261 GLN A CA  1 
ATOM   677  C C   . GLN A 1 83  ? -1.898  4.486   14.032  1.00 15.06 ? 261 GLN A C   1 
ATOM   678  O O   . GLN A 1 83  ? -1.725  3.271   14.245  1.00 14.35 ? 261 GLN A O   1 
ATOM   679  C CB  . GLN A 1 83  ? -2.739  5.918   15.892  1.00 16.90 ? 261 GLN A CB  1 
ATOM   680  C CG  . GLN A 1 83  ? -3.391  4.732   16.578  1.00 22.97 ? 261 GLN A CG  1 
ATOM   681  C CD  . GLN A 1 83  ? -4.500  5.157   17.499  1.00 25.65 ? 261 GLN A CD  1 
ATOM   682  O OE1 . GLN A 1 83  ? -4.254  5.833   18.501  1.00 30.21 ? 261 GLN A OE1 1 
ATOM   683  N NE2 . GLN A 1 83  ? -5.737  4.792   17.160  1.00 22.11 ? 261 GLN A NE2 1 
ATOM   684  N N   . GLY A 1 84  ? -2.474  4.939   12.909  1.00 13.79 ? 262 GLY A N   1 
ATOM   685  C CA  . GLY A 1 84  ? -2.794  3.987   11.854  1.00 13.80 ? 262 GLY A CA  1 
ATOM   686  C C   . GLY A 1 84  ? -1.553  3.237   11.404  1.00 13.98 ? 262 GLY A C   1 
ATOM   687  O O   . GLY A 1 84  ? -1.563  2.009   11.240  1.00 13.99 ? 262 GLY A O   1 
ATOM   688  N N   . LEU A 1 85  ? -0.454  3.963   11.252  1.00 12.43 ? 263 LEU A N   1 
ATOM   689  C CA  . LEU A 1 85  ? 0.788   3.352   10.810  1.00 16.25 ? 263 LEU A CA  1 
ATOM   690  C C   . LEU A 1 85  ? 1.303   2.350   11.843  1.00 14.70 ? 263 LEU A C   1 
ATOM   691  O O   . LEU A 1 85  ? 1.806   1.275   11.493  1.00 13.24 ? 263 LEU A O   1 
ATOM   692  C CB  . LEU A 1 85  ? 1.794   4.468   10.541  1.00 14.23 ? 263 LEU A CB  1 
ATOM   693  C CG  . LEU A 1 85  ? 3.070   4.224   9.743   1.00 17.31 ? 263 LEU A CG  1 
ATOM   694  C CD1 . LEU A 1 85  ? 2.707   4.024   8.319   1.00 16.01 ? 263 LEU A CD1 1 
ATOM   695  C CD2 . LEU A 1 85  ? 3.962   5.469   9.830   1.00 17.69 ? 263 LEU A CD2 1 
ATOM   696  N N   . TRP A 1 86  ? 1.169   2.682   13.122  1.00 14.46 ? 264 TRP A N   1 
ATOM   697  C CA  . TRP A 1 86  ? 1.570   1.750   14.171  1.00 15.43 ? 264 TRP A CA  1 
ATOM   698  C C   . TRP A 1 86  ? 0.780   0.457   14.091  1.00 14.70 ? 264 TRP A C   1 
ATOM   699  O O   . TRP A 1 86  ? 1.340   -0.634  14.287  1.00 17.38 ? 264 TRP A O   1 
ATOM   700  C CB  . TRP A 1 86  ? 1.393   2.395   15.542  1.00 14.12 ? 264 TRP A CB  1 
ATOM   701  C CG  . TRP A 1 86  ? 2.408   3.464   15.794  1.00 13.68 ? 264 TRP A CG  1 
ATOM   702  C CD1 . TRP A 1 86  ? 3.555   3.695   15.084  1.00 15.52 ? 264 TRP A CD1 1 
ATOM   703  C CD2 . TRP A 1 86  ? 2.383   4.438   16.841  1.00 19.42 ? 264 TRP A CD2 1 
ATOM   704  N NE1 . TRP A 1 86  ? 4.244   4.754   15.629  1.00 15.86 ? 264 TRP A NE1 1 
ATOM   705  C CE2 . TRP A 1 86  ? 3.540   5.228   16.705  1.00 17.79 ? 264 TRP A CE2 1 
ATOM   706  C CE3 . TRP A 1 86  ? 1.494   4.715   17.887  1.00 17.46 ? 264 TRP A CE3 1 
ATOM   707  C CZ2 . TRP A 1 86  ? 3.836   6.270   17.582  1.00 24.96 ? 264 TRP A CZ2 1 
ATOM   708  C CZ3 . TRP A 1 86  ? 1.784   5.757   18.745  1.00 20.70 ? 264 TRP A CZ3 1 
ATOM   709  C CH2 . TRP A 1 86  ? 2.939   6.521   18.589  1.00 21.04 ? 264 TRP A CH2 1 
ATOM   710  N N   . HIS A 1 87  ? -0.525  0.553   13.798  1.00 12.62 ? 265 HIS A N   1 
ATOM   711  C CA  . HIS A 1 87  ? -1.329  -0.662  13.684  1.00 16.56 ? 265 HIS A CA  1 
ATOM   712  C C   . HIS A 1 87  ? -0.859  -1.498  12.505  1.00 16.41 ? 265 HIS A C   1 
ATOM   713  O O   . HIS A 1 87  ? -0.752  -2.727  12.603  1.00 13.79 ? 265 HIS A O   1 
ATOM   714  C CB  . HIS A 1 87  ? -2.810  -0.317  13.503  1.00 14.31 ? 265 HIS A CB  1 
ATOM   715  C CG  . HIS A 1 87  ? -3.536  -0.062  14.780  1.00 14.23 ? 265 HIS A CG  1 
ATOM   716  N ND1 . HIS A 1 87  ? -3.680  -1.013  15.770  1.00 16.08 ? 265 HIS A ND1 1 
ATOM   717  C CD2 . HIS A 1 87  ? -4.160  1.049   15.231  1.00 16.78 ? 265 HIS A CD2 1 
ATOM   718  C CE1 . HIS A 1 87  ? -4.362  -0.496  16.774  1.00 17.73 ? 265 HIS A CE1 1 
ATOM   719  N NE2 . HIS A 1 87  ? -4.663  0.756   16.472  1.00 17.70 ? 265 HIS A NE2 1 
ATOM   720  N N   . LEU A 1 88  ? -0.570  -0.839  11.375  1.00 13.87 ? 266 LEU A N   1 
ATOM   721  C CA  . LEU A 1 88  ? -0.170  -1.587  10.179  1.00 17.56 ? 266 LEU A CA  1 
ATOM   722  C C   . LEU A 1 88  ? 1.192   -2.246  10.367  1.00 16.52 ? 266 LEU A C   1 
ATOM   723  O O   . LEU A 1 88  ? 1.431   -3.357  9.864   1.00 13.37 ? 266 LEU A O   1 
ATOM   724  C CB  . LEU A 1 88  ? -0.142  -0.673  8.953   1.00 14.80 ? 266 LEU A CB  1 
ATOM   725  C CG  . LEU A 1 88  ? -1.472  0.011   8.631   1.00 14.52 ? 266 LEU A CG  1 
ATOM   726  C CD1 . LEU A 1 88  ? -1.392  0.745   7.275   1.00 11.08 ? 266 LEU A CD1 1 
ATOM   727  C CD2 . LEU A 1 88  ? -2.627  -0.980  8.685   1.00 9.65  ? 266 LEU A CD2 1 
ATOM   728  N N   . ILE A 1 89  ? 2.092   -1.571  11.084  1.00 11.60 ? 267 ILE A N   1 
ATOM   729  C CA  . ILE A 1 89  ? 3.392   -2.150  11.413  1.00 14.49 ? 267 ILE A CA  1 
ATOM   730  C C   . ILE A 1 89  ? 3.218   -3.354  12.327  1.00 15.33 ? 267 ILE A C   1 
ATOM   731  O O   . ILE A 1 89  ? 3.847   -4.401  12.133  1.00 16.04 ? 267 ILE A O   1 
ATOM   732  C CB  . ILE A 1 89  ? 4.308   -1.095  12.066  1.00 15.40 ? 267 ILE A CB  1 
ATOM   733  C CG1 . ILE A 1 89  ? 4.685   -0.009  11.059  1.00 16.36 ? 267 ILE A CG1 1 
ATOM   734  C CG2 . ILE A 1 89  ? 5.560   -1.758  12.697  1.00 17.04 ? 267 ILE A CG2 1 
ATOM   735  C CD1 . ILE A 1 89  ? 5.390   1.175   11.659  1.00 15.12 ? 267 ILE A CD1 1 
ATOM   736  N N   . GLU A 1 90  ? 2.371   -3.223  13.345  1.00 14.88 ? 268 GLU A N   1 
ATOM   737  C CA  . GLU A 1 90  ? 2.168   -4.354  14.247  1.00 16.65 ? 268 GLU A CA  1 
ATOM   738  C C   . GLU A 1 90  ? 1.575   -5.555  13.507  1.00 20.89 ? 268 GLU A C   1 
ATOM   739  O O   . GLU A 1 90  ? 2.002   -6.697  13.727  1.00 21.08 ? 268 GLU A O   1 
ATOM   740  C CB  . GLU A 1 90  ? 1.274   -3.936  15.409  1.00 15.45 ? 268 GLU A CB  1 
ATOM   741  C CG  . GLU A 1 90  ? 0.981   -5.048  16.384  1.00 22.81 ? 268 GLU A CG  1 
ATOM   742  C CD  . GLU A 1 90  ? 0.488   -4.494  17.693  1.00 32.29 ? 268 GLU A CD  1 
ATOM   743  O OE1 . GLU A 1 90  ? -0.716  -4.173  17.768  1.00 37.02 ? 268 GLU A OE1 1 
ATOM   744  O OE2 . GLU A 1 90  ? 1.317   -4.304  18.617  1.00 30.02 ? 268 GLU A OE2 1 
ATOM   745  N N   . LEU A 1 91  ? 0.613   -5.312  12.594  1.00 14.73 ? 269 LEU A N   1 
ATOM   746  C CA  . LEU A 1 91  ? -0.124  -6.402  11.961  1.00 17.97 ? 269 LEU A CA  1 
ATOM   747  C C   . LEU A 1 91  ? 0.628   -7.043  10.802  1.00 20.52 ? 269 LEU A C   1 
ATOM   748  O O   . LEU A 1 91  ? 0.484   -8.247  10.581  1.00 20.70 ? 269 LEU A O   1 
ATOM   749  C CB  . LEU A 1 91  ? -1.482  -5.912  11.452  1.00 15.75 ? 269 LEU A CB  1 
ATOM   750  C CG  . LEU A 1 91  ? -2.490  -5.540  12.546  1.00 20.03 ? 269 LEU A CG  1 
ATOM   751  C CD1 . LEU A 1 91  ? -3.683  -4.819  11.927  1.00 18.35 ? 269 LEU A CD1 1 
ATOM   752  C CD2 . LEU A 1 91  ? -2.944  -6.763  13.384  1.00 16.25 ? 269 LEU A CD2 1 
ATOM   753  N N   . SER A 1 92  ? 1.393   -6.269  10.025  1.00 17.19 ? 270 SER A N   1 
ATOM   754  C CA  . SER A 1 92  ? 1.993   -6.782  8.798   1.00 20.01 ? 270 SER A CA  1 
ATOM   755  C C   . SER A 1 92  ? 3.514   -6.706  8.788   1.00 24.72 ? 270 SER A C   1 
ATOM   756  O O   . SER A 1 92  ? 4.116   -6.870  7.721   1.00 29.24 ? 270 SER A O   1 
ATOM   757  C CB  . SER A 1 92  ? 1.457   -6.013  7.595   1.00 24.91 ? 270 SER A CB  1 
ATOM   758  O OG  . SER A 1 92  ? 2.165   -4.778  7.504   1.00 26.07 ? 270 SER A OG  1 
ATOM   759  N N   . ARG A 1 93  ? 4.141   -6.399  9.925   1.00 25.49 ? 271 ARG A N   1 
ATOM   760  C CA  . ARG A 1 93  ? 5.589   -6.435  10.139  1.00 27.55 ? 271 ARG A CA  1 
ATOM   761  C C   . ARG A 1 93  ? 6.345   -5.363  9.360   1.00 30.51 ? 271 ARG A C   1 
ATOM   762  O O   . ARG A 1 93  ? 7.042   -4.548  9.987   1.00 28.00 ? 271 ARG A O   1 
ATOM   763  C CB  . ARG A 1 93  ? 6.170   -7.819  9.817   1.00 35.79 ? 271 ARG A CB  1 
ATOM   764  C CG  . ARG A 1 93  ? 7.630   -7.976  10.309  1.00 44.23 ? 271 ARG A CG  1 
ATOM   765  C CD  . ARG A 1 93  ? 8.684   -7.653  9.234   1.00 41.52 ? 271 ARG A CD  1 
ATOM   766  N NE  . ARG A 1 93  ? 10.059  -7.828  9.716   1.00 51.60 ? 271 ARG A NE  1 
ATOM   767  C CZ  . ARG A 1 93  ? 10.759  -6.889  10.357  1.00 48.25 ? 271 ARG A CZ  1 
ATOM   768  N NH1 . ARG A 1 93  ? 12.004  -7.138  10.750  1.00 52.31 ? 271 ARG A NH1 1 
ATOM   769  N NH2 . ARG A 1 93  ? 10.231  -5.687  10.578  1.00 48.13 ? 271 ARG A NH2 1 
ATOM   770  N N   . LYS A 1 94  ? 6.295   -5.391  8.016   1.00 22.35 ? 272 LYS A N   1 
ATOM   771  C CA  . LYS A 1 94  ? 6.673   -4.232  7.190   1.00 21.67 ? 272 LYS A CA  1 
ATOM   772  C C   . LYS A 1 94  ? 5.631   -3.967  6.116   1.00 15.99 ? 272 LYS A C   1 
ATOM   773  O O   . LYS A 1 94  ? 5.690   -4.516  5.005   1.00 13.67 ? 272 LYS A O   1 
ATOM   774  C CB  . LYS A 1 94  ? 8.062   -4.350  6.560   1.00 23.38 ? 272 LYS A CB  1 
ATOM   775  C CG  . LYS A 1 94  ? 9.141   -4.005  7.574   1.00 27.48 ? 272 LYS A CG  1 
ATOM   776  C CD  . LYS A 1 94  ? 10.569  -4.332  7.184   1.00 30.36 ? 272 LYS A CD  1 
ATOM   777  C CE  . LYS A 1 94  ? 11.093  -3.344  6.170   1.00 31.78 ? 272 LYS A CE  1 
ATOM   778  N NZ  . LYS A 1 94  ? 12.579  -3.219  6.299   1.00 37.85 ? 272 LYS A NZ  1 
ATOM   779  N N   . PRO A 1 95  ? 4.667   -3.109  6.408   1.00 16.45 ? 273 PRO A N   1 
ATOM   780  C CA  . PRO A 1 95  ? 3.695   -2.722  5.386   1.00 14.78 ? 273 PRO A CA  1 
ATOM   781  C C   . PRO A 1 95  ? 4.381   -2.017  4.222   1.00 18.19 ? 273 PRO A C   1 
ATOM   782  O O   . PRO A 1 95  ? 5.369   -1.290  4.390   1.00 15.27 ? 273 PRO A O   1 
ATOM   783  C CB  . PRO A 1 95  ? 2.746   -1.783  6.139   1.00 15.19 ? 273 PRO A CB  1 
ATOM   784  C CG  . PRO A 1 95  ? 3.535   -1.298  7.317   1.00 16.51 ? 273 PRO A CG  1 
ATOM   785  C CD  . PRO A 1 95  ? 4.451   -2.415  7.688   1.00 16.80 ? 273 PRO A CD  1 
ATOM   786  N N   . ILE A 1 96  ? 3.857   -2.269  3.025   1.00 13.96 ? 274 ILE A N   1 
ATOM   787  C CA  . ILE A 1 96  ? 4.382   -1.711  1.779   1.00 14.47 ? 274 ILE A CA  1 
ATOM   788  C C   . ILE A 1 96  ? 3.503   -0.548  1.357   1.00 16.77 ? 274 ILE A C   1 
ATOM   789  O O   . ILE A 1 96  ? 2.281   -0.713  1.204   1.00 15.76 ? 274 ILE A O   1 
ATOM   790  C CB  . ILE A 1 96  ? 4.419   -2.783  0.674   1.00 16.09 ? 274 ILE A CB  1 
ATOM   791  C CG1 . ILE A 1 96  ? 5.284   -3.971  1.105   1.00 17.00 ? 274 ILE A CG1 1 
ATOM   792  C CG2 . ILE A 1 96  ? 4.789   -2.184  -0.695  1.00 14.20 ? 274 ILE A CG2 1 
ATOM   793  C CD1 . ILE A 1 96  ? 4.871   -5.276  0.406   1.00 16.83 ? 274 ILE A CD1 1 
ATOM   794  N N   . PHE A 1 97  ? 4.115   0.615   1.124   1.00 13.77 ? 275 PHE A N   1 
ATOM   795  C CA  . PHE A 1 97  ? 3.383   1.800   0.698   1.00 15.01 ? 275 PHE A CA  1 
ATOM   796  C C   . PHE A 1 97  ? 3.843   2.197   -0.696  1.00 15.46 ? 275 PHE A C   1 
ATOM   797  O O   . PHE A 1 97  ? 5.030   2.472   -0.907  1.00 13.58 ? 275 PHE A O   1 
ATOM   798  C CB  . PHE A 1 97  ? 3.579   2.957   1.683   1.00 13.90 ? 275 PHE A CB  1 
ATOM   799  C CG  . PHE A 1 97  ? 3.025   2.689   3.051   1.00 14.79 ? 275 PHE A CG  1 
ATOM   800  C CD1 . PHE A 1 97  ? 1.691   2.969   3.340   1.00 14.54 ? 275 PHE A CD1 1 
ATOM   801  C CD2 . PHE A 1 97  ? 3.828   2.170   4.052   1.00 14.56 ? 275 PHE A CD2 1 
ATOM   802  C CE1 . PHE A 1 97  ? 1.163   2.724   4.593   1.00 14.29 ? 275 PHE A CE1 1 
ATOM   803  C CE2 . PHE A 1 97  ? 3.307   1.926   5.324   1.00 15.17 ? 275 PHE A CE2 1 
ATOM   804  C CZ  . PHE A 1 97  ? 1.965   2.197   5.593   1.00 14.68 ? 275 PHE A CZ  1 
ATOM   805  N N   . ILE A 1 98  ? 2.923   2.185   -1.650  1.00 15.07 ? 276 ILE A N   1 
ATOM   806  C CA  . ILE A 1 98  ? 3.188   2.760   -2.963  1.00 17.57 ? 276 ILE A CA  1 
ATOM   807  C C   . ILE A 1 98  ? 2.831   4.238   -2.901  1.00 17.33 ? 276 ILE A C   1 
ATOM   808  O O   . ILE A 1 98  ? 1.727   4.601   -2.471  1.00 14.40 ? 276 ILE A O   1 
ATOM   809  C CB  . ILE A 1 98  ? 2.401   2.040   -4.071  1.00 17.14 ? 276 ILE A CB  1 
ATOM   810  C CG1 . ILE A 1 98  ? 2.948   0.624   -4.306  1.00 17.59 ? 276 ILE A CG1 1 
ATOM   811  C CG2 . ILE A 1 98  ? 2.439   2.866   -5.366  1.00 17.15 ? 276 ILE A CG2 1 
ATOM   812  C CD1 . ILE A 1 98  ? 1.903   -0.335  -4.936  1.00 17.09 ? 276 ILE A CD1 1 
ATOM   813  N N   . ILE A 1 99  ? 3.788   5.095   -3.280  1.00 16.40 ? 277 ILE A N   1 
ATOM   814  C CA  . ILE A 1 99  ? 3.599   6.541   -3.263  1.00 15.34 ? 277 ILE A CA  1 
ATOM   815  C C   . ILE A 1 99  ? 3.928   7.063   -4.659  1.00 17.99 ? 277 ILE A C   1 
ATOM   816  O O   . ILE A 1 99  ? 4.813   6.539   -5.346  1.00 16.76 ? 277 ILE A O   1 
ATOM   817  C CB  . ILE A 1 99  ? 4.474   7.263   -2.195  1.00 14.81 ? 277 ILE A CB  1 
ATOM   818  C CG1 . ILE A 1 99  ? 5.937   6.860   -2.319  1.00 23.72 ? 277 ILE A CG1 1 
ATOM   819  C CG2 . ILE A 1 99  ? 4.052   6.849   -0.747  1.00 15.32 ? 277 ILE A CG2 1 
ATOM   820  C CD1 . ILE A 1 99  ? 6.827   7.616   -1.350  1.00 30.07 ? 277 ILE A CD1 1 
ATOM   821  N N   . PHE A 1 100 ? 3.215   8.099   -5.085  1.00 16.82 ? 278 PHE A N   1 
ATOM   822  C CA  . PHE A 1 100 ? 3.339   8.598   -6.446  1.00 15.81 ? 278 PHE A CA  1 
ATOM   823  C C   . PHE A 1 100 ? 4.241   9.820   -6.442  1.00 18.75 ? 278 PHE A C   1 
ATOM   824  O O   . PHE A 1 100 ? 3.986   10.791  -5.726  1.00 16.62 ? 278 PHE A O   1 
ATOM   825  C CB  . PHE A 1 100 ? 1.969   8.889   -7.056  1.00 20.03 ? 278 PHE A CB  1 
ATOM   826  C CG  . PHE A 1 100 ? 1.122   7.642   -7.215  1.00 23.72 ? 278 PHE A CG  1 
ATOM   827  C CD1 . PHE A 1 100 ? 1.414   6.724   -8.207  1.00 20.86 ? 278 PHE A CD1 1 
ATOM   828  C CD2 . PHE A 1 100 ? 0.104   7.354   -6.330  1.00 23.91 ? 278 PHE A CD2 1 
ATOM   829  C CE1 . PHE A 1 100 ? 0.670   5.556   -8.347  1.00 22.64 ? 278 PHE A CE1 1 
ATOM   830  C CE2 . PHE A 1 100 ? -0.642  6.188   -6.460  1.00 22.79 ? 278 PHE A CE2 1 
ATOM   831  C CZ  . PHE A 1 100 ? -0.352  5.290   -7.470  1.00 22.90 ? 278 PHE A CZ  1 
ATOM   832  N N   . GLN A 1 101 ? 5.316   9.741   -7.212  1.00 20.86 ? 279 GLN A N   1 
ATOM   833  C CA  . GLN A 1 101 ? 6.308   10.802  -7.199  1.00 24.95 ? 279 GLN A CA  1 
ATOM   834  C C   . GLN A 1 101 ? 5.690   12.148  -7.562  1.00 24.65 ? 279 GLN A C   1 
ATOM   835  O O   . GLN A 1 101 ? 6.092   13.179  -7.011  1.00 27.55 ? 279 GLN A O   1 
ATOM   836  C CB  . GLN A 1 101 ? 7.448   10.425  -8.136  1.00 23.42 ? 279 GLN A CB  1 
ATOM   837  C CG  . GLN A 1 101 ? 8.762   11.098  -7.802  1.00 29.63 ? 279 GLN A CG  1 
ATOM   838  C CD  . GLN A 1 101 ? 9.831   10.745  -8.801  1.00 29.38 ? 279 GLN A CD  1 
ATOM   839  O OE1 . GLN A 1 101 ? 9.609   10.828  -10.010 1.00 36.41 ? 279 GLN A OE1 1 
ATOM   840  N NE2 . GLN A 1 101 ? 11.001  10.348  -8.307  1.00 34.62 ? 279 GLN A NE2 1 
ATOM   841  N N   . SER A 1 102 ? 4.683   12.155  -8.439  1.00 23.04 ? 280 SER A N   1 
ATOM   842  C CA  . SER A 1 102 ? 4.048   13.403  -8.839  1.00 28.40 ? 280 SER A CA  1 
ATOM   843  C C   . SER A 1 102 ? 3.269   14.056  -7.708  1.00 31.76 ? 280 SER A C   1 
ATOM   844  O O   . SER A 1 102 ? 2.949   15.245  -7.801  1.00 35.01 ? 280 SER A O   1 
ATOM   845  C CB  . SER A 1 102 ? 3.096   13.165  -10.014 1.00 30.49 ? 280 SER A CB  1 
ATOM   846  O OG  . SER A 1 102 ? 2.102   12.197  -9.681  1.00 32.06 ? 280 SER A OG  1 
ATOM   847  N N   . GLN A 1 103 ? 2.926   13.311  -6.663  1.00 25.39 ? 281 GLN A N   1 
ATOM   848  C CA  . GLN A 1 103 ? 2.161   13.854  -5.550  1.00 27.69 ? 281 GLN A CA  1 
ATOM   849  C C   . GLN A 1 103 ? 3.016   14.208  -4.349  1.00 27.76 ? 281 GLN A C   1 
ATOM   850  O O   . GLN A 1 103 ? 2.474   14.672  -3.342  1.00 30.27 ? 281 GLN A O   1 
ATOM   851  C CB  . GLN A 1 103 ? 1.087   12.860  -5.121  1.00 24.15 ? 281 GLN A CB  1 
ATOM   852  C CG  . GLN A 1 103 ? 0.362   12.244  -6.295  1.00 26.03 ? 281 GLN A CG  1 
ATOM   853  C CD  . GLN A 1 103 ? -0.796  11.385  -5.861  1.00 25.55 ? 281 GLN A CD  1 
ATOM   854  O OE1 . GLN A 1 103 ? -0.791  10.835  -4.760  1.00 18.16 ? 281 GLN A OE1 1 
ATOM   855  N NE2 . GLN A 1 103 ? -1.787  11.236  -6.736  1.00 29.44 ? 281 GLN A NE2 1 
ATOM   856  N N   . GLN A 1 104 ? 4.332   14.009  -4.428  1.00 28.60 ? 282 GLN A N   1 
ATOM   857  C CA  . GLN A 1 104 ? 5.162   14.168  -3.238  1.00 31.45 ? 282 GLN A CA  1 
ATOM   858  C C   . GLN A 1 104 ? 5.075   15.573  -2.659  1.00 33.62 ? 282 GLN A C   1 
ATOM   859  O O   . GLN A 1 104 ? 5.183   15.740  -1.439  1.00 36.98 ? 282 GLN A O   1 
ATOM   860  C CB  . GLN A 1 104 ? 6.614   13.791  -3.540  1.00 31.88 ? 282 GLN A CB  1 
ATOM   861  C CG  . GLN A 1 104 ? 6.920   12.328  -3.201  1.00 31.34 ? 282 GLN A CG  1 
ATOM   862  C CD  . GLN A 1 104 ? 8.061   11.733  -4.018  1.00 37.45 ? 282 GLN A CD  1 
ATOM   863  O OE1 . GLN A 1 104 ? 8.688   12.419  -4.829  1.00 39.19 ? 282 GLN A OE1 1 
ATOM   864  N NE2 . GLN A 1 104 ? 8.340   10.447  -3.795  1.00 38.21 ? 282 GLN A NE2 1 
ATOM   865  N N   . LYS A 1 105 ? 4.851   16.586  -3.502  1.00 34.96 ? 283 LYS A N   1 
ATOM   866  C CA  . LYS A 1 105 ? 4.673   17.953  -3.012  1.00 38.85 ? 283 LYS A CA  1 
ATOM   867  C C   . LYS A 1 105 ? 3.312   18.152  -2.345  1.00 38.06 ? 283 LYS A C   1 
ATOM   868  O O   . LYS A 1 105 ? 3.170   19.022  -1.475  1.00 43.29 ? 283 LYS A O   1 
ATOM   869  C CB  . LYS A 1 105 ? 4.819   18.949  -4.168  1.00 41.82 ? 283 LYS A CB  1 
ATOM   870  C CG  . LYS A 1 105 ? 6.042   19.854  -4.101  1.00 46.98 ? 283 LYS A CG  1 
ATOM   871  C CD  . LYS A 1 105 ? 6.346   20.436  -5.479  1.00 48.71 ? 283 LYS A CD  1 
ATOM   872  C CE  . LYS A 1 105 ? 7.571   21.344  -5.465  1.00 53.48 ? 283 LYS A CE  1 
ATOM   873  N NZ  . LYS A 1 105 ? 7.815   21.959  -6.805  1.00 43.91 ? 283 LYS A NZ  1 
ATOM   874  N N   . GLN A 1 106 ? 2.298   17.391  -2.759  1.00 32.53 ? 284 GLN A N   1 
ATOM   875  C CA  . GLN A 1 106 ? 0.957   17.547  -2.208  1.00 36.16 ? 284 GLN A CA  1 
ATOM   876  C C   . GLN A 1 106 ? 0.828   16.880  -0.842  1.00 31.03 ? 284 GLN A C   1 
ATOM   877  O O   . GLN A 1 106 ? -0.042  17.264  -0.056  1.00 34.76 ? 284 GLN A O   1 
ATOM   878  C CB  . GLN A 1 106 ? -0.079  16.943  -3.159  1.00 33.48 ? 284 GLN A CB  1 
ATOM   879  C CG  . GLN A 1 106 ? 0.130   17.272  -4.636  1.00 42.34 ? 284 GLN A CG  1 
ATOM   880  C CD  . GLN A 1 106 ? -1.004  16.750  -5.512  1.00 42.35 ? 284 GLN A CD  1 
ATOM   881  O OE1 . GLN A 1 106 ? -1.724  15.821  -5.127  1.00 40.65 ? 284 GLN A OE1 1 
ATOM   882  N NE2 . GLN A 1 106 ? -1.149  17.322  -6.704  1.00 53.20 ? 284 GLN A NE2 1 
ATOM   883  N N   . ILE A 1 107 ? 1.659   15.873  -0.558  1.00 24.68 ? 285 ILE A N   1 
ATOM   884  C CA  . ILE A 1 107 ? 1.534   15.124  0.686   1.00 29.67 ? 285 ILE A CA  1 
ATOM   885  C C   . ILE A 1 107 ? 1.832   16.051  1.852   1.00 26.12 ? 285 ILE A C   1 
ATOM   886  O O   . ILE A 1 107 ? 2.824   16.786  1.831   1.00 24.89 ? 285 ILE A O   1 
ATOM   887  C CB  . ILE A 1 107 ? 2.502   13.926  0.694   1.00 29.10 ? 285 ILE A CB  1 
ATOM   888  C CG1 . ILE A 1 107 ? 2.337   13.055  -0.547  1.00 28.30 ? 285 ILE A CG1 1 
ATOM   889  C CG2 . ILE A 1 107 ? 2.293   13.076  1.928   1.00 24.34 ? 285 ILE A CG2 1 
ATOM   890  C CD1 . ILE A 1 107 ? 0.999   12.435  -0.662  1.00 26.75 ? 285 ILE A CD1 1 
ATOM   891  N N   . SER A 1 108 ? 1.000   15.989  2.898   1.00 24.81 ? 286 SER A N   1 
ATOM   892  C CA  . SER A 1 108 ? 1.177   16.878  4.043   1.00 21.98 ? 286 SER A CA  1 
ATOM   893  C C   . SER A 1 108 ? 2.537   16.653  4.694   1.00 21.82 ? 286 SER A C   1 
ATOM   894  O O   . SER A 1 108 ? 3.131   15.576  4.587   1.00 20.65 ? 286 SER A O   1 
ATOM   895  C CB  . SER A 1 108 ? 0.057   16.672  5.064   1.00 22.89 ? 286 SER A CB  1 
ATOM   896  O OG  . SER A 1 108 ? 0.320   15.597  5.946   1.00 23.30 ? 286 SER A OG  1 
ATOM   897  N N   . GLN A 1 109 ? 3.039   17.691  5.368   1.00 21.79 ? 287 GLN A N   1 
ATOM   898  C CA  . GLN A 1 109 ? 4.345   17.570  6.000   1.00 20.15 ? 287 GLN A CA  1 
ATOM   899  C C   . GLN A 1 109 ? 4.321   16.516  7.095   1.00 18.87 ? 287 GLN A C   1 
ATOM   900  O O   . GLN A 1 109 ? 5.271   15.746  7.241   1.00 22.97 ? 287 GLN A O   1 
ATOM   901  C CB  . GLN A 1 109 ? 4.778   18.917  6.563   1.00 29.27 ? 287 GLN A CB  1 
ATOM   902  C CG  . GLN A 1 109 ? 6.086   18.866  7.289   1.00 28.77 ? 287 GLN A CG  1 
ATOM   903  C CD  . GLN A 1 109 ? 6.483   20.209  7.870   1.00 34.36 ? 287 GLN A CD  1 
ATOM   904  O OE1 . GLN A 1 109 ? 5.860   20.705  8.816   1.00 38.81 ? 287 GLN A OE1 1 
ATOM   905  N NE2 . GLN A 1 109 ? 7.498   20.821  7.285   1.00 34.45 ? 287 GLN A NE2 1 
ATOM   906  N N   . ASP A 1 110 ? 3.234   16.467  7.866   1.00 20.28 ? 288 ASP A N   1 
ATOM   907  C CA  . ASP A 1 110 ? 3.045   15.450  8.895   1.00 21.32 ? 288 ASP A CA  1 
ATOM   908  C C   . ASP A 1 110 ? 3.178   14.036  8.338   1.00 22.93 ? 288 ASP A C   1 
ATOM   909  O O   . ASP A 1 110 ? 3.926   13.218  8.887   1.00 19.32 ? 288 ASP A O   1 
ATOM   910  C CB  . ASP A 1 110 ? 1.668   15.621  9.537   1.00 25.54 ? 288 ASP A CB  1 
ATOM   911  C CG  . ASP A 1 110 ? 1.410   14.626  10.658  1.00 31.67 ? 288 ASP A CG  1 
ATOM   912  O OD1 . ASP A 1 110 ? 2.331   14.371  11.470  1.00 33.68 ? 288 ASP A OD1 1 
ATOM   913  O OD2 . ASP A 1 110 ? 0.290   14.064  10.683  1.00 30.33 ? 288 ASP A OD2 1 
ATOM   914  N N   . ILE A 1 111 ? 2.417   13.715  7.278   1.00 20.65 ? 289 ILE A N   1 
ATOM   915  C CA  . ILE A 1 111 ? 2.495   12.388  6.658   1.00 17.91 ? 289 ILE A CA  1 
ATOM   916  C C   . ILE A 1 111 ? 3.930   12.073  6.256   1.00 16.81 ? 289 ILE A C   1 
ATOM   917  O O   . ILE A 1 111 ? 4.456   10.989  6.542   1.00 13.29 ? 289 ILE A O   1 
ATOM   918  C CB  . ILE A 1 111 ? 1.572   12.287  5.424   1.00 22.55 ? 289 ILE A CB  1 
ATOM   919  C CG1 . ILE A 1 111 ? 0.103   12.620  5.720   1.00 23.55 ? 289 ILE A CG1 1 
ATOM   920  C CG2 . ILE A 1 111 ? 1.707   10.916  4.800   1.00 18.22 ? 289 ILE A CG2 1 
ATOM   921  C CD1 . ILE A 1 111 ? -0.543  11.788  6.764   1.00 23.81 ? 289 ILE A CD1 1 
ATOM   922  N N   . SER A 1 112 ? 4.564   12.990  5.526   1.00 17.16 ? 290 SER A N   1 
ATOM   923  C CA  . SER A 1 112 ? 5.916   12.736  5.039   1.00 17.15 ? 290 SER A CA  1 
ATOM   924  C C   . SER A 1 112 ? 6.885   12.503  6.194   1.00 17.31 ? 290 SER A C   1 
ATOM   925  O O   . SER A 1 112 ? 7.744   11.612  6.132   1.00 17.14 ? 290 SER A O   1 
ATOM   926  C CB  . SER A 1 112 ? 6.386   13.907  4.179   1.00 16.55 ? 290 SER A CB  1 
ATOM   927  O OG  . SER A 1 112 ? 5.561   14.072  3.029   1.00 20.52 ? 290 SER A OG  1 
ATOM   928  N N   . GLN A 1 113 ? 6.767   13.304  7.254   1.00 16.92 ? 291 GLN A N   1 
ATOM   929  C CA  . GLN A 1 113 ? 7.646   13.135  8.410   1.00 18.99 ? 291 GLN A CA  1 
ATOM   930  C C   . GLN A 1 113 ? 7.386   11.814  9.124   1.00 17.89 ? 291 GLN A C   1 
ATOM   931  O O   . GLN A 1 113 ? 8.324   11.155  9.594   1.00 17.22 ? 291 GLN A O   1 
ATOM   932  C CB  . GLN A 1 113 ? 7.471   14.324  9.353   1.00 18.24 ? 291 GLN A CB  1 
ATOM   933  C CG  . GLN A 1 113 ? 8.191   15.556  8.831   1.00 16.07 ? 291 GLN A CG  1 
ATOM   934  C CD  . GLN A 1 113 ? 7.971   16.791  9.665   1.00 18.86 ? 291 GLN A CD  1 
ATOM   935  O OE1 . GLN A 1 113 ? 7.151   16.809  10.574  1.00 23.37 ? 291 GLN A OE1 1 
ATOM   936  N NE2 . GLN A 1 113 ? 8.787   17.806  9.421   1.00 18.31 ? 291 GLN A NE2 1 
ATOM   937  N N   . GLN A 1 114 ? 6.125   11.401  9.214   1.00 16.69 ? 292 GLN A N   1 
ATOM   938  C CA  . GLN A 1 114 ? 5.850   10.119  9.844   1.00 17.12 ? 292 GLN A CA  1 
ATOM   939  C C   . GLN A 1 114 ? 6.400   8.978   8.997   1.00 14.57 ? 292 GLN A C   1 
ATOM   940  O O   . GLN A 1 114 ? 6.959   8.014   9.531   1.00 16.23 ? 292 GLN A O   1 
ATOM   941  C CB  . GLN A 1 114 ? 4.350   9.951   10.084  1.00 16.73 ? 292 GLN A CB  1 
ATOM   942  C CG  . GLN A 1 114 ? 3.779   10.971  11.062  1.00 20.58 ? 292 GLN A CG  1 
ATOM   943  C CD  . GLN A 1 114 ? 4.407   10.919  12.467  1.00 25.60 ? 292 GLN A CD  1 
ATOM   944  O OE1 . GLN A 1 114 ? 4.836   9.864   12.954  1.00 25.64 ? 292 GLN A OE1 1 
ATOM   945  N NE2 . GLN A 1 114 ? 4.443   12.076  13.128  1.00 28.75 ? 292 GLN A NE2 1 
ATOM   946  N N   . LEU A 1 115 ? 6.287   9.088   7.670   1.00 15.99 ? 293 LEU A N   1 
ATOM   947  C CA  . LEU A 1 115 ? 6.808   8.039   6.798   1.00 14.81 ? 293 LEU A CA  1 
ATOM   948  C C   . LEU A 1 115 ? 8.316   7.915   6.938   1.00 15.65 ? 293 LEU A C   1 
ATOM   949  O O   . LEU A 1 115 ? 8.840   6.810   7.108   1.00 18.26 ? 293 LEU A O   1 
ATOM   950  C CB  . LEU A 1 115 ? 6.422   8.303   5.342   1.00 14.24 ? 293 LEU A CB  1 
ATOM   951  C CG  . LEU A 1 115 ? 4.954   8.033   4.975   1.00 19.33 ? 293 LEU A CG  1 
ATOM   952  C CD1 . LEU A 1 115 ? 4.652   8.510   3.559   1.00 16.68 ? 293 LEU A CD1 1 
ATOM   953  C CD2 . LEU A 1 115 ? 4.583   6.556   5.131   1.00 16.46 ? 293 LEU A CD2 1 
ATOM   954  N N   . ARG A 1 116 ? 9.037   9.046   6.854   1.00 17.55 ? 294 ARG A N   1 
ATOM   955  C CA  . ARG A 1 116 ? 10.491  9.003   7.032   1.00 12.83 ? 294 ARG A CA  1 
ATOM   956  C C   . ARG A 1 116 ? 10.859  8.480   8.409   1.00 15.99 ? 294 ARG A C   1 
ATOM   957  O O   . ARG A 1 116 ? 11.758  7.645   8.546   1.00 19.43 ? 294 ARG A O   1 
ATOM   958  C CB  . ARG A 1 116 ? 11.091  10.395  6.806   1.00 15.24 ? 294 ARG A CB  1 
ATOM   959  C CG  . ARG A 1 116 ? 11.145  10.793  5.314   1.00 17.80 ? 294 ARG A CG  1 
ATOM   960  C CD  . ARG A 1 116 ? 11.833  12.140  5.065   1.00 16.18 ? 294 ARG A CD  1 
ATOM   961  N NE  . ARG A 1 116 ? 11.098  13.264  5.646   1.00 13.87 ? 294 ARG A NE  1 
ATOM   962  C CZ  . ARG A 1 116 ? 10.342  14.091  4.932   1.00 17.90 ? 294 ARG A CZ  1 
ATOM   963  N NH1 . ARG A 1 116 ? 10.216  13.904  3.628   1.00 19.74 ? 294 ARG A NH1 1 
ATOM   964  N NH2 . ARG A 1 116 ? 9.709   15.101  5.506   1.00 15.61 ? 294 ARG A NH2 1 
ATOM   965  N N   . GLN A 1 117 ? 10.203  8.997   9.444   1.00 15.73 ? 295 GLN A N   1 
ATOM   966  C CA  . GLN A 1 117 ? 10.415  8.518   10.810  1.00 18.08 ? 295 GLN A CA  1 
ATOM   967  C C   . GLN A 1 117 ? 10.343  7.008   10.933  1.00 21.37 ? 295 GLN A C   1 
ATOM   968  O O   . GLN A 1 117 ? 11.074  6.411   11.735  1.00 17.10 ? 295 GLN A O   1 
ATOM   969  C CB  . GLN A 1 117 ? 9.378   9.145   11.730  1.00 21.78 ? 295 GLN A CB  1 
ATOM   970  C CG  . GLN A 1 117 ? 9.487   8.715   13.148  1.00 23.42 ? 295 GLN A CG  1 
ATOM   971  C CD  . GLN A 1 117 ? 8.699   9.592   14.066  1.00 32.67 ? 295 GLN A CD  1 
ATOM   972  O OE1 . GLN A 1 117 ? 7.756   10.285  13.645  1.00 34.11 ? 295 GLN A OE1 1 
ATOM   973  N NE2 . GLN A 1 117 ? 8.882   9.349   15.351  1.00 41.13 ? 295 GLN A NE2 1 
ATOM   974  N N   . HIS A 1 118 ? 9.429   6.378   10.203  1.00 17.24 ? 296 HIS A N   1 
ATOM   975  C CA  . HIS A 1 118 ? 9.182   4.955   10.366  1.00 18.87 ? 296 HIS A CA  1 
ATOM   976  C C   . HIS A 1 118 ? 9.801   4.132   9.254   1.00 18.07 ? 296 HIS A C   1 
ATOM   977  O O   . HIS A 1 118 ? 9.461   2.950   9.101   1.00 17.70 ? 296 HIS A O   1 
ATOM   978  C CB  . HIS A 1 118 ? 7.672   4.706   10.482  1.00 20.07 ? 296 HIS A CB  1 
ATOM   979  C CG  . HIS A 1 118 ? 7.097   5.300   11.725  1.00 19.84 ? 296 HIS A CG  1 
ATOM   980  N ND1 . HIS A 1 118 ? 6.608   6.584   11.768  1.00 18.50 ? 296 HIS A ND1 1 
ATOM   981  C CD2 . HIS A 1 118 ? 7.005   4.820   12.988  1.00 20.74 ? 296 HIS A CD2 1 
ATOM   982  C CE1 . HIS A 1 118 ? 6.207   6.861   12.996  1.00 21.99 ? 296 HIS A CE1 1 
ATOM   983  N NE2 . HIS A 1 118 ? 6.438   5.808   13.757  1.00 20.11 ? 296 HIS A NE2 1 
ATOM   984  N N   . GLN A 1 119 ? 10.710  4.732   8.487   1.00 13.81 ? 297 GLN A N   1 
ATOM   985  C CA  . GLN A 1 119 ? 11.403  4.003   7.432   1.00 18.79 ? 297 GLN A CA  1 
ATOM   986  C C   . GLN A 1 119 ? 11.923  2.635   7.861   1.00 17.61 ? 297 GLN A C   1 
ATOM   987  O O   . GLN A 1 119 ? 11.810  1.692   7.060   1.00 17.61 ? 297 GLN A O   1 
ATOM   988  C CB  . GLN A 1 119 ? 12.551  4.865   6.871   1.00 17.40 ? 297 GLN A CB  1 
ATOM   989  C CG  . GLN A 1 119 ? 13.381  4.166   5.819   1.00 19.07 ? 297 GLN A CG  1 
ATOM   990  C CD  . GLN A 1 119 ? 12.674  4.086   4.483   1.00 30.08 ? 297 GLN A CD  1 
ATOM   991  O OE1 . GLN A 1 119 ? 12.773  5.002   3.676   1.00 30.82 ? 297 GLN A OE1 1 
ATOM   992  N NE2 . GLN A 1 119 ? 11.931  2.983   4.247   1.00 31.04 ? 297 GLN A NE2 1 
ATOM   993  N N   . PRO A 1 120 ? 12.503  2.446   9.062   1.00 19.74 ? 298 PRO A N   1 
ATOM   994  C CA  . PRO A 1 120 ? 13.001  1.108   9.407   1.00 17.17 ? 298 PRO A CA  1 
ATOM   995  C C   . PRO A 1 120 ? 11.907  0.065   9.527   1.00 18.12 ? 298 PRO A C   1 
ATOM   996  O O   . PRO A 1 120 ? 12.233  -1.124  9.515   1.00 19.66 ? 298 PRO A O   1 
ATOM   997  C CB  . PRO A 1 120 ? 13.697  1.323   10.761  1.00 21.66 ? 298 PRO A CB  1 
ATOM   998  C CG  . PRO A 1 120 ? 14.029  2.757   10.797  1.00 22.81 ? 298 PRO A CG  1 
ATOM   999  C CD  . PRO A 1 120 ? 12.900  3.436   10.087  1.00 18.09 ? 298 PRO A CD  1 
ATOM   1000 N N   . SER A 1 121 ? 10.637  0.463   9.658   1.00 16.10 ? 299 SER A N   1 
ATOM   1001 C CA  . SER A 1 121 ? 9.532   -0.462  9.912   1.00 17.50 ? 299 SER A CA  1 
ATOM   1002 C C   . SER A 1 121 ? 8.622   -0.667  8.707   1.00 18.13 ? 299 SER A C   1 
ATOM   1003 O O   . SER A 1 121 ? 7.657   -1.429  8.799   1.00 18.25 ? 299 SER A O   1 
ATOM   1004 C CB  . SER A 1 121 ? 8.673   0.043   11.087  1.00 16.84 ? 299 SER A CB  1 
ATOM   1005 O OG  . SER A 1 121 ? 9.402   0.102   12.308  1.00 19.92 ? 299 SER A OG  1 
ATOM   1006 N N   . ILE A 1 122 ? 8.876   0.009   7.587   1.00 18.10 ? 300 ILE A N   1 
ATOM   1007 C CA  . ILE A 1 122 ? 7.956   0.029   6.461   1.00 17.62 ? 300 ILE A CA  1 
ATOM   1008 C C   . ILE A 1 122 ? 8.773   -0.042  5.184   1.00 19.45 ? 300 ILE A C   1 
ATOM   1009 O O   . ILE A 1 122 ? 9.972   0.241   5.170   1.00 15.88 ? 300 ILE A O   1 
ATOM   1010 C CB  . ILE A 1 122 ? 7.069   1.300   6.449   1.00 17.36 ? 300 ILE A CB  1 
ATOM   1011 C CG1 . ILE A 1 122 ? 7.918   2.520   6.047   1.00 15.76 ? 300 ILE A CG1 1 
ATOM   1012 C CG2 . ILE A 1 122 ? 6.320   1.504   7.779   1.00 16.16 ? 300 ILE A CG2 1 
ATOM   1013 C CD1 . ILE A 1 122 ? 7.157   3.830   6.080   1.00 17.97 ? 300 ILE A CD1 1 
ATOM   1014 N N   . THR A 1 123 ? 8.105   -0.397  4.092   1.00 16.59 ? 301 THR A N   1 
ATOM   1015 C CA  . THR A 1 123 ? 8.714   -0.352  2.766   1.00 18.51 ? 301 THR A CA  1 
ATOM   1016 C C   . THR A 1 123 ? 7.973   0.673   1.931   1.00 18.78 ? 301 THR A C   1 
ATOM   1017 O O   . THR A 1 123 ? 6.757   0.565   1.745   1.00 18.11 ? 301 THR A O   1 
ATOM   1018 C CB  . THR A 1 123 ? 8.674   -1.709  2.069   1.00 21.95 ? 301 THR A CB  1 
ATOM   1019 O OG1 . THR A 1 123 ? 9.471   -2.629  2.818   1.00 20.01 ? 301 THR A OG1 1 
ATOM   1020 N N   . MET A 1 124 ? 8.707   1.632   1.403   1.00 13.81 ? 302 MET A N   1 
ATOM   1021 C CA  . MET A 1 124 ? 8.164   2.716   0.599   1.00 16.76 ? 302 MET A CA  1 
ATOM   1022 C C   . MET A 1 124 ? 8.715   2.532   -0.804  1.00 16.94 ? 302 MET A C   1 
ATOM   1023 O O   . MET A 1 124 ? 9.934   2.484   -0.980  1.00 18.48 ? 302 MET A O   1 
ATOM   1024 C CB  . MET A 1 124 ? 8.605   4.046   1.201   1.00 20.63 ? 302 MET A CB  1 
ATOM   1025 C CG  . MET A 1 124 ? 7.604   4.625   2.185   1.00 23.41 ? 302 MET A CG  1 
ATOM   1026 S SD  . MET A 1 124 ? 8.117   6.285   2.683   1.00 26.45 ? 302 MET A SD  1 
ATOM   1027 C CE  . MET A 1 124 ? 9.690   5.910   3.474   1.00 24.06 ? 302 MET A CE  1 
ATOM   1028 N N   . ILE A 1 125 ? 7.832   2.388   -1.788  1.00 16.75 ? 303 ILE A N   1 
ATOM   1029 C CA  . ILE A 1 125 ? 8.236   2.182   -3.174  1.00 20.09 ? 303 ILE A CA  1 
ATOM   1030 C C   . ILE A 1 125 ? 7.616   3.313   -3.984  1.00 18.60 ? 303 ILE A C   1 
ATOM   1031 O O   . ILE A 1 125 ? 6.396   3.494   -3.963  1.00 17.49 ? 303 ILE A O   1 
ATOM   1032 C CB  . ILE A 1 125 ? 7.790   0.813   -3.712  1.00 21.82 ? 303 ILE A CB  1 
ATOM   1033 C CG1 . ILE A 1 125 ? 8.225   -0.325  -2.785  1.00 16.98 ? 303 ILE A CG1 1 
ATOM   1034 C CG2 . ILE A 1 125 ? 8.431   0.562   -5.070  1.00 18.84 ? 303 ILE A CG2 1 
ATOM   1035 C CD1 . ILE A 1 125 ? 7.600   -1.670  -3.178  1.00 18.25 ? 303 ILE A CD1 1 
ATOM   1036 N N   . THR A 1 126 ? 8.446   4.095   -4.663  1.00 16.97 ? 304 THR A N   1 
ATOM   1037 C CA  . THR A 1 126 ? 7.958   5.275   -5.370  1.00 20.77 ? 304 THR A CA  1 
ATOM   1038 C C   . THR A 1 126 ? 7.633   4.930   -6.819  1.00 18.30 ? 304 THR A C   1 
ATOM   1039 O O   . THR A 1 126 ? 8.433   4.290   -7.507  1.00 19.60 ? 304 THR A O   1 
ATOM   1040 C CB  . THR A 1 126 ? 8.986   6.410   -5.301  1.00 21.92 ? 304 THR A CB  1 
ATOM   1041 O OG1 . THR A 1 126 ? 9.241   6.729   -3.931  1.00 20.55 ? 304 THR A OG1 1 
ATOM   1042 C CG2 . THR A 1 126 ? 8.489   7.664   -6.033  1.00 22.88 ? 304 THR A CG2 1 
ATOM   1043 N N   . TRP A 1 127 ? 6.450   5.345   -7.269  1.00 16.38 ? 305 TRP A N   1 
ATOM   1044 C CA  . TRP A 1 127 ? 6.013   5.169   -8.645  1.00 15.01 ? 305 TRP A CA  1 
ATOM   1045 C C   . TRP A 1 127 ? 6.146   6.506   -9.366  1.00 20.09 ? 305 TRP A C   1 
ATOM   1046 O O   . TRP A 1 127 ? 5.466   7.481   -9.013  1.00 21.33 ? 305 TRP A O   1 
ATOM   1047 C CB  . TRP A 1 127 ? 4.571   4.672   -8.714  1.00 17.06 ? 305 TRP A CB  1 
ATOM   1048 C CG  . TRP A 1 127 ? 4.045   4.584   -10.137 1.00 17.11 ? 305 TRP A CG  1 
ATOM   1049 C CD1 . TRP A 1 127 ? 3.581   5.608   -10.918 1.00 22.91 ? 305 TRP A CD1 1 
ATOM   1050 C CD2 . TRP A 1 127 ? 3.959   3.402   -10.941 1.00 21.07 ? 305 TRP A CD2 1 
ATOM   1051 N NE1 . TRP A 1 127 ? 3.195   5.131   -12.159 1.00 20.91 ? 305 TRP A NE1 1 
ATOM   1052 C CE2 . TRP A 1 127 ? 3.423   3.780   -12.196 1.00 18.59 ? 305 TRP A CE2 1 
ATOM   1053 C CE3 . TRP A 1 127 ? 4.281   2.059   -10.719 1.00 16.74 ? 305 TRP A CE3 1 
ATOM   1054 C CZ2 . TRP A 1 127 ? 3.211   2.861   -13.222 1.00 22.72 ? 305 TRP A CZ2 1 
ATOM   1055 C CZ3 . TRP A 1 127 ? 4.068   1.153   -11.736 1.00 18.12 ? 305 TRP A CZ3 1 
ATOM   1056 C CH2 . TRP A 1 127 ? 3.537   1.553   -12.972 1.00 20.96 ? 305 TRP A CH2 1 
ATOM   1057 N N   . GLY A 1 128 ? 7.023   6.550   -10.366 1.00 17.45 ? 306 GLY A N   1 
ATOM   1058 C CA  . GLY A 1 128 ? 7.227   7.737   -11.163 1.00 17.30 ? 306 GLY A CA  1 
ATOM   1059 C C   . GLY A 1 128 ? 6.918   7.506   -12.635 1.00 20.73 ? 306 GLY A C   1 
ATOM   1060 O O   . GLY A 1 128 ? 6.512   6.418   -13.059 1.00 14.45 ? 306 GLY A O   1 
ATOM   1061 N N   . ALA A 1 129 ? 7.149   8.566   -13.418 1.00 18.36 ? 307 ALA A N   1 
ATOM   1062 C CA  . ALA A 1 129 ? 6.955   8.465   -14.860 1.00 20.07 ? 307 ALA A CA  1 
ATOM   1063 C C   . ALA A 1 129 ? 7.724   7.279   -15.417 1.00 19.88 ? 307 ALA A C   1 
ATOM   1064 O O   . ALA A 1 129 ? 7.227   6.547   -16.279 1.00 20.41 ? 307 ALA A O   1 
ATOM   1065 C CB  . ALA A 1 129 ? 7.403   9.757   -15.535 1.00 13.83 ? 307 ALA A CB  1 
ATOM   1066 N N   . HIS A 1 130 ? 8.923   7.051   -14.892 1.00 16.51 ? 308 HIS A N   1 
ATOM   1067 C CA  . HIS A 1 130 ? 9.848   6.035   -15.370 1.00 19.70 ? 308 HIS A CA  1 
ATOM   1068 C C   . HIS A 1 130 ? 9.497   4.636   -14.891 1.00 18.55 ? 308 HIS A C   1 
ATOM   1069 O O   . HIS A 1 130 ? 10.258  3.707   -15.187 1.00 19.83 ? 308 HIS A O   1 
ATOM   1070 C CB  . HIS A 1 130 ? 11.264  6.357   -14.884 1.00 18.27 ? 308 HIS A CB  1 
ATOM   1071 C CG  . HIS A 1 130 ? 11.324  6.688   -13.429 1.00 16.86 ? 308 HIS A CG  1 
ATOM   1072 N ND1 . HIS A 1 130 ? 11.043  7.945   -12.939 1.00 19.14 ? 308 HIS A ND1 1 
ATOM   1073 C CD2 . HIS A 1 130 ? 11.583  5.910   -12.345 1.00 19.37 ? 308 HIS A CD2 1 
ATOM   1074 C CE1 . HIS A 1 130 ? 11.168  7.940   -11.622 1.00 21.68 ? 308 HIS A CE1 1 
ATOM   1075 N NE2 . HIS A 1 130 ? 11.491  6.718   -11.236 1.00 16.14 ? 308 HIS A NE2 1 
ATOM   1076 N N   . SER A 1 131 ? 8.417   4.462   -14.117 1.00 17.05 ? 309 SER A N   1 
ATOM   1077 C CA  . SER A 1 131 ? 8.220   3.197   -13.404 1.00 19.02 ? 309 SER A CA  1 
ATOM   1078 C C   . SER A 1 131 ? 7.443   2.164   -14.204 1.00 21.40 ? 309 SER A C   1 
ATOM   1079 O O   . SER A 1 131 ? 7.602   0.965   -13.959 1.00 21.46 ? 309 SER A O   1 
ATOM   1080 C CB  . SER A 1 131 ? 7.523   3.418   -12.054 1.00 15.42 ? 309 SER A CB  1 
ATOM   1081 O OG  . SER A 1 131 ? 8.272   4.293   -11.207 1.00 18.10 ? 309 SER A OG  1 
ATOM   1082 N N   . MET A 1 132 ? 6.621   2.587   -15.156 1.00 22.64 ? 310 MET A N   1 
ATOM   1083 C CA  . MET A 1 132 ? 5.828   1.618   -15.897 1.00 24.16 ? 310 MET A CA  1 
ATOM   1084 C C   . MET A 1 132 ? 6.693   0.649   -16.697 1.00 29.45 ? 310 MET A C   1 
ATOM   1085 O O   . MET A 1 132 ? 6.371   -0.544  -16.782 1.00 31.23 ? 310 MET A O   1 
ATOM   1086 C CB  . MET A 1 132 ? 4.820   2.330   -16.794 1.00 21.92 ? 310 MET A CB  1 
ATOM   1087 C CG  . MET A 1 132 ? 3.977   1.301   -17.516 1.00 22.04 ? 310 MET A CG  1 
ATOM   1088 S SD  . MET A 1 132 ? 2.591   0.727   -16.522 1.00 26.25 ? 310 MET A SD  1 
ATOM   1089 C CE  . MET A 1 132 ? 1.718   -0.243  -17.761 1.00 22.91 ? 310 MET A CE  1 
ATOM   1090 N N   . THR A 1 133 ? 7.798   1.130   -17.267 1.00 29.27 ? 311 THR A N   1 
ATOM   1091 C CA  . THR A 1 133 ? 8.572   0.317   -18.195 1.00 29.46 ? 311 THR A CA  1 
ATOM   1092 C C   . THR A 1 133 ? 9.000   -0.979  -17.509 1.00 32.98 ? 311 THR A C   1 
ATOM   1093 O O   . THR A 1 133 ? 9.353   -0.964  -16.323 1.00 31.29 ? 311 THR A O   1 
ATOM   1094 C CB  . THR A 1 133 ? 9.801   1.075   -18.709 1.00 28.96 ? 311 THR A CB  1 
ATOM   1095 O OG1 . THR A 1 133 ? 10.602  0.201   -19.517 1.00 34.94 ? 311 THR A OG1 1 
ATOM   1096 C CG2 . THR A 1 133 ? 10.655  1.593   -17.548 1.00 27.43 ? 311 THR A CG2 1 
ATOM   1097 N N   . PRO A 1 134 ? 8.953   -2.116  -18.212 1.00 35.35 ? 312 PRO A N   1 
ATOM   1098 C CA  . PRO A 1 134 ? 9.123   -3.408  -17.525 1.00 33.32 ? 312 PRO A CA  1 
ATOM   1099 C C   . PRO A 1 134 ? 10.411  -3.508  -16.755 1.00 31.72 ? 312 PRO A C   1 
ATOM   1100 O O   . PRO A 1 134 ? 10.473  -4.236  -15.759 1.00 35.35 ? 312 PRO A O   1 
ATOM   1101 C CB  . PRO A 1 134 ? 9.080   -4.440  -18.664 1.00 36.50 ? 312 PRO A CB  1 
ATOM   1102 C CG  . PRO A 1 134 ? 9.108   -3.681  -19.940 1.00 36.24 ? 312 PRO A CG  1 
ATOM   1103 C CD  . PRO A 1 134 ? 8.763   -2.253  -19.667 1.00 38.14 ? 312 PRO A CD  1 
ATOM   1104 N N   . SER A 1 135 ? 11.440  -2.774  -17.172 1.00 33.61 ? 313 SER A N   1 
ATOM   1105 C CA  . SER A 1 135 ? 12.750  -2.847  -16.544 1.00 34.74 ? 313 SER A CA  1 
ATOM   1106 C C   . SER A 1 135 ? 12.902  -1.939  -15.316 1.00 36.79 ? 313 SER A C   1 
ATOM   1107 O O   . SER A 1 135 ? 13.985  -1.920  -14.719 1.00 37.68 ? 313 SER A O   1 
ATOM   1108 C CB  . SER A 1 135 ? 13.818  -2.545  -17.604 1.00 30.49 ? 313 SER A CB  1 
ATOM   1109 O OG  . SER A 1 135 ? 13.518  -1.355  -18.319 1.00 34.32 ? 313 SER A OG  1 
ATOM   1110 N N   . SER A 1 136 ? 11.835  -1.260  -14.879 1.00 33.12 ? 314 SER A N   1 
ATOM   1111 C CA  . SER A 1 136 ? 11.945  -0.201  -13.880 1.00 30.66 ? 314 SER A CA  1 
ATOM   1112 C C   . SER A 1 136 ? 12.324  -0.745  -12.508 1.00 25.96 ? 314 SER A C   1 
ATOM   1113 O O   . SER A 1 136 ? 12.062  -1.903  -12.168 1.00 30.62 ? 314 SER A O   1 
ATOM   1114 C CB  . SER A 1 136 ? 10.624  0.544   -13.712 1.00 27.41 ? 314 SER A CB  1 
ATOM   1115 O OG  . SER A 1 136 ? 9.673   -0.285  -13.063 1.00 26.22 ? 314 SER A OG  1 
ATOM   1116 N N   . GLY A 1 137 ? 12.889  0.147   -11.686 1.00 25.90 ? 315 GLY A N   1 
ATOM   1117 C CA  . GLY A 1 137 ? 13.192  -0.196  -10.310 1.00 22.20 ? 315 GLY A CA  1 
ATOM   1118 C C   . GLY A 1 137 ? 11.960  -0.470  -9.467  1.00 29.06 ? 315 GLY A C   1 
ATOM   1119 O O   . GLY A 1 137 ? 12.030  -1.224  -8.489  1.00 24.74 ? 315 GLY A O   1 
ATOM   1120 N N   . PHE A 1 138 ? 10.824  0.146   -9.811  1.00 26.20 ? 316 PHE A N   1 
ATOM   1121 C CA  . PHE A 1 138 ? 9.582   -0.128  -9.093  1.00 22.40 ? 316 PHE A CA  1 
ATOM   1122 C C   . PHE A 1 138 ? 9.282   -1.624  -9.091  1.00 24.31 ? 316 PHE A C   1 
ATOM   1123 O O   . PHE A 1 138 ? 9.125   -2.243  -8.028  1.00 20.19 ? 316 PHE A O   1 
ATOM   1124 C CB  . PHE A 1 138 ? 8.414   0.651   -9.714  1.00 23.05 ? 316 PHE A CB  1 
ATOM   1125 C CG  . PHE A 1 138 ? 7.098   0.436   -8.998  1.00 18.45 ? 316 PHE A CG  1 
ATOM   1126 C CD1 . PHE A 1 138 ? 6.774   1.191   -7.877  1.00 16.87 ? 316 PHE A CD1 1 
ATOM   1127 C CD2 . PHE A 1 138 ? 6.198   -0.540  -9.430  1.00 19.49 ? 316 PHE A CD2 1 
ATOM   1128 C CE1 . PHE A 1 138 ? 5.568   0.967   -7.189  1.00 19.25 ? 316 PHE A CE1 1 
ATOM   1129 C CE2 . PHE A 1 138 ? 4.990   -0.762  -8.764  1.00 20.00 ? 316 PHE A CE2 1 
ATOM   1130 C CZ  . PHE A 1 138 ? 4.674   -0.012  -7.640  1.00 17.56 ? 316 PHE A CZ  1 
ATOM   1131 N N   . TRP A 1 139 ? 9.221   -2.225  -10.285 1.00 25.39 ? 317 TRP A N   1 
ATOM   1132 C CA  . TRP A 1 139 ? 8.895   -3.646  -10.377 1.00 27.08 ? 317 TRP A CA  1 
ATOM   1133 C C   . TRP A 1 139 ? 9.950   -4.513  -9.700  1.00 27.84 ? 317 TRP A C   1 
ATOM   1134 O O   . TRP A 1 139 ? 9.606   -5.521  -9.073  1.00 28.55 ? 317 TRP A O   1 
ATOM   1135 C CB  . TRP A 1 139 ? 8.699   -4.068  -11.840 1.00 25.98 ? 317 TRP A CB  1 
ATOM   1136 C CG  . TRP A 1 139 ? 7.566   -3.348  -12.555 1.00 25.90 ? 317 TRP A CG  1 
ATOM   1137 C CD1 . TRP A 1 139 ? 7.650   -2.567  -13.691 1.00 27.72 ? 317 TRP A CD1 1 
ATOM   1138 C CD2 . TRP A 1 139 ? 6.189   -3.314  -12.154 1.00 22.86 ? 317 TRP A CD2 1 
ATOM   1139 N NE1 . TRP A 1 139 ? 6.398   -2.079  -14.026 1.00 25.52 ? 317 TRP A NE1 1 
ATOM   1140 C CE2 . TRP A 1 139 ? 5.491   -2.521  -13.095 1.00 25.16 ? 317 TRP A CE2 1 
ATOM   1141 C CE3 . TRP A 1 139 ? 5.474   -3.879  -11.091 1.00 28.25 ? 317 TRP A CE3 1 
ATOM   1142 C CZ2 . TRP A 1 139 ? 4.119   -2.286  -13.000 1.00 24.50 ? 317 TRP A CZ2 1 
ATOM   1143 C CZ3 . TRP A 1 139 ? 4.102   -3.652  -11.011 1.00 28.50 ? 317 TRP A CZ3 1 
ATOM   1144 C CH2 . TRP A 1 139 ? 3.447   -2.859  -11.957 1.00 22.97 ? 317 TRP A CH2 1 
ATOM   1145 N N   . LYS A 1 140 ? 11.222  -4.118  -9.767  1.00 23.25 ? 318 LYS A N   1 
ATOM   1146 C CA  . LYS A 1 140 ? 12.274  -4.869  -9.082  1.00 26.77 ? 318 LYS A CA  1 
ATOM   1147 C C   . LYS A 1 140 ? 12.076  -4.874  -7.568  1.00 26.95 ? 318 LYS A C   1 
ATOM   1148 O O   . LYS A 1 140 ? 12.115  -5.939  -6.930  1.00 28.44 ? 318 LYS A O   1 
ATOM   1149 C CB  . LYS A 1 140 ? 13.655  -4.302  -9.439  1.00 30.76 ? 318 LYS A CB  1 
ATOM   1150 C CG  . LYS A 1 140 ? 14.112  -4.603  -10.873 1.00 32.65 ? 318 LYS A CG  1 
ATOM   1151 C CD  . LYS A 1 140 ? 15.314  -3.765  -11.304 1.00 35.14 ? 318 LYS A CD  1 
ATOM   1152 C CE  . LYS A 1 140 ? 16.093  -4.489  -12.383 1.00 38.38 ? 318 LYS A CE  1 
ATOM   1153 N NZ  . LYS A 1 140 ? 15.245  -4.672  -13.599 1.00 43.14 ? 318 LYS A NZ  1 
ATOM   1154 N N   . GLU A 1 141 ? 11.877  -3.695  -6.959  1.00 25.88 ? 319 GLU A N   1 
ATOM   1155 C CA  . GLU A 1 141 ? 11.700  -3.679  -5.506  1.00 26.87 ? 319 GLU A CA  1 
ATOM   1156 C C   . GLU A 1 141 ? 10.441  -4.427  -5.102  1.00 27.61 ? 319 GLU A C   1 
ATOM   1157 O O   . GLU A 1 141 ? 10.423  -5.146  -4.093  1.00 28.55 ? 319 GLU A O   1 
ATOM   1158 C CB  . GLU A 1 141 ? 11.636  -2.264  -4.936  1.00 24.99 ? 319 GLU A CB  1 
ATOM   1159 C CG  . GLU A 1 141 ? 12.678  -1.277  -5.377  1.00 35.71 ? 319 GLU A CG  1 
ATOM   1160 C CD  . GLU A 1 141 ? 12.299  0.140   -4.937  1.00 33.85 ? 319 GLU A CD  1 
ATOM   1161 O OE1 . GLU A 1 141 ? 12.256  0.368   -3.705  1.00 43.26 ? 319 GLU A OE1 1 
ATOM   1162 O OE2 . GLU A 1 141 ? 12.017  1.007   -5.798  1.00 37.27 ? 319 GLU A OE2 1 
ATOM   1163 N N   . LEU A 1 142 ? 9.371   -4.266  -5.867  1.00 27.42 ? 320 LEU A N   1 
ATOM   1164 C CA  . LEU A 1 142 ? 8.129   -4.902  -5.458  1.00 26.94 ? 320 LEU A CA  1 
ATOM   1165 C C   . LEU A 1 142 ? 8.236   -6.421  -5.559  1.00 27.88 ? 320 LEU A C   1 
ATOM   1166 O O   . LEU A 1 142 ? 7.796   -7.133  -4.654  1.00 31.03 ? 320 LEU A O   1 
ATOM   1167 C CB  . LEU A 1 142 ? 6.976   -4.343  -6.281  1.00 28.06 ? 320 LEU A CB  1 
ATOM   1168 C CG  . LEU A 1 142 ? 5.604   -4.935  -6.015  1.00 25.86 ? 320 LEU A CG  1 
ATOM   1169 C CD1 . LEU A 1 142 ? 5.120   -4.438  -4.667  1.00 25.19 ? 320 LEU A CD1 1 
ATOM   1170 C CD2 . LEU A 1 142 ? 4.682   -4.477  -7.106  1.00 26.78 ? 320 LEU A CD2 1 
ATOM   1171 N N   . ALA A 1 143 ? 8.859   -6.937  -6.623  1.00 26.22 ? 321 ALA A N   1 
ATOM   1172 C CA  . ALA A 1 143 ? 9.174   -8.363  -6.668  1.00 28.67 ? 321 ALA A CA  1 
ATOM   1173 C C   . ALA A 1 143 ? 10.038  -8.788  -5.479  1.00 31.52 ? 321 ALA A C   1 
ATOM   1174 O O   . ALA A 1 143 ? 9.860   -9.883  -4.923  1.00 28.60 ? 321 ALA A O   1 
ATOM   1175 C CB  . ALA A 1 143 ? 9.880   -8.694  -7.982  1.00 28.62 ? 321 ALA A CB  1 
ATOM   1176 N N   . LEU A 1 144 ? 10.982  -7.939  -5.071  1.00 27.77 ? 322 LEU A N   1 
ATOM   1177 C CA  . LEU A 1 144 ? 11.874  -8.315  -3.978  1.00 27.48 ? 322 LEU A CA  1 
ATOM   1178 C C   . LEU A 1 144 ? 11.161  -8.343  -2.633  1.00 30.13 ? 322 LEU A C   1 
ATOM   1179 O O   . LEU A 1 144 ? 11.571  -9.093  -1.736  1.00 29.75 ? 322 LEU A O   1 
ATOM   1180 C CB  . LEU A 1 144 ? 13.060  -7.352  -3.913  1.00 26.13 ? 322 LEU A CB  1 
ATOM   1181 C CG  . LEU A 1 144 ? 14.098  -7.574  -5.010  1.00 30.14 ? 322 LEU A CG  1 
ATOM   1182 C CD1 . LEU A 1 144 ? 15.087  -6.430  -5.054  1.00 27.60 ? 322 LEU A CD1 1 
ATOM   1183 C CD2 . LEU A 1 144 ? 14.796  -8.878  -4.751  1.00 29.46 ? 322 LEU A CD2 1 
ATOM   1184 N N   . VAL A 1 145 ? 10.120  -7.528  -2.451  1.00 23.59 ? 323 VAL A N   1 
ATOM   1185 C CA  . VAL A 1 145 ? 9.462   -7.483  -1.150  1.00 28.45 ? 323 VAL A CA  1 
ATOM   1186 C C   . VAL A 1 145 ? 8.265   -8.422  -1.069  1.00 23.96 ? 323 VAL A C   1 
ATOM   1187 O O   . VAL A 1 145 ? 7.793   -8.702  0.039   1.00 26.84 ? 323 VAL A O   1 
ATOM   1188 C CB  . VAL A 1 145 ? 9.020   -6.055  -0.788  1.00 28.18 ? 323 VAL A CB  1 
ATOM   1189 C CG1 . VAL A 1 145 ? 10.214  -5.123  -0.784  1.00 30.00 ? 323 VAL A CG1 1 
ATOM   1190 C CG2 . VAL A 1 145 ? 7.946   -5.566  -1.752  1.00 27.14 ? 323 VAL A CG2 1 
ATOM   1191 N N   . MET A 1 146 ? 7.755   -8.894  -2.205  1.00 26.46 ? 324 MET A N   1 
ATOM   1192 C CA  . MET A 1 146 ? 6.710   -9.901  -2.240  1.00 22.77 ? 324 MET A CA  1 
ATOM   1193 C C   . MET A 1 146 ? 7.268   -11.274 -1.880  1.00 24.90 ? 324 MET A C   1 
ATOM   1194 O O   . MET A 1 146 ? 8.484   -11.471 -1.838  1.00 28.02 ? 324 MET A O   1 
ATOM   1195 C CB  . MET A 1 146 ? 6.061   -9.942  -3.627  1.00 28.24 ? 324 MET A CB  1 
ATOM   1196 C CG  . MET A 1 146 ? 5.121   -8.790  -3.983  1.00 25.48 ? 324 MET A CG  1 
ATOM   1197 S SD  . MET A 1 146 ? 3.782   -8.535  -2.797  1.00 26.33 ? 324 MET A SD  1 
ATOM   1198 C CE  . MET A 1 146 ? 2.593   -9.677  -3.495  1.00 22.07 ? 324 MET A CE  1 
ATOM   1199 N N   . PRO A 1 147 ? 6.395   -12.237 -1.582  1.00 25.15 ? 325 PRO A N   1 
ATOM   1200 C CA  . PRO A 1 147 ? 6.871   -13.606 -1.393  1.00 25.33 ? 325 PRO A CA  1 
ATOM   1201 C C   . PRO A 1 147 ? 7.530   -14.150 -2.648  1.00 33.01 ? 325 PRO A C   1 
ATOM   1202 O O   . PRO A 1 147 ? 7.065   -13.951 -3.781  1.00 26.12 ? 325 PRO A O   1 
ATOM   1203 C CB  . PRO A 1 147 ? 5.598   -14.377 -1.025  1.00 27.02 ? 325 PRO A CB  1 
ATOM   1204 C CG  . PRO A 1 147 ? 4.762   -13.340 -0.377  1.00 23.82 ? 325 PRO A CG  1 
ATOM   1205 C CD  . PRO A 1 147 ? 4.959   -12.139 -1.264  1.00 21.20 ? 325 PRO A CD  1 
ATOM   1206 N N   . ARG A 1 148 ? 8.662   -14.804 -2.430  1.00 31.89 ? 326 ARG A N   1 
ATOM   1207 C CA  . ARG A 1 148 ? 9.403   -15.376 -3.541  1.00 39.52 ? 326 ARG A CA  1 
ATOM   1208 C C   . ARG A 1 148 ? 8.663   -16.595 -4.068  1.00 44.48 ? 326 ARG A C   1 
ATOM   1209 O O   . ARG A 1 148 ? 8.058   -17.336 -3.306  1.00 41.43 ? 326 ARG A O   1 
ATOM   1210 C CB  . ARG A 1 148 ? 10.813  -15.790 -3.120  1.00 45.77 ? 326 ARG A CB  1 
ATOM   1211 C CG  . ARG A 1 148 ? 11.588  -16.529 -4.238  1.00 56.23 ? 326 ARG A CG  1 
ATOM   1212 C CD  . ARG A 1 148 ? 12.979  -16.961 -3.758  1.00 60.31 ? 326 ARG A CD  1 
ATOM   1213 N NE  . ARG A 1 148 ? 13.035  -18.301 -3.158  1.00 60.97 ? 326 ARG A NE  1 
ATOM   1214 C CZ  . ARG A 1 148 ? 12.774  -19.431 -3.811  1.00 62.97 ? 326 ARG A CZ  1 
ATOM   1215 N NH1 . ARG A 1 148 ? 12.834  -20.599 -3.183  1.00 65.71 ? 326 ARG A NH1 1 
ATOM   1216 N NH2 . ARG A 1 148 ? 12.463  -19.388 -5.099  1.00 63.19 ? 326 ARG A NH2 1 
ATOM   1217 N N   . LYS A 1 149 ? 8.723   -16.804 -5.380  1.00 46.49 ? 327 LYS A N   1 
ATOM   1218 C CA  . LYS A 1 149 ? 8.110   -17.999 -5.969  1.00 46.52 ? 327 LYS A CA  1 
ATOM   1219 C C   . LYS A 1 149 ? 9.105   -18.950 -6.624  1.00 53.05 ? 327 LYS A C   1 
ATOM   1220 O O   . LYS A 1 149 ? 9.372   -20.011 -6.094  1.00 54.42 ? 327 LYS A O   1 
ATOM   1221 C CB  . LYS A 1 149 ? 7.081   -17.571 -6.997  1.00 48.86 ? 327 LYS A CB  1 
ATOM   1222 C CG  . LYS A 1 149 ? 5.997   -16.750 -6.330  1.00 48.22 ? 327 LYS A CG  1 
ATOM   1223 C CD  . LYS A 1 149 ? 5.108   -17.520 -5.395  1.00 50.59 ? 327 LYS A CD  1 
ATOM   1224 C CE  . LYS A 1 149 ? 4.105   -16.503 -4.818  1.00 40.61 ? 327 LYS A CE  1 
ATOM   1225 N NZ  . LYS A 1 149 ? 3.230   -16.065 -5.981  1.00 45.16 ? 327 LYS A NZ  1 
HETATM 1226 O O   . HOH B 2 .   ? 10.332  -21.530 -7.307  1.00 45.44 ? 401 HOH A O   1 
HETATM 1227 O O   . HOH B 2 .   ? -12.971 6.093   -15.638 1.00 39.01 ? 402 HOH A O   1 
HETATM 1228 O O   . HOH B 2 .   ? 7.990   12.456  13.084  1.00 29.43 ? 403 HOH A O   1 
HETATM 1229 O O   . HOH B 2 .   ? 11.593  -3.885  10.858  1.00 45.70 ? 404 HOH A O   1 
HETATM 1230 O O   . HOH B 2 .   ? 8.394   10.808  -11.994 1.00 22.23 ? 405 HOH A O   1 
HETATM 1231 O O   . HOH B 2 .   ? 12.185  -4.386  -14.185 1.00 37.73 ? 406 HOH A O   1 
HETATM 1232 O O   . HOH B 2 .   ? -9.252  9.072   -14.367 1.00 28.06 ? 407 HOH A O   1 
HETATM 1233 O O   . HOH B 2 .   ? -3.667  8.727   -7.609  1.00 36.34 ? 408 HOH A O   1 
HETATM 1234 O O   . HOH B 2 .   ? -16.059 1.545   -4.150  1.00 31.34 ? 409 HOH A O   1 
HETATM 1235 O O   . HOH B 2 .   ? -9.320  -16.748 -4.181  1.00 29.70 ? 410 HOH A O   1 
HETATM 1236 O O   . HOH B 2 .   ? 11.512  2.003   1.977   1.00 27.61 ? 411 HOH A O   1 
HETATM 1237 O O   . HOH B 2 .   ? 4.419   -8.595  5.918   1.00 31.22 ? 412 HOH A O   1 
HETATM 1238 O O   . HOH B 2 .   ? 3.457   -7.874  15.408  1.00 32.59 ? 413 HOH A O   1 
HETATM 1239 O O   . HOH B 2 .   ? -4.935  -13.118 -7.336  1.00 26.88 ? 414 HOH A O   1 
HETATM 1240 O O   . HOH B 2 .   ? -9.725  -3.067  15.981  1.00 24.44 ? 415 HOH A O   1 
HETATM 1241 O O   . HOH B 2 .   ? -7.343  -6.694  -12.723 1.00 36.55 ? 416 HOH A O   1 
HETATM 1242 O O   . HOH B 2 .   ? -10.382 8.350   -15.678 1.00 34.25 ? 417 HOH A O   1 
HETATM 1243 O O   . HOH B 2 .   ? -5.656  17.207  9.888   1.00 27.17 ? 418 HOH A O   1 
HETATM 1244 O O   . HOH B 2 .   ? -12.986 4.146   -1.189  1.00 27.43 ? 419 HOH A O   1 
HETATM 1245 O O   . HOH B 2 .   ? 13.082  3.067   -7.073  1.00 44.77 ? 420 HOH A O   1 
HETATM 1246 O O   . HOH B 2 .   ? -10.596 5.633   17.812  1.00 27.33 ? 421 HOH A O   1 
HETATM 1247 O O   . HOH B 2 .   ? 7.742   4.270   -17.543 1.00 25.04 ? 422 HOH A O   1 
HETATM 1248 O O   . HOH B 2 .   ? -12.910 0.033   -6.391  1.00 22.89 ? 423 HOH A O   1 
HETATM 1249 O O   . HOH B 2 .   ? 10.273  2.571   12.807  1.00 25.72 ? 424 HOH A O   1 
HETATM 1250 O O   . HOH B 2 .   ? -3.778  12.154  16.401  1.00 24.83 ? 425 HOH A O   1 
HETATM 1251 O O   . HOH B 2 .   ? -1.846  6.480   19.479  1.00 32.32 ? 426 HOH A O   1 
HETATM 1252 O O   . HOH B 2 .   ? 12.718  -0.638  5.568   1.00 23.86 ? 427 HOH A O   1 
HETATM 1253 O O   . HOH B 2 .   ? -3.522  -4.848  -17.839 1.00 25.17 ? 428 HOH A O   1 
HETATM 1254 O O   . HOH B 2 .   ? 13.505  7.503   4.403   1.00 29.91 ? 429 HOH A O   1 
HETATM 1255 O O   . HOH B 2 .   ? -12.503 5.200   3.658   1.00 25.12 ? 430 HOH A O   1 
HETATM 1256 O O   . HOH B 2 .   ? -14.266 -0.612  6.853   1.00 26.81 ? 431 HOH A O   1 
HETATM 1257 O O   . HOH B 2 .   ? 0.015   -3.321  20.796  1.00 31.73 ? 432 HOH A O   1 
HETATM 1258 O O   . HOH B 2 .   ? -10.238 -6.667  -10.940 1.00 39.46 ? 433 HOH A O   1 
HETATM 1259 O O   . HOH B 2 .   ? 8.330   -5.103  2.979   1.00 22.04 ? 434 HOH A O   1 
HETATM 1260 O O   . HOH B 2 .   ? -11.727 -2.699  6.111   1.00 22.97 ? 435 HOH A O   1 
HETATM 1261 O O   . HOH B 2 .   ? 8.164   -4.803  12.464  1.00 32.93 ? 436 HOH A O   1 
HETATM 1262 O O   . HOH B 2 .   ? -8.043  3.058   4.864   1.00 17.64 ? 437 HOH A O   1 
HETATM 1263 O O   . HOH B 2 .   ? -8.661  -1.326  1.845   1.00 20.06 ? 438 HOH A O   1 
HETATM 1264 O O   . HOH B 2 .   ? 1.471   -17.954 -5.038  1.00 42.05 ? 439 HOH A O   1 
HETATM 1265 O O   . HOH B 2 .   ? -4.733  11.211  -5.435  1.00 22.77 ? 440 HOH A O   1 
HETATM 1266 O O   . HOH B 2 .   ? 2.158   20.263  4.877   1.00 32.55 ? 441 HOH A O   1 
HETATM 1267 O O   . HOH B 2 .   ? 11.290  3.470   -4.778  1.00 28.20 ? 442 HOH A O   1 
HETATM 1268 O O   . HOH B 2 .   ? -1.540  14.787  2.482   1.00 26.78 ? 443 HOH A O   1 
HETATM 1269 O O   . HOH B 2 .   ? -8.552  2.171   1.932   1.00 18.24 ? 444 HOH A O   1 
HETATM 1270 O O   . HOH B 2 .   ? -10.073 -1.498  18.011  1.00 34.66 ? 445 HOH A O   1 
HETATM 1271 O O   . HOH B 2 .   ? 5.660   19.298  11.196  1.00 33.84 ? 446 HOH A O   1 
HETATM 1272 O O   . HOH B 2 .   ? -0.715  8.981   17.592  1.00 25.44 ? 447 HOH A O   1 
HETATM 1273 O O   . HOH B 2 .   ? 10.658  5.162   -2.110  1.00 35.53 ? 448 HOH A O   1 
HETATM 1274 O O   . HOH B 2 .   ? 3.992   9.931   -9.982  1.00 32.08 ? 449 HOH A O   1 
HETATM 1275 O O   . HOH B 2 .   ? -4.439  -9.779  -17.741 1.00 44.67 ? 450 HOH A O   1 
HETATM 1276 O O   . HOH B 2 .   ? 3.755   -0.612  15.701  1.00 16.85 ? 451 HOH A O   1 
HETATM 1277 O O   . HOH B 2 .   ? -8.205  -10.453 -6.391  1.00 34.29 ? 452 HOH A O   1 
HETATM 1278 O O   . HOH B 2 .   ? -12.529 8.197   6.053   1.00 23.03 ? 453 HOH A O   1 
HETATM 1279 O O   . HOH B 2 .   ? -5.550  4.327   -3.215  1.00 13.35 ? 454 HOH A O   1 
HETATM 1280 O O   . HOH B 2 .   ? 1.465   -10.394 9.016   1.00 36.85 ? 455 HOH A O   1 
HETATM 1281 O O   . HOH B 2 .   ? -10.573 6.353   9.246   1.00 22.82 ? 456 HOH A O   1 
HETATM 1282 O O   . HOH B 2 .   ? -0.398  11.173  -10.535 1.00 38.66 ? 457 HOH A O   1 
HETATM 1283 O O   . HOH B 2 .   ? 1.378   9.553   -3.330  1.00 16.74 ? 458 HOH A O   1 
HETATM 1284 O O   . HOH B 2 .   ? 3.751   11.311  -2.923  1.00 30.60 ? 459 HOH A O   1 
HETATM 1285 O O   . HOH B 2 .   ? 13.029  3.005   -15.074 1.00 24.78 ? 460 HOH A O   1 
HETATM 1286 O O   . HOH B 2 .   ? 9.827   -11.003 0.651   1.00 39.37 ? 461 HOH A O   1 
HETATM 1287 O O   . HOH B 2 .   ? 10.843  2.862   -10.721 1.00 21.00 ? 462 HOH A O   1 
HETATM 1288 O O   . HOH B 2 .   ? 3.641   -6.450  4.420   1.00 14.33 ? 463 HOH A O   1 
HETATM 1289 O O   . HOH B 2 .   ? -2.916  -3.889  15.920  1.00 24.88 ? 464 HOH A O   1 
HETATM 1290 O O   . HOH B 2 .   ? 12.280  -1.990  3.115   1.00 43.26 ? 465 HOH A O   1 
HETATM 1291 O O   . HOH B 2 .   ? -10.397 -9.253  -2.881  1.00 21.94 ? 466 HOH A O   1 
HETATM 1292 O O   . HOH B 2 .   ? -9.312  -5.059  4.822   1.00 26.67 ? 467 HOH A O   1 
HETATM 1293 O O   . HOH B 2 .   ? -7.088  -8.879  -12.956 1.00 31.37 ? 468 HOH A O   1 
HETATM 1294 O O   . HOH B 2 .   ? 13.178  2.906   -12.627 1.00 24.03 ? 469 HOH A O   1 
HETATM 1295 O O   . HOH B 2 .   ? -12.127 -0.270  13.479  1.00 31.98 ? 470 HOH A O   1 
HETATM 1296 O O   . HOH B 2 .   ? -5.414  9.684   -6.945  1.00 33.21 ? 471 HOH A O   1 
HETATM 1297 O O   . HOH B 2 .   ? 11.628  -6.690  -11.988 1.00 41.96 ? 472 HOH A O   1 
HETATM 1298 O O   . HOH B 2 .   ? -12.921 2.120   15.700  1.00 27.58 ? 473 HOH A O   1 
HETATM 1299 O O   . HOH B 2 .   ? -9.133  10.271  -10.143 1.00 35.39 ? 474 HOH A O   1 
HETATM 1300 O O   . HOH B 2 .   ? -15.269 1.099   4.509   1.00 17.49 ? 475 HOH A O   1 
HETATM 1301 O O   . HOH B 2 .   ? -14.830 -3.172  11.681  1.00 30.65 ? 476 HOH A O   1 
HETATM 1302 O O   . HOH B 2 .   ? -9.436  -10.740 -12.224 1.00 41.64 ? 477 HOH A O   1 
HETATM 1303 O O   . HOH B 2 .   ? 7.161   6.905   16.459  1.00 32.48 ? 478 HOH A O   1 
HETATM 1304 O O   . HOH B 2 .   ? 1.941   20.003  1.086   1.00 35.91 ? 479 HOH A O   1 
HETATM 1305 O O   . HOH B 2 .   ? 0.833   -9.520  6.526   1.00 44.12 ? 480 HOH A O   1 
HETATM 1306 O O   . HOH B 2 .   ? 0.971   -4.146  -15.859 1.00 27.62 ? 481 HOH A O   1 
HETATM 1307 O O   . HOH B 2 .   ? 14.149  9.204   9.715   1.00 33.80 ? 482 HOH A O   1 
HETATM 1308 O O   . HOH B 2 .   ? -2.783  12.706  11.181  1.00 27.51 ? 483 HOH A O   1 
HETATM 1309 O O   . HOH B 2 .   ? 5.856   -5.532  14.193  1.00 43.60 ? 484 HOH A O   1 
HETATM 1310 O O   . HOH B 2 .   ? 4.952   -3.285  -17.354 1.00 44.10 ? 485 HOH A O   1 
HETATM 1311 O O   . HOH B 2 .   ? 1.035   18.712  8.320   1.00 25.00 ? 486 HOH A O   1 
HETATM 1312 O O   . HOH B 2 .   ? -2.939  -23.257 2.302   1.00 49.84 ? 487 HOH A O   1 
HETATM 1313 O O   . HOH B 2 .   ? -2.517  12.825  -9.408  1.00 43.67 ? 488 HOH A O   1 
HETATM 1314 O O   . HOH B 2 .   ? -0.061  11.747  12.898  1.00 27.92 ? 489 HOH A O   1 
HETATM 1315 O O   . HOH B 2 .   ? 8.649   -7.415  2.884   1.00 25.19 ? 490 HOH A O   1 
HETATM 1316 O O   . HOH B 2 .   ? 12.753  -4.679  3.239   1.00 36.91 ? 491 HOH A O   1 
HETATM 1317 O O   . HOH B 2 .   ? 7.372   17.135  4.062   1.00 32.04 ? 492 HOH A O   1 
HETATM 1318 O O   . HOH B 2 .   ? 0.349   13.186  14.176  1.00 33.69 ? 493 HOH A O   1 
HETATM 1319 O O   . HOH B 2 .   ? 1.298   -5.497  21.982  1.00 38.49 ? 494 HOH A O   1 
HETATM 1320 O O   . HOH B 2 .   ? 7.611   -8.928  5.085   1.00 40.76 ? 495 HOH A O   1 
HETATM 1321 O O   . HOH B 2 .   ? 11.824  -6.397  4.820   1.00 35.24 ? 496 HOH A O   1 
HETATM 1322 O O   . HOH B 2 .   ? -5.639  14.085  -5.486  1.00 36.60 ? 497 HOH A O   1 
HETATM 1323 O O   . HOH B 2 .   ? 7.597   14.201  14.104  1.00 34.82 ? 498 HOH A O   1 
HETATM 1324 O O   . HOH B 2 .   ? -7.466  -3.592  17.237  1.00 34.66 ? 499 HOH A O   1 
HETATM 1325 O O   . HOH B 2 .   ? 12.642  -8.803  -10.993 1.00 41.81 ? 500 HOH A O   1 
HETATM 1326 O O   . HOH B 2 .   ? -0.149  7.311   -12.345 1.00 46.17 ? 501 HOH A O   1 
HETATM 1327 O O   . HOH B 2 .   ? 12.988  8.881   2.175   1.00 40.18 ? 502 HOH A O   1 
HETATM 1328 O O   . HOH B 2 .   ? 11.929  6.937   -0.591  1.00 47.73 ? 503 HOH A O   1 
HETATM 1329 O O   . HOH B 2 .   ? -5.402  -4.974  16.591  1.00 27.76 ? 504 HOH A O   1 
HETATM 1330 O O   . HOH B 2 .   ? 13.385  -7.392  3.650   1.00 50.08 ? 505 HOH A O   1 
# 
loop_
_pdbx_poly_seq_scheme.asym_id 
_pdbx_poly_seq_scheme.entity_id 
_pdbx_poly_seq_scheme.seq_id 
_pdbx_poly_seq_scheme.mon_id 
_pdbx_poly_seq_scheme.ndb_seq_num 
_pdbx_poly_seq_scheme.pdb_seq_num 
_pdbx_poly_seq_scheme.auth_seq_num 
_pdbx_poly_seq_scheme.pdb_mon_id 
_pdbx_poly_seq_scheme.auth_mon_id 
_pdbx_poly_seq_scheme.pdb_strand_id 
_pdbx_poly_seq_scheme.pdb_ins_code 
_pdbx_poly_seq_scheme.hetero 
A 1 1   MET 1   179 ?   ?   ?   A . n 
A 1 2   LYS 2   180 180 LYS LYS A . n 
A 1 3   MET 3   181 181 MET MET A . n 
A 1 4   TYR 4   182 182 TYR TYR A . n 
A 1 5   ASP 5   183 183 ASP ASP A . n 
A 1 6   ALA 6   184 184 ALA ALA A . n 
A 1 7   TYR 7   185 185 TYR TYR A . n 
A 1 8   ILE 8   186 186 ILE ILE A . n 
A 1 9   SER 9   187 187 SER SER A . n 
A 1 10  TYR 10  188 188 TYR TYR A . n 
A 1 11  VAL 11  189 189 VAL VAL A . n 
A 1 12  ASN 12  190 190 ASN ASN A . n 
A 1 13  ASN 13  191 191 ASN ASN A . n 
A 1 14  GLU 14  192 192 GLU GLU A . n 
A 1 15  ASN 15  193 193 ASN ASN A . n 
A 1 16  ASP 16  194 194 ASP ASP A . n 
A 1 17  ARG 17  195 195 ARG ARG A . n 
A 1 18  LYS 18  196 196 LYS LYS A . n 
A 1 19  PHE 19  197 197 PHE PHE A . n 
A 1 20  VAL 20  198 198 VAL VAL A . n 
A 1 21  ASN 21  199 199 ASN ASN A . n 
A 1 22  PHE 22  200 200 PHE PHE A . n 
A 1 23  ILE 23  201 201 ILE ILE A . n 
A 1 24  LEU 24  202 202 LEU LEU A . n 
A 1 25  LYS 25  203 203 LYS LYS A . n 
A 1 26  PRO 26  204 204 PRO PRO A . n 
A 1 27  HIS 27  205 205 HIS HIS A . n 
A 1 28  LEU 28  206 206 LEU LEU A . n 
A 1 29  GLU 29  207 207 GLU GLU A . n 
A 1 30  ASN 30  208 208 ASN ASN A . n 
A 1 31  LYS 31  209 209 LYS LYS A . n 
A 1 32  TYR 32  210 210 TYR TYR A . n 
A 1 33  SER 33  211 211 SER SER A . n 
A 1 34  HIS 34  212 212 HIS HIS A . n 
A 1 35  LYS 35  213 213 LYS LYS A . n 
A 1 36  LEU 36  214 214 LEU LEU A . n 
A 1 37  LEU 37  215 215 LEU LEU A . n 
A 1 38  LEU 38  216 216 LEU LEU A . n 
A 1 39  ASN 39  217 217 ASN ASN A . n 
A 1 40  ASP 40  218 218 ASP ASP A . n 
A 1 41  THR 41  219 219 THR THR A . n 
A 1 42  ASN 42  220 220 ASN ASN A . n 
A 1 43  ILE 43  221 221 ILE ILE A . n 
A 1 44  LEU 44  222 222 LEU LEU A . n 
A 1 45  PRO 45  223 223 PRO PRO A . n 
A 1 46  GLY 46  224 224 GLY GLY A . n 
A 1 47  ALA 47  225 225 ALA ALA A . n 
A 1 48  GLU 48  226 226 GLU GLU A . n 
A 1 49  PRO 49  227 227 PRO PRO A . n 
A 1 50  SER 50  228 228 SER SER A . n 
A 1 51  ALA 51  229 229 ALA ALA A . n 
A 1 52  GLU 52  230 230 GLU GLU A . n 
A 1 53  LEU 53  231 231 LEU LEU A . n 
A 1 54  LEU 54  232 232 LEU LEU A . n 
A 1 55  MET 55  233 233 MET MET A . n 
A 1 56  ASN 56  234 234 ASN ASN A . n 
A 1 57  ILE 57  235 235 ILE ILE A . n 
A 1 58  SER 58  236 236 SER SER A . n 
A 1 59  ARG 59  237 237 ARG ARG A . n 
A 1 60  CYS 60  238 238 CYS CYS A . n 
A 1 61  GLN 61  239 239 GLN GLN A . n 
A 1 62  ARG 62  240 240 ARG ARG A . n 
A 1 63  LEU 63  241 241 LEU LEU A . n 
A 1 64  ILE 64  242 242 ILE ILE A . n 
A 1 65  VAL 65  243 243 VAL VAL A . n 
A 1 66  VAL 66  244 244 VAL VAL A . n 
A 1 67  LEU 67  245 245 LEU LEU A . n 
A 1 68  SER 68  246 246 SER SER A . n 
A 1 69  GLN 69  247 247 GLN GLN A . n 
A 1 70  SER 70  248 248 SER SER A . n 
A 1 71  TYR 71  249 249 TYR TYR A . n 
A 1 72  LEU 72  250 250 LEU LEU A . n 
A 1 73  GLU 73  251 251 GLU GLU A . n 
A 1 74  GLN 74  252 252 GLN GLN A . n 
A 1 75  GLU 75  253 253 GLU GLU A . n 
A 1 76  TRP 76  254 254 TRP TRP A . n 
A 1 77  CYS 77  255 255 CYS CYS A . n 
A 1 78  THR 78  256 256 THR THR A . n 
A 1 79  THR 79  257 257 THR THR A . n 
A 1 80  ASN 80  258 258 ASN ASN A . n 
A 1 81  PHE 81  259 259 PHE PHE A . n 
A 1 82  ARG 82  260 260 ARG ARG A . n 
A 1 83  GLN 83  261 261 GLN GLN A . n 
A 1 84  GLY 84  262 262 GLY GLY A . n 
A 1 85  LEU 85  263 263 LEU LEU A . n 
A 1 86  TRP 86  264 264 TRP TRP A . n 
A 1 87  HIS 87  265 265 HIS HIS A . n 
A 1 88  LEU 88  266 266 LEU LEU A . n 
A 1 89  ILE 89  267 267 ILE ILE A . n 
A 1 90  GLU 90  268 268 GLU GLU A . n 
A 1 91  LEU 91  269 269 LEU LEU A . n 
A 1 92  SER 92  270 270 SER SER A . n 
A 1 93  ARG 93  271 271 ARG ARG A . n 
A 1 94  LYS 94  272 272 LYS LYS A . n 
A 1 95  PRO 95  273 273 PRO PRO A . n 
A 1 96  ILE 96  274 274 ILE ILE A . n 
A 1 97  PHE 97  275 275 PHE PHE A . n 
A 1 98  ILE 98  276 276 ILE ILE A . n 
A 1 99  ILE 99  277 277 ILE ILE A . n 
A 1 100 PHE 100 278 278 PHE PHE A . n 
A 1 101 GLN 101 279 279 GLN GLN A . n 
A 1 102 SER 102 280 280 SER SER A . n 
A 1 103 GLN 103 281 281 GLN GLN A . n 
A 1 104 GLN 104 282 282 GLN GLN A . n 
A 1 105 LYS 105 283 283 LYS LYS A . n 
A 1 106 GLN 106 284 284 GLN GLN A . n 
A 1 107 ILE 107 285 285 ILE ILE A . n 
A 1 108 SER 108 286 286 SER SER A . n 
A 1 109 GLN 109 287 287 GLN GLN A . n 
A 1 110 ASP 110 288 288 ASP ASP A . n 
A 1 111 ILE 111 289 289 ILE ILE A . n 
A 1 112 SER 112 290 290 SER SER A . n 
A 1 113 GLN 113 291 291 GLN GLN A . n 
A 1 114 GLN 114 292 292 GLN GLN A . n 
A 1 115 LEU 115 293 293 LEU LEU A . n 
A 1 116 ARG 116 294 294 ARG ARG A . n 
A 1 117 GLN 117 295 295 GLN GLN A . n 
A 1 118 HIS 118 296 296 HIS HIS A . n 
A 1 119 GLN 119 297 297 GLN GLN A . n 
A 1 120 PRO 120 298 298 PRO PRO A . n 
A 1 121 SER 121 299 299 SER SER A . n 
A 1 122 ILE 122 300 300 ILE ILE A . n 
A 1 123 THR 123 301 301 THR THR A . n 
A 1 124 MET 124 302 302 MET MET A . n 
A 1 125 ILE 125 303 303 ILE ILE A . n 
A 1 126 THR 126 304 304 THR THR A . n 
A 1 127 TRP 127 305 305 TRP TRP A . n 
A 1 128 GLY 128 306 306 GLY GLY A . n 
A 1 129 ALA 129 307 307 ALA ALA A . n 
A 1 130 HIS 130 308 308 HIS HIS A . n 
A 1 131 SER 131 309 309 SER SER A . n 
A 1 132 MET 132 310 310 MET MET A . n 
A 1 133 THR 133 311 311 THR THR A . n 
A 1 134 PRO 134 312 312 PRO PRO A . n 
A 1 135 SER 135 313 313 SER SER A . n 
A 1 136 SER 136 314 314 SER SER A . n 
A 1 137 GLY 137 315 315 GLY GLY A . n 
A 1 138 PHE 138 316 316 PHE PHE A . n 
A 1 139 TRP 139 317 317 TRP TRP A . n 
A 1 140 LYS 140 318 318 LYS LYS A . n 
A 1 141 GLU 141 319 319 GLU GLU A . n 
A 1 142 LEU 142 320 320 LEU LEU A . n 
A 1 143 ALA 143 321 321 ALA ALA A . n 
A 1 144 LEU 144 322 322 LEU LEU A . n 
A 1 145 VAL 145 323 323 VAL VAL A . n 
A 1 146 MET 146 324 324 MET MET A . n 
A 1 147 PRO 147 325 325 PRO PRO A . n 
A 1 148 ARG 148 326 326 ARG ARG A . n 
A 1 149 LYS 149 327 327 LYS LYS A . n 
A 1 150 HIS 150 328 ?   ?   ?   A . n 
A 1 151 HIS 151 329 ?   ?   ?   A . n 
A 1 152 HIS 152 330 ?   ?   ?   A . n 
A 1 153 HIS 153 331 ?   ?   ?   A . n 
A 1 154 HIS 154 332 ?   ?   ?   A . n 
A 1 155 HIS 155 333 ?   ?   ?   A . n 
# 
loop_
_pdbx_nonpoly_scheme.asym_id 
_pdbx_nonpoly_scheme.entity_id 
_pdbx_nonpoly_scheme.mon_id 
_pdbx_nonpoly_scheme.ndb_seq_num 
_pdbx_nonpoly_scheme.pdb_seq_num 
_pdbx_nonpoly_scheme.auth_seq_num 
_pdbx_nonpoly_scheme.pdb_mon_id 
_pdbx_nonpoly_scheme.auth_mon_id 
_pdbx_nonpoly_scheme.pdb_strand_id 
_pdbx_nonpoly_scheme.pdb_ins_code 
B 2 HOH 1   401 84  HOH HOH A . 
B 2 HOH 2   402 86  HOH HOH A . 
B 2 HOH 3   403 58  HOH HOH A . 
B 2 HOH 4   404 78  HOH HOH A . 
B 2 HOH 5   405 14  HOH HOH A . 
B 2 HOH 6   406 32  HOH HOH A . 
B 2 HOH 7   407 36  HOH HOH A . 
B 2 HOH 8   408 91  HOH HOH A . 
B 2 HOH 9   409 26  HOH HOH A . 
B 2 HOH 10  410 55  HOH HOH A . 
B 2 HOH 11  411 10  HOH HOH A . 
B 2 HOH 12  412 77  HOH HOH A . 
B 2 HOH 13  413 56  HOH HOH A . 
B 2 HOH 14  414 19  HOH HOH A . 
B 2 HOH 15  415 48  HOH HOH A . 
B 2 HOH 16  416 37  HOH HOH A . 
B 2 HOH 17  417 61  HOH HOH A . 
B 2 HOH 18  418 42  HOH HOH A . 
B 2 HOH 19  419 24  HOH HOH A . 
B 2 HOH 20  420 71  HOH HOH A . 
B 2 HOH 21  421 45  HOH HOH A . 
B 2 HOH 22  422 40  HOH HOH A . 
B 2 HOH 23  423 25  HOH HOH A . 
B 2 HOH 24  424 43  HOH HOH A . 
B 2 HOH 25  425 12  HOH HOH A . 
B 2 HOH 26  426 83  HOH HOH A . 
B 2 HOH 27  427 60  HOH HOH A . 
B 2 HOH 28  428 22  HOH HOH A . 
B 2 HOH 29  429 35  HOH HOH A . 
B 2 HOH 30  430 30  HOH HOH A . 
B 2 HOH 31  431 29  HOH HOH A . 
B 2 HOH 32  432 39  HOH HOH A . 
B 2 HOH 33  433 105 HOH HOH A . 
B 2 HOH 34  434 9   HOH HOH A . 
B 2 HOH 35  435 59  HOH HOH A . 
B 2 HOH 36  436 51  HOH HOH A . 
B 2 HOH 37  437 4   HOH HOH A . 
B 2 HOH 38  438 13  HOH HOH A . 
B 2 HOH 39  439 98  HOH HOH A . 
B 2 HOH 40  440 27  HOH HOH A . 
B 2 HOH 41  441 89  HOH HOH A . 
B 2 HOH 42  442 28  HOH HOH A . 
B 2 HOH 43  443 31  HOH HOH A . 
B 2 HOH 44  444 7   HOH HOH A . 
B 2 HOH 45  445 75  HOH HOH A . 
B 2 HOH 46  446 64  HOH HOH A . 
B 2 HOH 47  447 34  HOH HOH A . 
B 2 HOH 48  448 38  HOH HOH A . 
B 2 HOH 49  449 88  HOH HOH A . 
B 2 HOH 50  450 104 HOH HOH A . 
B 2 HOH 51  451 2   HOH HOH A . 
B 2 HOH 52  452 63  HOH HOH A . 
B 2 HOH 53  453 46  HOH HOH A . 
B 2 HOH 54  454 1   HOH HOH A . 
B 2 HOH 55  455 92  HOH HOH A . 
B 2 HOH 56  456 21  HOH HOH A . 
B 2 HOH 57  457 97  HOH HOH A . 
B 2 HOH 58  458 5   HOH HOH A . 
B 2 HOH 59  459 70  HOH HOH A . 
B 2 HOH 60  460 11  HOH HOH A . 
B 2 HOH 61  461 73  HOH HOH A . 
B 2 HOH 62  462 8   HOH HOH A . 
B 2 HOH 63  463 3   HOH HOH A . 
B 2 HOH 64  464 23  HOH HOH A . 
B 2 HOH 65  465 90  HOH HOH A . 
B 2 HOH 66  466 15  HOH HOH A . 
B 2 HOH 67  467 52  HOH HOH A . 
B 2 HOH 68  468 20  HOH HOH A . 
B 2 HOH 69  469 16  HOH HOH A . 
B 2 HOH 70  470 54  HOH HOH A . 
B 2 HOH 71  471 49  HOH HOH A . 
B 2 HOH 72  472 66  HOH HOH A . 
B 2 HOH 73  473 41  HOH HOH A . 
B 2 HOH 74  474 79  HOH HOH A . 
B 2 HOH 75  475 6   HOH HOH A . 
B 2 HOH 76  476 69  HOH HOH A . 
B 2 HOH 77  477 96  HOH HOH A . 
B 2 HOH 78  478 33  HOH HOH A . 
B 2 HOH 79  479 47  HOH HOH A . 
B 2 HOH 80  480 76  HOH HOH A . 
B 2 HOH 81  481 67  HOH HOH A . 
B 2 HOH 82  482 93  HOH HOH A . 
B 2 HOH 83  483 18  HOH HOH A . 
B 2 HOH 84  484 103 HOH HOH A . 
B 2 HOH 85  485 68  HOH HOH A . 
B 2 HOH 86  486 57  HOH HOH A . 
B 2 HOH 87  487 53  HOH HOH A . 
B 2 HOH 88  488 95  HOH HOH A . 
B 2 HOH 89  489 81  HOH HOH A . 
B 2 HOH 90  490 17  HOH HOH A . 
B 2 HOH 91  491 65  HOH HOH A . 
B 2 HOH 92  492 62  HOH HOH A . 
B 2 HOH 93  493 87  HOH HOH A . 
B 2 HOH 94  494 50  HOH HOH A . 
B 2 HOH 95  495 101 HOH HOH A . 
B 2 HOH 96  496 82  HOH HOH A . 
B 2 HOH 97  497 72  HOH HOH A . 
B 2 HOH 98  498 85  HOH HOH A . 
B 2 HOH 99  499 74  HOH HOH A . 
B 2 HOH 100 500 80  HOH HOH A . 
B 2 HOH 101 501 99  HOH HOH A . 
B 2 HOH 102 502 100 HOH HOH A . 
B 2 HOH 103 503 102 HOH HOH A . 
B 2 HOH 104 504 44  HOH HOH A . 
B 2 HOH 105 505 94  HOH HOH A . 
# 
_pdbx_struct_assembly.id                   1 
_pdbx_struct_assembly.details              author_defined_assembly 
_pdbx_struct_assembly.method_details       ? 
_pdbx_struct_assembly.oligomeric_details   monomeric 
_pdbx_struct_assembly.oligomeric_count     1 
# 
_pdbx_struct_assembly_gen.assembly_id       1 
_pdbx_struct_assembly_gen.oper_expression   1 
_pdbx_struct_assembly_gen.asym_id_list      A,B 
# 
loop_
_pdbx_struct_assembly_prop.biol_id 
_pdbx_struct_assembly_prop.type 
_pdbx_struct_assembly_prop.value 
_pdbx_struct_assembly_prop.details 
1 'ABSA (A^2)' 0    ? 
1 MORE         0    ? 
1 'SSA (A^2)'  7920 ? 
# 
_pdbx_struct_oper_list.id                   1 
_pdbx_struct_oper_list.type                 'identity operation' 
_pdbx_struct_oper_list.name                 1_555 
_pdbx_struct_oper_list.symmetry_operation   x,y,z 
_pdbx_struct_oper_list.matrix[1][1]         1.0000000000 
_pdbx_struct_oper_list.matrix[1][2]         0.0000000000 
_pdbx_struct_oper_list.matrix[1][3]         0.0000000000 
_pdbx_struct_oper_list.vector[1]            0.0000000000 
_pdbx_struct_oper_list.matrix[2][1]         0.0000000000 
_pdbx_struct_oper_list.matrix[2][2]         1.0000000000 
_pdbx_struct_oper_list.matrix[2][3]         0.0000000000 
_pdbx_struct_oper_list.vector[2]            0.0000000000 
_pdbx_struct_oper_list.matrix[3][1]         0.0000000000 
_pdbx_struct_oper_list.matrix[3][2]         0.0000000000 
_pdbx_struct_oper_list.matrix[3][3]         1.0000000000 
_pdbx_struct_oper_list.vector[3]            0.0000000000 
# 
loop_
_pdbx_audit_revision_history.ordinal 
_pdbx_audit_revision_history.data_content_type 
_pdbx_audit_revision_history.major_revision 
_pdbx_audit_revision_history.minor_revision 
_pdbx_audit_revision_history.revision_date 
1 'Structure model' 1 0 2022-07-20 
2 'Structure model' 1 1 2022-08-10 
3 'Structure model' 1 2 2023-11-29 
# 
_pdbx_audit_revision_details.ordinal             1 
_pdbx_audit_revision_details.revision_ordinal    1 
_pdbx_audit_revision_details.data_content_type   'Structure model' 
_pdbx_audit_revision_details.provider            repository 
_pdbx_audit_revision_details.type                'Initial release' 
_pdbx_audit_revision_details.description         ? 
_pdbx_audit_revision_details.details             ? 
# 
loop_
_pdbx_audit_revision_group.ordinal 
_pdbx_audit_revision_group.revision_ordinal 
_pdbx_audit_revision_group.data_content_type 
_pdbx_audit_revision_group.group 
1 2 'Structure model' 'Database references'    
2 3 'Structure model' 'Data collection'        
3 3 'Structure model' 'Refinement description' 
# 
loop_
_pdbx_audit_revision_category.ordinal 
_pdbx_audit_revision_category.revision_ordinal 
_pdbx_audit_revision_category.data_content_type 
_pdbx_audit_revision_category.category 
1 2 'Structure model' citation                      
2 2 'Structure model' citation_author               
3 3 'Structure model' chem_comp_atom                
4 3 'Structure model' chem_comp_bond                
5 3 'Structure model' pdbx_initial_refinement_model 
# 
loop_
_pdbx_audit_revision_item.ordinal 
_pdbx_audit_revision_item.revision_ordinal 
_pdbx_audit_revision_item.data_content_type 
_pdbx_audit_revision_item.item 
1 2 'Structure model' '_citation.country'              
2 2 'Structure model' '_citation.journal_abbrev'       
3 2 'Structure model' '_citation.journal_id_CSD'       
4 2 'Structure model' '_citation.journal_id_ISSN'      
5 2 'Structure model' '_citation.journal_volume'       
6 2 'Structure model' '_citation.page_first'           
7 2 'Structure model' '_citation.pdbx_database_id_DOI' 
8 2 'Structure model' '_citation.title'                
9 2 'Structure model' '_citation.year'                 
# 
loop_
_software.citation_id 
_software.classification 
_software.compiler_name 
_software.compiler_version 
_software.contact_author 
_software.contact_author_email 
_software.date 
_software.description 
_software.dependencies 
_software.hardware 
_software.language 
_software.location 
_software.mods 
_software.name 
_software.os 
_software.os_version 
_software.type 
_software.version 
_software.pdbx_ordinal 
? refinement        ? ? ? ? ? ? ? ? ? ? ? PHENIX      ? ? ? 1.18.2_3874 1 
? 'data extraction' ? ? ? ? ? ? ? ? ? ? ? PDB_EXTRACT ? ? ? 3.27        2 
? 'data reduction'  ? ? ? ? ? ? ? ? ? ? ? HKL-2000    ? ? ? .           3 
? 'data scaling'    ? ? ? ? ? ? ? ? ? ? ? HKL-2000    ? ? ? .           4 
? phasing           ? ? ? ? ? ? ? ? ? ? ? PHASER      ? ? ? .           5 
# 
loop_
_pdbx_validate_close_contact.id 
_pdbx_validate_close_contact.PDB_model_num 
_pdbx_validate_close_contact.auth_atom_id_1 
_pdbx_validate_close_contact.auth_asym_id_1 
_pdbx_validate_close_contact.auth_comp_id_1 
_pdbx_validate_close_contact.auth_seq_id_1 
_pdbx_validate_close_contact.PDB_ins_code_1 
_pdbx_validate_close_contact.label_alt_id_1 
_pdbx_validate_close_contact.auth_atom_id_2 
_pdbx_validate_close_contact.auth_asym_id_2 
_pdbx_validate_close_contact.auth_comp_id_2 
_pdbx_validate_close_contact.auth_seq_id_2 
_pdbx_validate_close_contact.PDB_ins_code_2 
_pdbx_validate_close_contact.label_alt_id_2 
_pdbx_validate_close_contact.dist 
1 1 O A HOH 407 ? ? O A HOH 417 ? ? 1.88 
2 1 O A HOH 489 ? ? O A HOH 493 ? ? 1.97 
3 1 O A HOH 403 ? ? O A HOH 498 ? ? 2.06 
4 1 O A HOH 408 ? ? O A HOH 471 ? ? 2.10 
5 1 O A LYS 327 ? ? O A HOH 401 ? ? 2.17 
6 1 O A HOH 496 ? ? O A HOH 505 ? ? 2.19 
# 
loop_
_pdbx_validate_torsion.id 
_pdbx_validate_torsion.PDB_model_num 
_pdbx_validate_torsion.auth_comp_id 
_pdbx_validate_torsion.auth_asym_id 
_pdbx_validate_torsion.auth_seq_id 
_pdbx_validate_torsion.PDB_ins_code 
_pdbx_validate_torsion.label_alt_id 
_pdbx_validate_torsion.phi 
_pdbx_validate_torsion.psi 
1 1 ILE A 201 ? ? -122.95 -58.39 
2 1 ASN A 258 ? ? -159.91 57.70  
3 1 ARG A 271 ? ? 68.56   -62.62 
# 
_pdbx_unobs_or_zero_occ_atoms.id               1 
_pdbx_unobs_or_zero_occ_atoms.PDB_model_num    1 
_pdbx_unobs_or_zero_occ_atoms.polymer_flag     Y 
_pdbx_unobs_or_zero_occ_atoms.occupancy_flag   1 
_pdbx_unobs_or_zero_occ_atoms.auth_asym_id     A 
_pdbx_unobs_or_zero_occ_atoms.auth_comp_id     THR 
_pdbx_unobs_or_zero_occ_atoms.auth_seq_id      301 
_pdbx_unobs_or_zero_occ_atoms.PDB_ins_code     ? 
_pdbx_unobs_or_zero_occ_atoms.auth_atom_id     CG2 
_pdbx_unobs_or_zero_occ_atoms.label_alt_id     ? 
_pdbx_unobs_or_zero_occ_atoms.label_asym_id    A 
_pdbx_unobs_or_zero_occ_atoms.label_comp_id    THR 
_pdbx_unobs_or_zero_occ_atoms.label_seq_id     123 
_pdbx_unobs_or_zero_occ_atoms.label_atom_id    CG2 
# 
loop_
_pdbx_unobs_or_zero_occ_residues.id 
_pdbx_unobs_or_zero_occ_residues.PDB_model_num 
_pdbx_unobs_or_zero_occ_residues.polymer_flag 
_pdbx_unobs_or_zero_occ_residues.occupancy_flag 
_pdbx_unobs_or_zero_occ_residues.auth_asym_id 
_pdbx_unobs_or_zero_occ_residues.auth_comp_id 
_pdbx_unobs_or_zero_occ_residues.auth_seq_id 
_pdbx_unobs_or_zero_occ_residues.PDB_ins_code 
_pdbx_unobs_or_zero_occ_residues.label_asym_id 
_pdbx_unobs_or_zero_occ_residues.label_comp_id 
_pdbx_unobs_or_zero_occ_residues.label_seq_id 
1 1 Y 1 A MET 179 ? A MET 1   
2 1 Y 1 A HIS 328 ? A HIS 150 
3 1 Y 1 A HIS 329 ? A HIS 151 
4 1 Y 1 A HIS 330 ? A HIS 152 
5 1 Y 1 A HIS 331 ? A HIS 153 
6 1 Y 1 A HIS 332 ? A HIS 154 
7 1 Y 1 A HIS 333 ? A HIS 155 
# 
loop_
_chem_comp_atom.comp_id 
_chem_comp_atom.atom_id 
_chem_comp_atom.type_symbol 
_chem_comp_atom.pdbx_aromatic_flag 
_chem_comp_atom.pdbx_stereo_config 
_chem_comp_atom.pdbx_ordinal 
ALA N    N N N 1   
ALA CA   C N S 2   
ALA C    C N N 3   
ALA O    O N N 4   
ALA CB   C N N 5   
ALA OXT  O N N 6   
ALA H    H N N 7   
ALA H2   H N N 8   
ALA HA   H N N 9   
ALA HB1  H N N 10  
ALA HB2  H N N 11  
ALA HB3  H N N 12  
ALA HXT  H N N 13  
ARG N    N N N 14  
ARG CA   C N S 15  
ARG C    C N N 16  
ARG O    O N N 17  
ARG CB   C N N 18  
ARG CG   C N N 19  
ARG CD   C N N 20  
ARG NE   N N N 21  
ARG CZ   C N N 22  
ARG NH1  N N N 23  
ARG NH2  N N N 24  
ARG OXT  O N N 25  
ARG H    H N N 26  
ARG H2   H N N 27  
ARG HA   H N N 28  
ARG HB2  H N N 29  
ARG HB3  H N N 30  
ARG HG2  H N N 31  
ARG HG3  H N N 32  
ARG HD2  H N N 33  
ARG HD3  H N N 34  
ARG HE   H N N 35  
ARG HH11 H N N 36  
ARG HH12 H N N 37  
ARG HH21 H N N 38  
ARG HH22 H N N 39  
ARG HXT  H N N 40  
ASN N    N N N 41  
ASN CA   C N S 42  
ASN C    C N N 43  
ASN O    O N N 44  
ASN CB   C N N 45  
ASN CG   C N N 46  
ASN OD1  O N N 47  
ASN ND2  N N N 48  
ASN OXT  O N N 49  
ASN H    H N N 50  
ASN H2   H N N 51  
ASN HA   H N N 52  
ASN HB2  H N N 53  
ASN HB3  H N N 54  
ASN HD21 H N N 55  
ASN HD22 H N N 56  
ASN HXT  H N N 57  
ASP N    N N N 58  
ASP CA   C N S 59  
ASP C    C N N 60  
ASP O    O N N 61  
ASP CB   C N N 62  
ASP CG   C N N 63  
ASP OD1  O N N 64  
ASP OD2  O N N 65  
ASP OXT  O N N 66  
ASP H    H N N 67  
ASP H2   H N N 68  
ASP HA   H N N 69  
ASP HB2  H N N 70  
ASP HB3  H N N 71  
ASP HD2  H N N 72  
ASP HXT  H N N 73  
CYS N    N N N 74  
CYS CA   C N R 75  
CYS C    C N N 76  
CYS O    O N N 77  
CYS CB   C N N 78  
CYS SG   S N N 79  
CYS OXT  O N N 80  
CYS H    H N N 81  
CYS H2   H N N 82  
CYS HA   H N N 83  
CYS HB2  H N N 84  
CYS HB3  H N N 85  
CYS HG   H N N 86  
CYS HXT  H N N 87  
GLN N    N N N 88  
GLN CA   C N S 89  
GLN C    C N N 90  
GLN O    O N N 91  
GLN CB   C N N 92  
GLN CG   C N N 93  
GLN CD   C N N 94  
GLN OE1  O N N 95  
GLN NE2  N N N 96  
GLN OXT  O N N 97  
GLN H    H N N 98  
GLN H2   H N N 99  
GLN HA   H N N 100 
GLN HB2  H N N 101 
GLN HB3  H N N 102 
GLN HG2  H N N 103 
GLN HG3  H N N 104 
GLN HE21 H N N 105 
GLN HE22 H N N 106 
GLN HXT  H N N 107 
GLU N    N N N 108 
GLU CA   C N S 109 
GLU C    C N N 110 
GLU O    O N N 111 
GLU CB   C N N 112 
GLU CG   C N N 113 
GLU CD   C N N 114 
GLU OE1  O N N 115 
GLU OE2  O N N 116 
GLU OXT  O N N 117 
GLU H    H N N 118 
GLU H2   H N N 119 
GLU HA   H N N 120 
GLU HB2  H N N 121 
GLU HB3  H N N 122 
GLU HG2  H N N 123 
GLU HG3  H N N 124 
GLU HE2  H N N 125 
GLU HXT  H N N 126 
GLY N    N N N 127 
GLY CA   C N N 128 
GLY C    C N N 129 
GLY O    O N N 130 
GLY OXT  O N N 131 
GLY H    H N N 132 
GLY H2   H N N 133 
GLY HA2  H N N 134 
GLY HA3  H N N 135 
GLY HXT  H N N 136 
HIS N    N N N 137 
HIS CA   C N S 138 
HIS C    C N N 139 
HIS O    O N N 140 
HIS CB   C N N 141 
HIS CG   C Y N 142 
HIS ND1  N Y N 143 
HIS CD2  C Y N 144 
HIS CE1  C Y N 145 
HIS NE2  N Y N 146 
HIS OXT  O N N 147 
HIS H    H N N 148 
HIS H2   H N N 149 
HIS HA   H N N 150 
HIS HB2  H N N 151 
HIS HB3  H N N 152 
HIS HD1  H N N 153 
HIS HD2  H N N 154 
HIS HE1  H N N 155 
HIS HE2  H N N 156 
HIS HXT  H N N 157 
HOH O    O N N 158 
HOH H1   H N N 159 
HOH H2   H N N 160 
ILE N    N N N 161 
ILE CA   C N S 162 
ILE C    C N N 163 
ILE O    O N N 164 
ILE CB   C N S 165 
ILE CG1  C N N 166 
ILE CG2  C N N 167 
ILE CD1  C N N 168 
ILE OXT  O N N 169 
ILE H    H N N 170 
ILE H2   H N N 171 
ILE HA   H N N 172 
ILE HB   H N N 173 
ILE HG12 H N N 174 
ILE HG13 H N N 175 
ILE HG21 H N N 176 
ILE HG22 H N N 177 
ILE HG23 H N N 178 
ILE HD11 H N N 179 
ILE HD12 H N N 180 
ILE HD13 H N N 181 
ILE HXT  H N N 182 
LEU N    N N N 183 
LEU CA   C N S 184 
LEU C    C N N 185 
LEU O    O N N 186 
LEU CB   C N N 187 
LEU CG   C N N 188 
LEU CD1  C N N 189 
LEU CD2  C N N 190 
LEU OXT  O N N 191 
LEU H    H N N 192 
LEU H2   H N N 193 
LEU HA   H N N 194 
LEU HB2  H N N 195 
LEU HB3  H N N 196 
LEU HG   H N N 197 
LEU HD11 H N N 198 
LEU HD12 H N N 199 
LEU HD13 H N N 200 
LEU HD21 H N N 201 
LEU HD22 H N N 202 
LEU HD23 H N N 203 
LEU HXT  H N N 204 
LYS N    N N N 205 
LYS CA   C N S 206 
LYS C    C N N 207 
LYS O    O N N 208 
LYS CB   C N N 209 
LYS CG   C N N 210 
LYS CD   C N N 211 
LYS CE   C N N 212 
LYS NZ   N N N 213 
LYS OXT  O N N 214 
LYS H    H N N 215 
LYS H2   H N N 216 
LYS HA   H N N 217 
LYS HB2  H N N 218 
LYS HB3  H N N 219 
LYS HG2  H N N 220 
LYS HG3  H N N 221 
LYS HD2  H N N 222 
LYS HD3  H N N 223 
LYS HE2  H N N 224 
LYS HE3  H N N 225 
LYS HZ1  H N N 226 
LYS HZ2  H N N 227 
LYS HZ3  H N N 228 
LYS HXT  H N N 229 
MET N    N N N 230 
MET CA   C N S 231 
MET C    C N N 232 
MET O    O N N 233 
MET CB   C N N 234 
MET CG   C N N 235 
MET SD   S N N 236 
MET CE   C N N 237 
MET OXT  O N N 238 
MET H    H N N 239 
MET H2   H N N 240 
MET HA   H N N 241 
MET HB2  H N N 242 
MET HB3  H N N 243 
MET HG2  H N N 244 
MET HG3  H N N 245 
MET HE1  H N N 246 
MET HE2  H N N 247 
MET HE3  H N N 248 
MET HXT  H N N 249 
PHE N    N N N 250 
PHE CA   C N S 251 
PHE C    C N N 252 
PHE O    O N N 253 
PHE CB   C N N 254 
PHE CG   C Y N 255 
PHE CD1  C Y N 256 
PHE CD2  C Y N 257 
PHE CE1  C Y N 258 
PHE CE2  C Y N 259 
PHE CZ   C Y N 260 
PHE OXT  O N N 261 
PHE H    H N N 262 
PHE H2   H N N 263 
PHE HA   H N N 264 
PHE HB2  H N N 265 
PHE HB3  H N N 266 
PHE HD1  H N N 267 
PHE HD2  H N N 268 
PHE HE1  H N N 269 
PHE HE2  H N N 270 
PHE HZ   H N N 271 
PHE HXT  H N N 272 
PRO N    N N N 273 
PRO CA   C N S 274 
PRO C    C N N 275 
PRO O    O N N 276 
PRO CB   C N N 277 
PRO CG   C N N 278 
PRO CD   C N N 279 
PRO OXT  O N N 280 
PRO H    H N N 281 
PRO HA   H N N 282 
PRO HB2  H N N 283 
PRO HB3  H N N 284 
PRO HG2  H N N 285 
PRO HG3  H N N 286 
PRO HD2  H N N 287 
PRO HD3  H N N 288 
PRO HXT  H N N 289 
SER N    N N N 290 
SER CA   C N S 291 
SER C    C N N 292 
SER O    O N N 293 
SER CB   C N N 294 
SER OG   O N N 295 
SER OXT  O N N 296 
SER H    H N N 297 
SER H2   H N N 298 
SER HA   H N N 299 
SER HB2  H N N 300 
SER HB3  H N N 301 
SER HG   H N N 302 
SER HXT  H N N 303 
THR N    N N N 304 
THR CA   C N S 305 
THR C    C N N 306 
THR O    O N N 307 
THR CB   C N R 308 
THR OG1  O N N 309 
THR CG2  C N N 310 
THR OXT  O N N 311 
THR H    H N N 312 
THR H2   H N N 313 
THR HA   H N N 314 
THR HB   H N N 315 
THR HG1  H N N 316 
THR HG21 H N N 317 
THR HG22 H N N 318 
THR HG23 H N N 319 
THR HXT  H N N 320 
TRP N    N N N 321 
TRP CA   C N S 322 
TRP C    C N N 323 
TRP O    O N N 324 
TRP CB   C N N 325 
TRP CG   C Y N 326 
TRP CD1  C Y N 327 
TRP CD2  C Y N 328 
TRP NE1  N Y N 329 
TRP CE2  C Y N 330 
TRP CE3  C Y N 331 
TRP CZ2  C Y N 332 
TRP CZ3  C Y N 333 
TRP CH2  C Y N 334 
TRP OXT  O N N 335 
TRP H    H N N 336 
TRP H2   H N N 337 
TRP HA   H N N 338 
TRP HB2  H N N 339 
TRP HB3  H N N 340 
TRP HD1  H N N 341 
TRP HE1  H N N 342 
TRP HE3  H N N 343 
TRP HZ2  H N N 344 
TRP HZ3  H N N 345 
TRP HH2  H N N 346 
TRP HXT  H N N 347 
TYR N    N N N 348 
TYR CA   C N S 349 
TYR C    C N N 350 
TYR O    O N N 351 
TYR CB   C N N 352 
TYR CG   C Y N 353 
TYR CD1  C Y N 354 
TYR CD2  C Y N 355 
TYR CE1  C Y N 356 
TYR CE2  C Y N 357 
TYR CZ   C Y N 358 
TYR OH   O N N 359 
TYR OXT  O N N 360 
TYR H    H N N 361 
TYR H2   H N N 362 
TYR HA   H N N 363 
TYR HB2  H N N 364 
TYR HB3  H N N 365 
TYR HD1  H N N 366 
TYR HD2  H N N 367 
TYR HE1  H N N 368 
TYR HE2  H N N 369 
TYR HH   H N N 370 
TYR HXT  H N N 371 
VAL N    N N N 372 
VAL CA   C N S 373 
VAL C    C N N 374 
VAL O    O N N 375 
VAL CB   C N N 376 
VAL CG1  C N N 377 
VAL CG2  C N N 378 
VAL OXT  O N N 379 
VAL H    H N N 380 
VAL H2   H N N 381 
VAL HA   H N N 382 
VAL HB   H N N 383 
VAL HG11 H N N 384 
VAL HG12 H N N 385 
VAL HG13 H N N 386 
VAL HG21 H N N 387 
VAL HG22 H N N 388 
VAL HG23 H N N 389 
VAL HXT  H N N 390 
# 
loop_
_chem_comp_bond.comp_id 
_chem_comp_bond.atom_id_1 
_chem_comp_bond.atom_id_2 
_chem_comp_bond.value_order 
_chem_comp_bond.pdbx_aromatic_flag 
_chem_comp_bond.pdbx_stereo_config 
_chem_comp_bond.pdbx_ordinal 
ALA N   CA   sing N N 1   
ALA N   H    sing N N 2   
ALA N   H2   sing N N 3   
ALA CA  C    sing N N 4   
ALA CA  CB   sing N N 5   
ALA CA  HA   sing N N 6   
ALA C   O    doub N N 7   
ALA C   OXT  sing N N 8   
ALA CB  HB1  sing N N 9   
ALA CB  HB2  sing N N 10  
ALA CB  HB3  sing N N 11  
ALA OXT HXT  sing N N 12  
ARG N   CA   sing N N 13  
ARG N   H    sing N N 14  
ARG N   H2   sing N N 15  
ARG CA  C    sing N N 16  
ARG CA  CB   sing N N 17  
ARG CA  HA   sing N N 18  
ARG C   O    doub N N 19  
ARG C   OXT  sing N N 20  
ARG CB  CG   sing N N 21  
ARG CB  HB2  sing N N 22  
ARG CB  HB3  sing N N 23  
ARG CG  CD   sing N N 24  
ARG CG  HG2  sing N N 25  
ARG CG  HG3  sing N N 26  
ARG CD  NE   sing N N 27  
ARG CD  HD2  sing N N 28  
ARG CD  HD3  sing N N 29  
ARG NE  CZ   sing N N 30  
ARG NE  HE   sing N N 31  
ARG CZ  NH1  sing N N 32  
ARG CZ  NH2  doub N N 33  
ARG NH1 HH11 sing N N 34  
ARG NH1 HH12 sing N N 35  
ARG NH2 HH21 sing N N 36  
ARG NH2 HH22 sing N N 37  
ARG OXT HXT  sing N N 38  
ASN N   CA   sing N N 39  
ASN N   H    sing N N 40  
ASN N   H2   sing N N 41  
ASN CA  C    sing N N 42  
ASN CA  CB   sing N N 43  
ASN CA  HA   sing N N 44  
ASN C   O    doub N N 45  
ASN C   OXT  sing N N 46  
ASN CB  CG   sing N N 47  
ASN CB  HB2  sing N N 48  
ASN CB  HB3  sing N N 49  
ASN CG  OD1  doub N N 50  
ASN CG  ND2  sing N N 51  
ASN ND2 HD21 sing N N 52  
ASN ND2 HD22 sing N N 53  
ASN OXT HXT  sing N N 54  
ASP N   CA   sing N N 55  
ASP N   H    sing N N 56  
ASP N   H2   sing N N 57  
ASP CA  C    sing N N 58  
ASP CA  CB   sing N N 59  
ASP CA  HA   sing N N 60  
ASP C   O    doub N N 61  
ASP C   OXT  sing N N 62  
ASP CB  CG   sing N N 63  
ASP CB  HB2  sing N N 64  
ASP CB  HB3  sing N N 65  
ASP CG  OD1  doub N N 66  
ASP CG  OD2  sing N N 67  
ASP OD2 HD2  sing N N 68  
ASP OXT HXT  sing N N 69  
CYS N   CA   sing N N 70  
CYS N   H    sing N N 71  
CYS N   H2   sing N N 72  
CYS CA  C    sing N N 73  
CYS CA  CB   sing N N 74  
CYS CA  HA   sing N N 75  
CYS C   O    doub N N 76  
CYS C   OXT  sing N N 77  
CYS CB  SG   sing N N 78  
CYS CB  HB2  sing N N 79  
CYS CB  HB3  sing N N 80  
CYS SG  HG   sing N N 81  
CYS OXT HXT  sing N N 82  
GLN N   CA   sing N N 83  
GLN N   H    sing N N 84  
GLN N   H2   sing N N 85  
GLN CA  C    sing N N 86  
GLN CA  CB   sing N N 87  
GLN CA  HA   sing N N 88  
GLN C   O    doub N N 89  
GLN C   OXT  sing N N 90  
GLN CB  CG   sing N N 91  
GLN CB  HB2  sing N N 92  
GLN CB  HB3  sing N N 93  
GLN CG  CD   sing N N 94  
GLN CG  HG2  sing N N 95  
GLN CG  HG3  sing N N 96  
GLN CD  OE1  doub N N 97  
GLN CD  NE2  sing N N 98  
GLN NE2 HE21 sing N N 99  
GLN NE2 HE22 sing N N 100 
GLN OXT HXT  sing N N 101 
GLU N   CA   sing N N 102 
GLU N   H    sing N N 103 
GLU N   H2   sing N N 104 
GLU CA  C    sing N N 105 
GLU CA  CB   sing N N 106 
GLU CA  HA   sing N N 107 
GLU C   O    doub N N 108 
GLU C   OXT  sing N N 109 
GLU CB  CG   sing N N 110 
GLU CB  HB2  sing N N 111 
GLU CB  HB3  sing N N 112 
GLU CG  CD   sing N N 113 
GLU CG  HG2  sing N N 114 
GLU CG  HG3  sing N N 115 
GLU CD  OE1  doub N N 116 
GLU CD  OE2  sing N N 117 
GLU OE2 HE2  sing N N 118 
GLU OXT HXT  sing N N 119 
GLY N   CA   sing N N 120 
GLY N   H    sing N N 121 
GLY N   H2   sing N N 122 
GLY CA  C    sing N N 123 
GLY CA  HA2  sing N N 124 
GLY CA  HA3  sing N N 125 
GLY C   O    doub N N 126 
GLY C   OXT  sing N N 127 
GLY OXT HXT  sing N N 128 
HIS N   CA   sing N N 129 
HIS N   H    sing N N 130 
HIS N   H2   sing N N 131 
HIS CA  C    sing N N 132 
HIS CA  CB   sing N N 133 
HIS CA  HA   sing N N 134 
HIS C   O    doub N N 135 
HIS C   OXT  sing N N 136 
HIS CB  CG   sing N N 137 
HIS CB  HB2  sing N N 138 
HIS CB  HB3  sing N N 139 
HIS CG  ND1  sing Y N 140 
HIS CG  CD2  doub Y N 141 
HIS ND1 CE1  doub Y N 142 
HIS ND1 HD1  sing N N 143 
HIS CD2 NE2  sing Y N 144 
HIS CD2 HD2  sing N N 145 
HIS CE1 NE2  sing Y N 146 
HIS CE1 HE1  sing N N 147 
HIS NE2 HE2  sing N N 148 
HIS OXT HXT  sing N N 149 
HOH O   H1   sing N N 150 
HOH O   H2   sing N N 151 
ILE N   CA   sing N N 152 
ILE N   H    sing N N 153 
ILE N   H2   sing N N 154 
ILE CA  C    sing N N 155 
ILE CA  CB   sing N N 156 
ILE CA  HA   sing N N 157 
ILE C   O    doub N N 158 
ILE C   OXT  sing N N 159 
ILE CB  CG1  sing N N 160 
ILE CB  CG2  sing N N 161 
ILE CB  HB   sing N N 162 
ILE CG1 CD1  sing N N 163 
ILE CG1 HG12 sing N N 164 
ILE CG1 HG13 sing N N 165 
ILE CG2 HG21 sing N N 166 
ILE CG2 HG22 sing N N 167 
ILE CG2 HG23 sing N N 168 
ILE CD1 HD11 sing N N 169 
ILE CD1 HD12 sing N N 170 
ILE CD1 HD13 sing N N 171 
ILE OXT HXT  sing N N 172 
LEU N   CA   sing N N 173 
LEU N   H    sing N N 174 
LEU N   H2   sing N N 175 
LEU CA  C    sing N N 176 
LEU CA  CB   sing N N 177 
LEU CA  HA   sing N N 178 
LEU C   O    doub N N 179 
LEU C   OXT  sing N N 180 
LEU CB  CG   sing N N 181 
LEU CB  HB2  sing N N 182 
LEU CB  HB3  sing N N 183 
LEU CG  CD1  sing N N 184 
LEU CG  CD2  sing N N 185 
LEU CG  HG   sing N N 186 
LEU CD1 HD11 sing N N 187 
LEU CD1 HD12 sing N N 188 
LEU CD1 HD13 sing N N 189 
LEU CD2 HD21 sing N N 190 
LEU CD2 HD22 sing N N 191 
LEU CD2 HD23 sing N N 192 
LEU OXT HXT  sing N N 193 
LYS N   CA   sing N N 194 
LYS N   H    sing N N 195 
LYS N   H2   sing N N 196 
LYS CA  C    sing N N 197 
LYS CA  CB   sing N N 198 
LYS CA  HA   sing N N 199 
LYS C   O    doub N N 200 
LYS C   OXT  sing N N 201 
LYS CB  CG   sing N N 202 
LYS CB  HB2  sing N N 203 
LYS CB  HB3  sing N N 204 
LYS CG  CD   sing N N 205 
LYS CG  HG2  sing N N 206 
LYS CG  HG3  sing N N 207 
LYS CD  CE   sing N N 208 
LYS CD  HD2  sing N N 209 
LYS CD  HD3  sing N N 210 
LYS CE  NZ   sing N N 211 
LYS CE  HE2  sing N N 212 
LYS CE  HE3  sing N N 213 
LYS NZ  HZ1  sing N N 214 
LYS NZ  HZ2  sing N N 215 
LYS NZ  HZ3  sing N N 216 
LYS OXT HXT  sing N N 217 
MET N   CA   sing N N 218 
MET N   H    sing N N 219 
MET N   H2   sing N N 220 
MET CA  C    sing N N 221 
MET CA  CB   sing N N 222 
MET CA  HA   sing N N 223 
MET C   O    doub N N 224 
MET C   OXT  sing N N 225 
MET CB  CG   sing N N 226 
MET CB  HB2  sing N N 227 
MET CB  HB3  sing N N 228 
MET CG  SD   sing N N 229 
MET CG  HG2  sing N N 230 
MET CG  HG3  sing N N 231 
MET SD  CE   sing N N 232 
MET CE  HE1  sing N N 233 
MET CE  HE2  sing N N 234 
MET CE  HE3  sing N N 235 
MET OXT HXT  sing N N 236 
PHE N   CA   sing N N 237 
PHE N   H    sing N N 238 
PHE N   H2   sing N N 239 
PHE CA  C    sing N N 240 
PHE CA  CB   sing N N 241 
PHE CA  HA   sing N N 242 
PHE C   O    doub N N 243 
PHE C   OXT  sing N N 244 
PHE CB  CG   sing N N 245 
PHE CB  HB2  sing N N 246 
PHE CB  HB3  sing N N 247 
PHE CG  CD1  doub Y N 248 
PHE CG  CD2  sing Y N 249 
PHE CD1 CE1  sing Y N 250 
PHE CD1 HD1  sing N N 251 
PHE CD2 CE2  doub Y N 252 
PHE CD2 HD2  sing N N 253 
PHE CE1 CZ   doub Y N 254 
PHE CE1 HE1  sing N N 255 
PHE CE2 CZ   sing Y N 256 
PHE CE2 HE2  sing N N 257 
PHE CZ  HZ   sing N N 258 
PHE OXT HXT  sing N N 259 
PRO N   CA   sing N N 260 
PRO N   CD   sing N N 261 
PRO N   H    sing N N 262 
PRO CA  C    sing N N 263 
PRO CA  CB   sing N N 264 
PRO CA  HA   sing N N 265 
PRO C   O    doub N N 266 
PRO C   OXT  sing N N 267 
PRO CB  CG   sing N N 268 
PRO CB  HB2  sing N N 269 
PRO CB  HB3  sing N N 270 
PRO CG  CD   sing N N 271 
PRO CG  HG2  sing N N 272 
PRO CG  HG3  sing N N 273 
PRO CD  HD2  sing N N 274 
PRO CD  HD3  sing N N 275 
PRO OXT HXT  sing N N 276 
SER N   CA   sing N N 277 
SER N   H    sing N N 278 
SER N   H2   sing N N 279 
SER CA  C    sing N N 280 
SER CA  CB   sing N N 281 
SER CA  HA   sing N N 282 
SER C   O    doub N N 283 
SER C   OXT  sing N N 284 
SER CB  OG   sing N N 285 
SER CB  HB2  sing N N 286 
SER CB  HB3  sing N N 287 
SER OG  HG   sing N N 288 
SER OXT HXT  sing N N 289 
THR N   CA   sing N N 290 
THR N   H    sing N N 291 
THR N   H2   sing N N 292 
THR CA  C    sing N N 293 
THR CA  CB   sing N N 294 
THR CA  HA   sing N N 295 
THR C   O    doub N N 296 
THR C   OXT  sing N N 297 
THR CB  OG1  sing N N 298 
THR CB  CG2  sing N N 299 
THR CB  HB   sing N N 300 
THR OG1 HG1  sing N N 301 
THR CG2 HG21 sing N N 302 
THR CG2 HG22 sing N N 303 
THR CG2 HG23 sing N N 304 
THR OXT HXT  sing N N 305 
TRP N   CA   sing N N 306 
TRP N   H    sing N N 307 
TRP N   H2   sing N N 308 
TRP CA  C    sing N N 309 
TRP CA  CB   sing N N 310 
TRP CA  HA   sing N N 311 
TRP C   O    doub N N 312 
TRP C   OXT  sing N N 313 
TRP CB  CG   sing N N 314 
TRP CB  HB2  sing N N 315 
TRP CB  HB3  sing N N 316 
TRP CG  CD1  doub Y N 317 
TRP CG  CD2  sing Y N 318 
TRP CD1 NE1  sing Y N 319 
TRP CD1 HD1  sing N N 320 
TRP CD2 CE2  doub Y N 321 
TRP CD2 CE3  sing Y N 322 
TRP NE1 CE2  sing Y N 323 
TRP NE1 HE1  sing N N 324 
TRP CE2 CZ2  sing Y N 325 
TRP CE3 CZ3  doub Y N 326 
TRP CE3 HE3  sing N N 327 
TRP CZ2 CH2  doub Y N 328 
TRP CZ2 HZ2  sing N N 329 
TRP CZ3 CH2  sing Y N 330 
TRP CZ3 HZ3  sing N N 331 
TRP CH2 HH2  sing N N 332 
TRP OXT HXT  sing N N 333 
TYR N   CA   sing N N 334 
TYR N   H    sing N N 335 
TYR N   H2   sing N N 336 
TYR CA  C    sing N N 337 
TYR CA  CB   sing N N 338 
TYR CA  HA   sing N N 339 
TYR C   O    doub N N 340 
TYR C   OXT  sing N N 341 
TYR CB  CG   sing N N 342 
TYR CB  HB2  sing N N 343 
TYR CB  HB3  sing N N 344 
TYR CG  CD1  doub Y N 345 
TYR CG  CD2  sing Y N 346 
TYR CD1 CE1  sing Y N 347 
TYR CD1 HD1  sing N N 348 
TYR CD2 CE2  doub Y N 349 
TYR CD2 HD2  sing N N 350 
TYR CE1 CZ   doub Y N 351 
TYR CE1 HE1  sing N N 352 
TYR CE2 CZ   sing Y N 353 
TYR CE2 HE2  sing N N 354 
TYR CZ  OH   sing N N 355 
TYR OH  HH   sing N N 356 
TYR OXT HXT  sing N N 357 
VAL N   CA   sing N N 358 
VAL N   H    sing N N 359 
VAL N   H2   sing N N 360 
VAL CA  C    sing N N 361 
VAL CA  CB   sing N N 362 
VAL CA  HA   sing N N 363 
VAL C   O    doub N N 364 
VAL C   OXT  sing N N 365 
VAL CB  CG1  sing N N 366 
VAL CB  CG2  sing N N 367 
VAL CB  HB   sing N N 368 
VAL CG1 HG11 sing N N 369 
VAL CG1 HG12 sing N N 370 
VAL CG1 HG13 sing N N 371 
VAL CG2 HG21 sing N N 372 
VAL CG2 HG22 sing N N 373 
VAL CG2 HG23 sing N N 374 
VAL OXT HXT  sing N N 375 
# 
_pdbx_entity_nonpoly.entity_id   2 
_pdbx_entity_nonpoly.name        water 
_pdbx_entity_nonpoly.comp_id     HOH 
# 
_pdbx_initial_refinement_model.id               1 
_pdbx_initial_refinement_model.entity_id_list   ? 
_pdbx_initial_refinement_model.type             'experimental model' 
_pdbx_initial_refinement_model.source_name      PDB 
_pdbx_initial_refinement_model.accession_code   7FCC 
_pdbx_initial_refinement_model.details          ? 
# 
_pdbx_struct_assembly_auth_evidence.id                     1 
_pdbx_struct_assembly_auth_evidence.assembly_id            1 
_pdbx_struct_assembly_auth_evidence.experimental_support   'gel filtration' 
_pdbx_struct_assembly_auth_evidence.details                ? 
# 
